data_4QQ0
# 
_entry.id   4QQ0 
# 
_audit_conform.dict_name       mmcif_pdbx.dic 
_audit_conform.dict_version    5.387 
_audit_conform.dict_location   http://mmcif.pdb.org/dictionaries/ascii/mmcif_pdbx.dic 
# 
loop_
_database_2.database_id 
_database_2.database_code 
_database_2.pdbx_database_accession 
_database_2.pdbx_DOI 
PDB   4QQ0         pdb_00004qq0 10.2210/pdb4qq0/pdb 
RCSB  RCSB086367   ?            ?                   
WWPDB D_1000086367 ?            ?                   
# 
loop_
_pdbx_audit_revision_history.ordinal 
_pdbx_audit_revision_history.data_content_type 
_pdbx_audit_revision_history.major_revision 
_pdbx_audit_revision_history.minor_revision 
_pdbx_audit_revision_history.revision_date 
1 'Structure model' 1 0 2015-07-01 
2 'Structure model' 1 1 2016-06-08 
3 'Structure model' 1 2 2024-02-28 
# 
_pdbx_audit_revision_details.ordinal             1 
_pdbx_audit_revision_details.revision_ordinal    1 
_pdbx_audit_revision_details.data_content_type   'Structure model' 
_pdbx_audit_revision_details.provider            repository 
_pdbx_audit_revision_details.type                'Initial release' 
_pdbx_audit_revision_details.description         ? 
_pdbx_audit_revision_details.details             ? 
# 
loop_
_pdbx_audit_revision_group.ordinal 
_pdbx_audit_revision_group.revision_ordinal 
_pdbx_audit_revision_group.data_content_type 
_pdbx_audit_revision_group.group 
1 2 'Structure model' 'Database references'  
2 3 'Structure model' 'Data collection'      
3 3 'Structure model' 'Database references'  
4 3 'Structure model' 'Derived calculations' 
# 
loop_
_pdbx_audit_revision_category.ordinal 
_pdbx_audit_revision_category.revision_ordinal 
_pdbx_audit_revision_category.data_content_type 
_pdbx_audit_revision_category.category 
1 3 'Structure model' chem_comp_atom     
2 3 'Structure model' chem_comp_bond     
3 3 'Structure model' database_2         
4 3 'Structure model' struct_ref_seq_dif 
5 3 'Structure model' struct_site        
# 
loop_
_pdbx_audit_revision_item.ordinal 
_pdbx_audit_revision_item.revision_ordinal 
_pdbx_audit_revision_item.data_content_type 
_pdbx_audit_revision_item.item 
1 3 'Structure model' '_database_2.pdbx_DOI'                
2 3 'Structure model' '_database_2.pdbx_database_accession' 
3 3 'Structure model' '_struct_ref_seq_dif.details'         
4 3 'Structure model' '_struct_site.pdbx_auth_asym_id'      
5 3 'Structure model' '_struct_site.pdbx_auth_comp_id'      
6 3 'Structure model' '_struct_site.pdbx_auth_seq_id'       
# 
_pdbx_database_status.status_code                     REL 
_pdbx_database_status.entry_id                        4QQ0 
_pdbx_database_status.recvd_initial_deposition_date   2014-06-26 
_pdbx_database_status.deposit_site                    RCSB 
_pdbx_database_status.process_site                    RCSB 
_pdbx_database_status.status_code_sf                  REL 
_pdbx_database_status.status_code_mr                  ? 
_pdbx_database_status.SG_entry                        ? 
_pdbx_database_status.status_code_cs                  ? 
_pdbx_database_status.methods_development_category    ? 
_pdbx_database_status.pdb_format_compatible           Y 
_pdbx_database_status.status_code_nmr_data            ? 
# 
loop_
_pdbx_database_related.db_name 
_pdbx_database_related.db_id 
_pdbx_database_related.details 
_pdbx_database_related.content_type 
PDB 3GQS . unspecified 
PDB 4ALZ . unspecified 
PDB 4G1I . unspecified 
PDB 4QO6 . unspecified 
# 
loop_
_audit_author.name 
_audit_author.pdbx_ordinal 
'Merilainen, G.' 1 
'Wierenga, R.K.' 2 
# 
_citation.id                        primary 
_citation.title                     
;The extended structure of the periplasmic region of CdsD, a structural protein of the type III secretion system of Chlamydia trachomatis.
;
_citation.journal_abbrev            'Protein Sci.' 
_citation.journal_volume            25 
_citation.page_first                987 
_citation.page_last                 998 
_citation.year                      2016 
_citation.journal_id_ASTM           PRCIEI 
_citation.country                   US 
_citation.journal_id_ISSN           0961-8368 
_citation.journal_id_CSD            0795 
_citation.book_publisher            ? 
_citation.pdbx_database_id_PubMed   26914207 
_citation.pdbx_database_id_DOI      10.1002/pro.2906 
# 
loop_
_citation_author.citation_id 
_citation_author.name 
_citation_author.ordinal 
_citation_author.identifier_ORCID 
primary 'Merilainen, G.' 1 ? 
primary 'Koski, M.K.'    2 ? 
primary 'Wierenga, R.K.' 3 ? 
# 
loop_
_entity.id 
_entity.type 
_entity.src_method 
_entity.pdbx_description 
_entity.formula_weight 
_entity.pdbx_number_of_molecules 
_entity.pdbx_ec 
_entity.pdbx_mutation 
_entity.pdbx_fragment 
_entity.details 
1 polymer     man 'Adenylate cyclase-like protein' 31257.475 1  ? ? ? ? 
2 non-polymer syn 'SULFATE ION'                    96.063    2  ? ? ? ? 
3 water       nat water                            18.015    81 ? ? ? ? 
# 
_entity_poly.entity_id                      1 
_entity_poly.type                           'polypeptide(L)' 
_entity_poly.nstd_linkage                   no 
_entity_poly.nstd_monomer                   no 
_entity_poly.pdbx_seq_one_letter_code       
;MGGSHHHHHHGMASMTGGQQMGRDLYDDDDKLALLFGIGTASLFHTKEVVSIDQIDLIHDIEHVIQQFPTVRFTFNKNNG
QLFLIGHVRNSIDKSELLYKVDALSFVKSVDDNVIDDEAVWQEMNILLSKNPEFKGISMQSPEPGIFVISGYLKTEEQAA
CLADYLNLHFNYLSLLDNKVIIESQVMKALAGHLVQSGFANVHVSFTNGEAVLTGYINNKDADKFRTVVQELQDIAGIRA
VKNFVVLLPAEEGVIDLNMRYPGRYRVTGFSKCGDISINV
;
_entity_poly.pdbx_seq_one_letter_code_can   
;MGGSHHHHHHGMASMTGGQQMGRDLYDDDDKLALLFGIGTASLFHTKEVVSIDQIDLIHDIEHVIQQFPTVRFTFNKNNG
QLFLIGHVRNSIDKSELLYKVDALSFVKSVDDNVIDDEAVWQEMNILLSKNPEFKGISMQSPEPGIFVISGYLKTEEQAA
CLADYLNLHFNYLSLLDNKVIIESQVMKALAGHLVQSGFANVHVSFTNGEAVLTGYINNKDADKFRTVVQELQDIAGIRA
VKNFVVLLPAEEGVIDLNMRYPGRYRVTGFSKCGDISINV
;
_entity_poly.pdbx_strand_id                 A 
_entity_poly.pdbx_target_identifier         ? 
# 
loop_
_pdbx_entity_nonpoly.entity_id 
_pdbx_entity_nonpoly.name 
_pdbx_entity_nonpoly.comp_id 
2 'SULFATE ION' SO4 
3 water         HOH 
# 
loop_
_entity_poly_seq.entity_id 
_entity_poly_seq.num 
_entity_poly_seq.mon_id 
_entity_poly_seq.hetero 
1 1   MET n 
1 2   GLY n 
1 3   GLY n 
1 4   SER n 
1 5   HIS n 
1 6   HIS n 
1 7   HIS n 
1 8   HIS n 
1 9   HIS n 
1 10  HIS n 
1 11  GLY n 
1 12  MET n 
1 13  ALA n 
1 14  SER n 
1 15  MET n 
1 16  THR n 
1 17  GLY n 
1 18  GLY n 
1 19  GLN n 
1 20  GLN n 
1 21  MET n 
1 22  GLY n 
1 23  ARG n 
1 24  ASP n 
1 25  LEU n 
1 26  TYR n 
1 27  ASP n 
1 28  ASP n 
1 29  ASP n 
1 30  ASP n 
1 31  LYS n 
1 32  LEU n 
1 33  ALA n 
1 34  LEU n 
1 35  LEU n 
1 36  PHE n 
1 37  GLY n 
1 38  ILE n 
1 39  GLY n 
1 40  THR n 
1 41  ALA n 
1 42  SER n 
1 43  LEU n 
1 44  PHE n 
1 45  HIS n 
1 46  THR n 
1 47  LYS n 
1 48  GLU n 
1 49  VAL n 
1 50  VAL n 
1 51  SER n 
1 52  ILE n 
1 53  ASP n 
1 54  GLN n 
1 55  ILE n 
1 56  ASP n 
1 57  LEU n 
1 58  ILE n 
1 59  HIS n 
1 60  ASP n 
1 61  ILE n 
1 62  GLU n 
1 63  HIS n 
1 64  VAL n 
1 65  ILE n 
1 66  GLN n 
1 67  GLN n 
1 68  PHE n 
1 69  PRO n 
1 70  THR n 
1 71  VAL n 
1 72  ARG n 
1 73  PHE n 
1 74  THR n 
1 75  PHE n 
1 76  ASN n 
1 77  LYS n 
1 78  ASN n 
1 79  ASN n 
1 80  GLY n 
1 81  GLN n 
1 82  LEU n 
1 83  PHE n 
1 84  LEU n 
1 85  ILE n 
1 86  GLY n 
1 87  HIS n 
1 88  VAL n 
1 89  ARG n 
1 90  ASN n 
1 91  SER n 
1 92  ILE n 
1 93  ASP n 
1 94  LYS n 
1 95  SER n 
1 96  GLU n 
1 97  LEU n 
1 98  LEU n 
1 99  TYR n 
1 100 LYS n 
1 101 VAL n 
1 102 ASP n 
1 103 ALA n 
1 104 LEU n 
1 105 SER n 
1 106 PHE n 
1 107 VAL n 
1 108 LYS n 
1 109 SER n 
1 110 VAL n 
1 111 ASP n 
1 112 ASP n 
1 113 ASN n 
1 114 VAL n 
1 115 ILE n 
1 116 ASP n 
1 117 ASP n 
1 118 GLU n 
1 119 ALA n 
1 120 VAL n 
1 121 TRP n 
1 122 GLN n 
1 123 GLU n 
1 124 MET n 
1 125 ASN n 
1 126 ILE n 
1 127 LEU n 
1 128 LEU n 
1 129 SER n 
1 130 LYS n 
1 131 ASN n 
1 132 PRO n 
1 133 GLU n 
1 134 PHE n 
1 135 LYS n 
1 136 GLY n 
1 137 ILE n 
1 138 SER n 
1 139 MET n 
1 140 GLN n 
1 141 SER n 
1 142 PRO n 
1 143 GLU n 
1 144 PRO n 
1 145 GLY n 
1 146 ILE n 
1 147 PHE n 
1 148 VAL n 
1 149 ILE n 
1 150 SER n 
1 151 GLY n 
1 152 TYR n 
1 153 LEU n 
1 154 LYS n 
1 155 THR n 
1 156 GLU n 
1 157 GLU n 
1 158 GLN n 
1 159 ALA n 
1 160 ALA n 
1 161 CYS n 
1 162 LEU n 
1 163 ALA n 
1 164 ASP n 
1 165 TYR n 
1 166 LEU n 
1 167 ASN n 
1 168 LEU n 
1 169 HIS n 
1 170 PHE n 
1 171 ASN n 
1 172 TYR n 
1 173 LEU n 
1 174 SER n 
1 175 LEU n 
1 176 LEU n 
1 177 ASP n 
1 178 ASN n 
1 179 LYS n 
1 180 VAL n 
1 181 ILE n 
1 182 ILE n 
1 183 GLU n 
1 184 SER n 
1 185 GLN n 
1 186 VAL n 
1 187 MET n 
1 188 LYS n 
1 189 ALA n 
1 190 LEU n 
1 191 ALA n 
1 192 GLY n 
1 193 HIS n 
1 194 LEU n 
1 195 VAL n 
1 196 GLN n 
1 197 SER n 
1 198 GLY n 
1 199 PHE n 
1 200 ALA n 
1 201 ASN n 
1 202 VAL n 
1 203 HIS n 
1 204 VAL n 
1 205 SER n 
1 206 PHE n 
1 207 THR n 
1 208 ASN n 
1 209 GLY n 
1 210 GLU n 
1 211 ALA n 
1 212 VAL n 
1 213 LEU n 
1 214 THR n 
1 215 GLY n 
1 216 TYR n 
1 217 ILE n 
1 218 ASN n 
1 219 ASN n 
1 220 LYS n 
1 221 ASP n 
1 222 ALA n 
1 223 ASP n 
1 224 LYS n 
1 225 PHE n 
1 226 ARG n 
1 227 THR n 
1 228 VAL n 
1 229 VAL n 
1 230 GLN n 
1 231 GLU n 
1 232 LEU n 
1 233 GLN n 
1 234 ASP n 
1 235 ILE n 
1 236 ALA n 
1 237 GLY n 
1 238 ILE n 
1 239 ARG n 
1 240 ALA n 
1 241 VAL n 
1 242 LYS n 
1 243 ASN n 
1 244 PHE n 
1 245 VAL n 
1 246 VAL n 
1 247 LEU n 
1 248 LEU n 
1 249 PRO n 
1 250 ALA n 
1 251 GLU n 
1 252 GLU n 
1 253 GLY n 
1 254 VAL n 
1 255 ILE n 
1 256 ASP n 
1 257 LEU n 
1 258 ASN n 
1 259 MET n 
1 260 ARG n 
1 261 TYR n 
1 262 PRO n 
1 263 GLY n 
1 264 ARG n 
1 265 TYR n 
1 266 ARG n 
1 267 VAL n 
1 268 THR n 
1 269 GLY n 
1 270 PHE n 
1 271 SER n 
1 272 LYS n 
1 273 CYS n 
1 274 GLY n 
1 275 ASP n 
1 276 ILE n 
1 277 SER n 
1 278 ILE n 
1 279 ASN n 
1 280 VAL n 
# 
_entity_src_gen.entity_id                          1 
_entity_src_gen.pdbx_src_id                        1 
_entity_src_gen.pdbx_alt_source_flag               sample 
_entity_src_gen.pdbx_seq_type                      ? 
_entity_src_gen.pdbx_beg_seq_num                   ? 
_entity_src_gen.pdbx_end_seq_num                   ? 
_entity_src_gen.gene_src_common_name               ? 
_entity_src_gen.gene_src_genus                     ? 
_entity_src_gen.pdbx_gene_src_gene                 CT_664 
_entity_src_gen.gene_src_species                   ? 
_entity_src_gen.gene_src_strain                    D/UW-3/Cx 
_entity_src_gen.gene_src_tissue                    ? 
_entity_src_gen.gene_src_tissue_fraction           ? 
_entity_src_gen.gene_src_details                   ? 
_entity_src_gen.pdbx_gene_src_fragment             ? 
_entity_src_gen.pdbx_gene_src_scientific_name      'Chlamydia trachomatis' 
_entity_src_gen.pdbx_gene_src_ncbi_taxonomy_id     272561 
_entity_src_gen.pdbx_gene_src_variant              ? 
_entity_src_gen.pdbx_gene_src_cell_line            ? 
_entity_src_gen.pdbx_gene_src_atcc                 ? 
_entity_src_gen.pdbx_gene_src_organ                ? 
_entity_src_gen.pdbx_gene_src_organelle            ? 
_entity_src_gen.pdbx_gene_src_cell                 ? 
_entity_src_gen.pdbx_gene_src_cellular_location    ? 
_entity_src_gen.host_org_common_name               ? 
_entity_src_gen.pdbx_host_org_scientific_name      'Escherichia coli' 
_entity_src_gen.pdbx_host_org_ncbi_taxonomy_id     562 
_entity_src_gen.host_org_genus                     ? 
_entity_src_gen.pdbx_host_org_gene                 ? 
_entity_src_gen.pdbx_host_org_organ                ? 
_entity_src_gen.host_org_species                   ? 
_entity_src_gen.pdbx_host_org_tissue               ? 
_entity_src_gen.pdbx_host_org_tissue_fraction      ? 
_entity_src_gen.pdbx_host_org_strain               ? 
_entity_src_gen.pdbx_host_org_variant              ? 
_entity_src_gen.pdbx_host_org_cell_line            ? 
_entity_src_gen.pdbx_host_org_atcc                 ? 
_entity_src_gen.pdbx_host_org_culture_collection   ? 
_entity_src_gen.pdbx_host_org_cell                 ? 
_entity_src_gen.pdbx_host_org_organelle            ? 
_entity_src_gen.pdbx_host_org_cellular_location    ? 
_entity_src_gen.pdbx_host_org_vector_type          ? 
_entity_src_gen.pdbx_host_org_vector               ? 
_entity_src_gen.host_org_details                   ? 
_entity_src_gen.expression_system_id               ? 
_entity_src_gen.plasmid_name                       ? 
_entity_src_gen.plasmid_details                    ? 
_entity_src_gen.pdbx_description                   ? 
# 
loop_
_chem_comp.id 
_chem_comp.type 
_chem_comp.mon_nstd_flag 
_chem_comp.name 
_chem_comp.pdbx_synonyms 
_chem_comp.formula 
_chem_comp.formula_weight 
ALA 'L-peptide linking' y ALANINE         ? 'C3 H7 N O2'     89.093  
ARG 'L-peptide linking' y ARGININE        ? 'C6 H15 N4 O2 1' 175.209 
ASN 'L-peptide linking' y ASPARAGINE      ? 'C4 H8 N2 O3'    132.118 
ASP 'L-peptide linking' y 'ASPARTIC ACID' ? 'C4 H7 N O4'     133.103 
CYS 'L-peptide linking' y CYSTEINE        ? 'C3 H7 N O2 S'   121.158 
GLN 'L-peptide linking' y GLUTAMINE       ? 'C5 H10 N2 O3'   146.144 
GLU 'L-peptide linking' y 'GLUTAMIC ACID' ? 'C5 H9 N O4'     147.129 
GLY 'peptide linking'   y GLYCINE         ? 'C2 H5 N O2'     75.067  
HIS 'L-peptide linking' y HISTIDINE       ? 'C6 H10 N3 O2 1' 156.162 
HOH non-polymer         . WATER           ? 'H2 O'           18.015  
ILE 'L-peptide linking' y ISOLEUCINE      ? 'C6 H13 N O2'    131.173 
LEU 'L-peptide linking' y LEUCINE         ? 'C6 H13 N O2'    131.173 
LYS 'L-peptide linking' y LYSINE          ? 'C6 H15 N2 O2 1' 147.195 
MET 'L-peptide linking' y METHIONINE      ? 'C5 H11 N O2 S'  149.211 
PHE 'L-peptide linking' y PHENYLALANINE   ? 'C9 H11 N O2'    165.189 
PRO 'L-peptide linking' y PROLINE         ? 'C5 H9 N O2'     115.130 
SER 'L-peptide linking' y SERINE          ? 'C3 H7 N O3'     105.093 
SO4 non-polymer         . 'SULFATE ION'   ? 'O4 S -2'        96.063  
THR 'L-peptide linking' y THREONINE       ? 'C4 H9 N O3'     119.119 
TRP 'L-peptide linking' y TRYPTOPHAN      ? 'C11 H12 N2 O2'  204.225 
TYR 'L-peptide linking' y TYROSINE        ? 'C9 H11 N O3'    181.189 
VAL 'L-peptide linking' y VALINE          ? 'C5 H11 N O2'    117.146 
# 
loop_
_pdbx_poly_seq_scheme.asym_id 
_pdbx_poly_seq_scheme.entity_id 
_pdbx_poly_seq_scheme.seq_id 
_pdbx_poly_seq_scheme.mon_id 
_pdbx_poly_seq_scheme.ndb_seq_num 
_pdbx_poly_seq_scheme.pdb_seq_num 
_pdbx_poly_seq_scheme.auth_seq_num 
_pdbx_poly_seq_scheme.pdb_mon_id 
_pdbx_poly_seq_scheme.auth_mon_id 
_pdbx_poly_seq_scheme.pdb_strand_id 
_pdbx_poly_seq_scheme.pdb_ins_code 
_pdbx_poly_seq_scheme.hetero 
A 1 1   MET 1   509 ?   ?   ?   A . n 
A 1 2   GLY 2   510 ?   ?   ?   A . n 
A 1 3   GLY 3   511 ?   ?   ?   A . n 
A 1 4   SER 4   512 ?   ?   ?   A . n 
A 1 5   HIS 5   513 ?   ?   ?   A . n 
A 1 6   HIS 6   514 ?   ?   ?   A . n 
A 1 7   HIS 7   515 ?   ?   ?   A . n 
A 1 8   HIS 8   516 ?   ?   ?   A . n 
A 1 9   HIS 9   517 ?   ?   ?   A . n 
A 1 10  HIS 10  518 ?   ?   ?   A . n 
A 1 11  GLY 11  519 ?   ?   ?   A . n 
A 1 12  MET 12  520 ?   ?   ?   A . n 
A 1 13  ALA 13  521 ?   ?   ?   A . n 
A 1 14  SER 14  522 ?   ?   ?   A . n 
A 1 15  MET 15  523 ?   ?   ?   A . n 
A 1 16  THR 16  524 ?   ?   ?   A . n 
A 1 17  GLY 17  525 ?   ?   ?   A . n 
A 1 18  GLY 18  526 ?   ?   ?   A . n 
A 1 19  GLN 19  527 ?   ?   ?   A . n 
A 1 20  GLN 20  528 ?   ?   ?   A . n 
A 1 21  MET 21  529 ?   ?   ?   A . n 
A 1 22  GLY 22  530 ?   ?   ?   A . n 
A 1 23  ARG 23  531 ?   ?   ?   A . n 
A 1 24  ASP 24  532 ?   ?   ?   A . n 
A 1 25  LEU 25  533 ?   ?   ?   A . n 
A 1 26  TYR 26  534 ?   ?   ?   A . n 
A 1 27  ASP 27  535 ?   ?   ?   A . n 
A 1 28  ASP 28  536 ?   ?   ?   A . n 
A 1 29  ASP 29  537 ?   ?   ?   A . n 
A 1 30  ASP 30  538 ?   ?   ?   A . n 
A 1 31  LYS 31  539 ?   ?   ?   A . n 
A 1 32  LEU 32  540 ?   ?   ?   A . n 
A 1 33  ALA 33  541 ?   ?   ?   A . n 
A 1 34  LEU 34  542 ?   ?   ?   A . n 
A 1 35  LEU 35  543 ?   ?   ?   A . n 
A 1 36  PHE 36  544 ?   ?   ?   A . n 
A 1 37  GLY 37  545 ?   ?   ?   A . n 
A 1 38  ILE 38  546 ?   ?   ?   A . n 
A 1 39  GLY 39  547 ?   ?   ?   A . n 
A 1 40  THR 40  548 ?   ?   ?   A . n 
A 1 41  ALA 41  549 ?   ?   ?   A . n 
A 1 42  SER 42  550 ?   ?   ?   A . n 
A 1 43  LEU 43  551 ?   ?   ?   A . n 
A 1 44  PHE 44  552 ?   ?   ?   A . n 
A 1 45  HIS 45  553 ?   ?   ?   A . n 
A 1 46  THR 46  554 ?   ?   ?   A . n 
A 1 47  LYS 47  555 ?   ?   ?   A . n 
A 1 48  GLU 48  556 ?   ?   ?   A . n 
A 1 49  VAL 49  557 ?   ?   ?   A . n 
A 1 50  VAL 50  558 ?   ?   ?   A . n 
A 1 51  SER 51  559 ?   ?   ?   A . n 
A 1 52  ILE 52  560 560 ILE ILE A . n 
A 1 53  ASP 53  561 561 ASP ASP A . n 
A 1 54  GLN 54  562 562 GLN GLN A . n 
A 1 55  ILE 55  563 563 ILE ILE A . n 
A 1 56  ASP 56  564 564 ASP ASP A . n 
A 1 57  LEU 57  565 565 LEU LEU A . n 
A 1 58  ILE 58  566 566 ILE ILE A . n 
A 1 59  HIS 59  567 567 HIS HIS A . n 
A 1 60  ASP 60  568 568 ASP ASP A . n 
A 1 61  ILE 61  569 569 ILE ILE A . n 
A 1 62  GLU 62  570 570 GLU GLU A . n 
A 1 63  HIS 63  571 571 HIS HIS A . n 
A 1 64  VAL 64  572 572 VAL VAL A . n 
A 1 65  ILE 65  573 573 ILE ILE A . n 
A 1 66  GLN 66  574 574 GLN GLN A . n 
A 1 67  GLN 67  575 575 GLN GLN A . n 
A 1 68  PHE 68  576 576 PHE PHE A . n 
A 1 69  PRO 69  577 577 PRO PRO A . n 
A 1 70  THR 70  578 578 THR THR A . n 
A 1 71  VAL 71  579 579 VAL VAL A . n 
A 1 72  ARG 72  580 580 ARG ARG A . n 
A 1 73  PHE 73  581 581 PHE PHE A . n 
A 1 74  THR 74  582 582 THR THR A . n 
A 1 75  PHE 75  583 583 PHE PHE A . n 
A 1 76  ASN 76  584 584 ASN ASN A . n 
A 1 77  LYS 77  585 585 LYS LYS A . n 
A 1 78  ASN 78  586 586 ASN ASN A . n 
A 1 79  ASN 79  587 587 ASN ASN A . n 
A 1 80  GLY 80  588 588 GLY GLY A . n 
A 1 81  GLN 81  589 589 GLN GLN A . n 
A 1 82  LEU 82  590 590 LEU LEU A . n 
A 1 83  PHE 83  591 591 PHE PHE A . n 
A 1 84  LEU 84  592 592 LEU LEU A . n 
A 1 85  ILE 85  593 593 ILE ILE A . n 
A 1 86  GLY 86  594 594 GLY GLY A . n 
A 1 87  HIS 87  595 595 HIS HIS A . n 
A 1 88  VAL 88  596 596 VAL VAL A . n 
A 1 89  ARG 89  597 597 ARG ARG A . n 
A 1 90  ASN 90  598 598 ASN ASN A . n 
A 1 91  SER 91  599 599 SER SER A . n 
A 1 92  ILE 92  600 600 ILE ILE A . n 
A 1 93  ASP 93  601 601 ASP ASP A . n 
A 1 94  LYS 94  602 602 LYS LYS A . n 
A 1 95  SER 95  603 603 SER SER A . n 
A 1 96  GLU 96  604 604 GLU GLU A . n 
A 1 97  LEU 97  605 605 LEU LEU A . n 
A 1 98  LEU 98  606 606 LEU LEU A . n 
A 1 99  TYR 99  607 607 TYR TYR A . n 
A 1 100 LYS 100 608 608 LYS LYS A . n 
A 1 101 VAL 101 609 609 VAL VAL A . n 
A 1 102 ASP 102 610 610 ASP ASP A . n 
A 1 103 ALA 103 611 611 ALA ALA A . n 
A 1 104 LEU 104 612 612 LEU LEU A . n 
A 1 105 SER 105 613 613 SER SER A . n 
A 1 106 PHE 106 614 614 PHE PHE A . n 
A 1 107 VAL 107 615 615 VAL VAL A . n 
A 1 108 LYS 108 616 616 LYS LYS A . n 
A 1 109 SER 109 617 617 SER SER A . n 
A 1 110 VAL 110 618 618 VAL VAL A . n 
A 1 111 ASP 111 619 619 ASP ASP A . n 
A 1 112 ASP 112 620 620 ASP ASP A . n 
A 1 113 ASN 113 621 621 ASN ASN A . n 
A 1 114 VAL 114 622 622 VAL VAL A . n 
A 1 115 ILE 115 623 623 ILE ILE A . n 
A 1 116 ASP 116 624 624 ASP ASP A . n 
A 1 117 ASP 117 625 625 ASP ASP A . n 
A 1 118 GLU 118 626 626 GLU GLU A . n 
A 1 119 ALA 119 627 627 ALA ALA A . n 
A 1 120 VAL 120 628 628 VAL VAL A . n 
A 1 121 TRP 121 629 629 TRP TRP A . n 
A 1 122 GLN 122 630 630 GLN GLN A . n 
A 1 123 GLU 123 631 631 GLU GLU A . n 
A 1 124 MET 124 632 632 MET MET A . n 
A 1 125 ASN 125 633 633 ASN ASN A . n 
A 1 126 ILE 126 634 634 ILE ILE A . n 
A 1 127 LEU 127 635 635 LEU LEU A . n 
A 1 128 LEU 128 636 636 LEU LEU A . n 
A 1 129 SER 129 637 637 SER SER A . n 
A 1 130 LYS 130 638 638 LYS LYS A . n 
A 1 131 ASN 131 639 639 ASN ASN A . n 
A 1 132 PRO 132 640 640 PRO PRO A . n 
A 1 133 GLU 133 641 641 GLU GLU A . n 
A 1 134 PHE 134 642 642 PHE PHE A . n 
A 1 135 LYS 135 643 643 LYS LYS A . n 
A 1 136 GLY 136 644 644 GLY GLY A . n 
A 1 137 ILE 137 645 645 ILE ILE A . n 
A 1 138 SER 138 646 646 SER SER A . n 
A 1 139 MET 139 647 647 MET MET A . n 
A 1 140 GLN 140 648 648 GLN GLN A . n 
A 1 141 SER 141 649 649 SER SER A . n 
A 1 142 PRO 142 650 650 PRO PRO A . n 
A 1 143 GLU 143 651 651 GLU GLU A . n 
A 1 144 PRO 144 652 652 PRO PRO A . n 
A 1 145 GLY 145 653 653 GLY GLY A . n 
A 1 146 ILE 146 654 654 ILE ILE A . n 
A 1 147 PHE 147 655 655 PHE PHE A . n 
A 1 148 VAL 148 656 656 VAL VAL A . n 
A 1 149 ILE 149 657 657 ILE ILE A . n 
A 1 150 SER 150 658 658 SER SER A . n 
A 1 151 GLY 151 659 659 GLY GLY A . n 
A 1 152 TYR 152 660 660 TYR TYR A . n 
A 1 153 LEU 153 661 661 LEU LEU A . n 
A 1 154 LYS 154 662 662 LYS LYS A . n 
A 1 155 THR 155 663 663 THR THR A . n 
A 1 156 GLU 156 664 664 GLU GLU A . n 
A 1 157 GLU 157 665 665 GLU GLU A . n 
A 1 158 GLN 158 666 666 GLN GLN A . n 
A 1 159 ALA 159 667 667 ALA ALA A . n 
A 1 160 ALA 160 668 668 ALA ALA A . n 
A 1 161 CYS 161 669 669 CYS CYS A . n 
A 1 162 LEU 162 670 670 LEU LEU A . n 
A 1 163 ALA 163 671 671 ALA ALA A . n 
A 1 164 ASP 164 672 672 ASP ASP A . n 
A 1 165 TYR 165 673 673 TYR TYR A . n 
A 1 166 LEU 166 674 674 LEU LEU A . n 
A 1 167 ASN 167 675 675 ASN ASN A . n 
A 1 168 LEU 168 676 676 LEU LEU A . n 
A 1 169 HIS 169 677 677 HIS HIS A . n 
A 1 170 PHE 170 678 678 PHE PHE A . n 
A 1 171 ASN 171 679 679 ASN ASN A . n 
A 1 172 TYR 172 680 680 TYR TYR A . n 
A 1 173 LEU 173 681 681 LEU LEU A . n 
A 1 174 SER 174 682 682 SER SER A . n 
A 1 175 LEU 175 683 683 LEU LEU A . n 
A 1 176 LEU 176 684 684 LEU LEU A . n 
A 1 177 ASP 177 685 685 ASP ASP A . n 
A 1 178 ASN 178 686 686 ASN ASN A . n 
A 1 179 LYS 179 687 687 LYS LYS A . n 
A 1 180 VAL 180 688 688 VAL VAL A . n 
A 1 181 ILE 181 689 689 ILE ILE A . n 
A 1 182 ILE 182 690 690 ILE ILE A . n 
A 1 183 GLU 183 691 691 GLU GLU A . n 
A 1 184 SER 184 692 692 SER SER A . n 
A 1 185 GLN 185 693 693 GLN GLN A . n 
A 1 186 VAL 186 694 694 VAL VAL A . n 
A 1 187 MET 187 695 695 MET MET A . n 
A 1 188 LYS 188 696 696 LYS LYS A . n 
A 1 189 ALA 189 697 697 ALA ALA A . n 
A 1 190 LEU 190 698 698 LEU LEU A . n 
A 1 191 ALA 191 699 699 ALA ALA A . n 
A 1 192 GLY 192 700 700 GLY GLY A . n 
A 1 193 HIS 193 701 701 HIS HIS A . n 
A 1 194 LEU 194 702 702 LEU LEU A . n 
A 1 195 VAL 195 703 703 VAL VAL A . n 
A 1 196 GLN 196 704 704 GLN GLN A . n 
A 1 197 SER 197 705 705 SER SER A . n 
A 1 198 GLY 198 706 706 GLY GLY A . n 
A 1 199 PHE 199 707 707 PHE PHE A . n 
A 1 200 ALA 200 708 708 ALA ALA A . n 
A 1 201 ASN 201 709 709 ASN ASN A . n 
A 1 202 VAL 202 710 710 VAL VAL A . n 
A 1 203 HIS 203 711 711 HIS HIS A . n 
A 1 204 VAL 204 712 712 VAL VAL A . n 
A 1 205 SER 205 713 713 SER SER A . n 
A 1 206 PHE 206 714 714 PHE PHE A . n 
A 1 207 THR 207 715 715 THR THR A . n 
A 1 208 ASN 208 716 716 ASN ASN A . n 
A 1 209 GLY 209 717 717 GLY GLY A . n 
A 1 210 GLU 210 718 718 GLU GLU A . n 
A 1 211 ALA 211 719 719 ALA ALA A . n 
A 1 212 VAL 212 720 720 VAL VAL A . n 
A 1 213 LEU 213 721 721 LEU LEU A . n 
A 1 214 THR 214 722 722 THR THR A . n 
A 1 215 GLY 215 723 723 GLY GLY A . n 
A 1 216 TYR 216 724 724 TYR TYR A . n 
A 1 217 ILE 217 725 725 ILE ILE A . n 
A 1 218 ASN 218 726 726 ASN ASN A . n 
A 1 219 ASN 219 727 727 ASN ASN A . n 
A 1 220 LYS 220 728 728 LYS LYS A . n 
A 1 221 ASP 221 729 729 ASP ASP A . n 
A 1 222 ALA 222 730 730 ALA ALA A . n 
A 1 223 ASP 223 731 731 ASP ASP A . n 
A 1 224 LYS 224 732 732 LYS LYS A . n 
A 1 225 PHE 225 733 733 PHE PHE A . n 
A 1 226 ARG 226 734 734 ARG ARG A . n 
A 1 227 THR 227 735 735 THR THR A . n 
A 1 228 VAL 228 736 736 VAL VAL A . n 
A 1 229 VAL 229 737 737 VAL VAL A . n 
A 1 230 GLN 230 738 738 GLN GLN A . n 
A 1 231 GLU 231 739 739 GLU GLU A . n 
A 1 232 LEU 232 740 740 LEU LEU A . n 
A 1 233 GLN 233 741 741 GLN GLN A . n 
A 1 234 ASP 234 742 742 ASP ASP A . n 
A 1 235 ILE 235 743 743 ILE ILE A . n 
A 1 236 ALA 236 744 744 ALA ALA A . n 
A 1 237 GLY 237 745 745 GLY GLY A . n 
A 1 238 ILE 238 746 746 ILE ILE A . n 
A 1 239 ARG 239 747 747 ARG ARG A . n 
A 1 240 ALA 240 748 748 ALA ALA A . n 
A 1 241 VAL 241 749 749 VAL VAL A . n 
A 1 242 LYS 242 750 750 LYS LYS A . n 
A 1 243 ASN 243 751 751 ASN ASN A . n 
A 1 244 PHE 244 752 752 PHE PHE A . n 
A 1 245 VAL 245 753 753 VAL VAL A . n 
A 1 246 VAL 246 754 754 VAL VAL A . n 
A 1 247 LEU 247 755 755 LEU LEU A . n 
A 1 248 LEU 248 756 756 LEU LEU A . n 
A 1 249 PRO 249 757 757 PRO PRO A . n 
A 1 250 ALA 250 758 ?   ?   ?   A . n 
A 1 251 GLU 251 759 ?   ?   ?   A . n 
A 1 252 GLU 252 760 ?   ?   ?   A . n 
A 1 253 GLY 253 761 ?   ?   ?   A . n 
A 1 254 VAL 254 762 ?   ?   ?   A . n 
A 1 255 ILE 255 763 ?   ?   ?   A . n 
A 1 256 ASP 256 764 ?   ?   ?   A . n 
A 1 257 LEU 257 765 ?   ?   ?   A . n 
A 1 258 ASN 258 766 ?   ?   ?   A . n 
A 1 259 MET 259 767 ?   ?   ?   A . n 
A 1 260 ARG 260 768 ?   ?   ?   A . n 
A 1 261 TYR 261 769 ?   ?   ?   A . n 
A 1 262 PRO 262 770 ?   ?   ?   A . n 
A 1 263 GLY 263 771 ?   ?   ?   A . n 
A 1 264 ARG 264 772 ?   ?   ?   A . n 
A 1 265 TYR 265 773 ?   ?   ?   A . n 
A 1 266 ARG 266 774 ?   ?   ?   A . n 
A 1 267 VAL 267 775 ?   ?   ?   A . n 
A 1 268 THR 268 776 ?   ?   ?   A . n 
A 1 269 GLY 269 777 ?   ?   ?   A . n 
A 1 270 PHE 270 778 ?   ?   ?   A . n 
A 1 271 SER 271 779 ?   ?   ?   A . n 
A 1 272 LYS 272 780 ?   ?   ?   A . n 
A 1 273 CYS 273 781 ?   ?   ?   A . n 
A 1 274 GLY 274 782 ?   ?   ?   A . n 
A 1 275 ASP 275 783 ?   ?   ?   A . n 
A 1 276 ILE 276 784 ?   ?   ?   A . n 
A 1 277 SER 277 785 ?   ?   ?   A . n 
A 1 278 ILE 278 786 ?   ?   ?   A . n 
A 1 279 ASN 279 787 ?   ?   ?   A . n 
A 1 280 VAL 280 788 ?   ?   ?   A . n 
# 
loop_
_pdbx_nonpoly_scheme.asym_id 
_pdbx_nonpoly_scheme.entity_id 
_pdbx_nonpoly_scheme.mon_id 
_pdbx_nonpoly_scheme.ndb_seq_num 
_pdbx_nonpoly_scheme.pdb_seq_num 
_pdbx_nonpoly_scheme.auth_seq_num 
_pdbx_nonpoly_scheme.pdb_mon_id 
_pdbx_nonpoly_scheme.auth_mon_id 
_pdbx_nonpoly_scheme.pdb_strand_id 
_pdbx_nonpoly_scheme.pdb_ins_code 
B 2 SO4 1  801 1  SO4 SO4 A . 
C 2 SO4 1  802 2  SO4 SO4 A . 
D 3 HOH 1  901 1  HOH HOH A . 
D 3 HOH 2  902 2  HOH HOH A . 
D 3 HOH 3  903 3  HOH HOH A . 
D 3 HOH 4  904 4  HOH HOH A . 
D 3 HOH 5  905 5  HOH HOH A . 
D 3 HOH 6  906 6  HOH HOH A . 
D 3 HOH 7  907 7  HOH HOH A . 
D 3 HOH 8  908 8  HOH HOH A . 
D 3 HOH 9  909 9  HOH HOH A . 
D 3 HOH 10 910 10 HOH HOH A . 
D 3 HOH 11 911 11 HOH HOH A . 
D 3 HOH 12 912 12 HOH HOH A . 
D 3 HOH 13 913 13 HOH HOH A . 
D 3 HOH 14 914 14 HOH HOH A . 
D 3 HOH 15 915 15 HOH HOH A . 
D 3 HOH 16 916 16 HOH HOH A . 
D 3 HOH 17 917 17 HOH HOH A . 
D 3 HOH 18 918 18 HOH HOH A . 
D 3 HOH 19 919 19 HOH HOH A . 
D 3 HOH 20 920 20 HOH HOH A . 
D 3 HOH 21 921 21 HOH HOH A . 
D 3 HOH 22 922 22 HOH HOH A . 
D 3 HOH 23 923 23 HOH HOH A . 
D 3 HOH 24 924 24 HOH HOH A . 
D 3 HOH 25 925 25 HOH HOH A . 
D 3 HOH 26 926 26 HOH HOH A . 
D 3 HOH 27 927 27 HOH HOH A . 
D 3 HOH 28 928 28 HOH HOH A . 
D 3 HOH 29 929 29 HOH HOH A . 
D 3 HOH 30 930 30 HOH HOH A . 
D 3 HOH 31 931 31 HOH HOH A . 
D 3 HOH 32 932 32 HOH HOH A . 
D 3 HOH 33 933 33 HOH HOH A . 
D 3 HOH 34 934 34 HOH HOH A . 
D 3 HOH 35 935 35 HOH HOH A . 
D 3 HOH 36 936 36 HOH HOH A . 
D 3 HOH 37 937 37 HOH HOH A . 
D 3 HOH 38 938 38 HOH HOH A . 
D 3 HOH 39 939 39 HOH HOH A . 
D 3 HOH 40 940 40 HOH HOH A . 
D 3 HOH 41 941 41 HOH HOH A . 
D 3 HOH 42 942 42 HOH HOH A . 
D 3 HOH 43 943 43 HOH HOH A . 
D 3 HOH 44 944 44 HOH HOH A . 
D 3 HOH 45 945 45 HOH HOH A . 
D 3 HOH 46 946 46 HOH HOH A . 
D 3 HOH 47 947 47 HOH HOH A . 
D 3 HOH 48 948 48 HOH HOH A . 
D 3 HOH 49 949 49 HOH HOH A . 
D 3 HOH 50 950 50 HOH HOH A . 
D 3 HOH 51 951 51 HOH HOH A . 
D 3 HOH 52 952 52 HOH HOH A . 
D 3 HOH 53 953 53 HOH HOH A . 
D 3 HOH 54 954 54 HOH HOH A . 
D 3 HOH 55 955 55 HOH HOH A . 
D 3 HOH 56 956 56 HOH HOH A . 
D 3 HOH 57 957 57 HOH HOH A . 
D 3 HOH 58 958 58 HOH HOH A . 
D 3 HOH 59 959 59 HOH HOH A . 
D 3 HOH 60 960 60 HOH HOH A . 
D 3 HOH 61 961 61 HOH HOH A . 
D 3 HOH 62 962 62 HOH HOH A . 
D 3 HOH 63 963 63 HOH HOH A . 
D 3 HOH 64 964 64 HOH HOH A . 
D 3 HOH 65 965 65 HOH HOH A . 
D 3 HOH 66 966 66 HOH HOH A . 
D 3 HOH 67 967 67 HOH HOH A . 
D 3 HOH 68 968 68 HOH HOH A . 
D 3 HOH 69 969 69 HOH HOH A . 
D 3 HOH 70 970 70 HOH HOH A . 
D 3 HOH 71 971 71 HOH HOH A . 
D 3 HOH 72 972 72 HOH HOH A . 
D 3 HOH 73 973 73 HOH HOH A . 
D 3 HOH 74 974 74 HOH HOH A . 
D 3 HOH 75 975 75 HOH HOH A . 
D 3 HOH 76 976 76 HOH HOH A . 
D 3 HOH 77 977 77 HOH HOH A . 
D 3 HOH 78 978 78 HOH HOH A . 
D 3 HOH 79 979 79 HOH HOH A . 
D 3 HOH 80 980 80 HOH HOH A . 
D 3 HOH 81 981 81 HOH HOH A . 
# 
loop_
_software.name 
_software.classification 
_software.version 
_software.citation_id 
_software.pdbx_ordinal 
'PROTEUM PLUS' 'data collection' 2        ? 1 
MOLREP         phasing           .        ? 2 
REFMAC         refinement        5.8.0049 ? 3 
'PROTEUM PLUS' 'data reduction'  2        ? 4 
'PROTEUM PLUS' 'data scaling'    2        ? 5 
# 
_cell.entry_id           4QQ0 
_cell.length_a           23.507 
_cell.length_b           49.429 
_cell.length_c           76.927 
_cell.angle_alpha        90.00 
_cell.angle_beta         92.79 
_cell.angle_gamma        90.00 
_cell.Z_PDB              2 
_cell.pdbx_unique_axis   ? 
_cell.length_a_esd       ? 
_cell.length_b_esd       ? 
_cell.length_c_esd       ? 
_cell.angle_alpha_esd    ? 
_cell.angle_beta_esd     ? 
_cell.angle_gamma_esd    ? 
# 
_symmetry.entry_id                         4QQ0 
_symmetry.space_group_name_H-M             'P 1 21 1' 
_symmetry.pdbx_full_space_group_name_H-M   ? 
_symmetry.cell_setting                     ? 
_symmetry.Int_Tables_number                4 
_symmetry.space_group_name_Hall            ? 
# 
_exptl.entry_id          4QQ0 
_exptl.method            'X-RAY DIFFRACTION' 
_exptl.crystals_number   1 
# 
_exptl_crystal.id                    1 
_exptl_crystal.density_meas          ? 
_exptl_crystal.density_Matthews      ? 
_exptl_crystal.density_percent_sol   ? 
_exptl_crystal.description           ? 
_exptl_crystal.F_000                 ? 
_exptl_crystal.preparation           ? 
# 
_exptl_crystal_grow.crystal_id      1 
_exptl_crystal_grow.method          'VAPOR DIFFUSION, SITTING DROP' 
_exptl_crystal_grow.temp            295 
_exptl_crystal_grow.temp_details    ? 
_exptl_crystal_grow.pH              6.5 
_exptl_crystal_grow.pdbx_details    
'50 mM MES; pH 6.5 - 22.5 % PEG-smear - 0.5 M ammonium sulphate, VAPOR DIFFUSION, SITTING DROP, temperature 295K' 
_exptl_crystal_grow.pdbx_pH_range   ? 
# 
_diffrn.id                     1 
_diffrn.ambient_temp           100 
_diffrn.ambient_temp_details   ? 
_diffrn.crystal_id             1 
# 
_diffrn_detector.diffrn_id              1 
_diffrn_detector.detector               CCD 
_diffrn_detector.type                   'Bruker Platinum 135' 
_diffrn_detector.pdbx_collection_date   2012-08-20 
_diffrn_detector.details                ? 
# 
_diffrn_radiation.diffrn_id                        1 
_diffrn_radiation.wavelength_id                    1 
_diffrn_radiation.pdbx_monochromatic_or_laue_m_l   M 
_diffrn_radiation.monochromator                    'Bruker AXS Microstar optics' 
_diffrn_radiation.pdbx_diffrn_protocol             'SINGLE WAVELENGTH' 
_diffrn_radiation.pdbx_scattering_type             x-ray 
# 
_diffrn_radiation_wavelength.id           1 
_diffrn_radiation_wavelength.wavelength   1.54 
_diffrn_radiation_wavelength.wt           1.0 
# 
_diffrn_source.diffrn_id                   1 
_diffrn_source.source                      'ROTATING ANODE' 
_diffrn_source.type                        'BRUKER AXS MICROSTAR' 
_diffrn_source.pdbx_synchrotron_site       ? 
_diffrn_source.pdbx_synchrotron_beamline   ? 
_diffrn_source.pdbx_wavelength             ? 
_diffrn_source.pdbx_wavelength_list        1.54 
# 
_reflns.entry_id                     4QQ0 
_reflns.observed_criterion_sigma_I   4.0 
_reflns.observed_criterion_sigma_F   4.0 
_reflns.d_resolution_low             30.3 
_reflns.d_resolution_high            2.0 
_reflns.number_obs                   12034 
_reflns.number_all                   12058 
_reflns.percent_possible_obs         99.8 
_reflns.pdbx_Rmerge_I_obs            ? 
_reflns.pdbx_Rsym_value              ? 
_reflns.pdbx_netI_over_sigmaI        ? 
_reflns.B_iso_Wilson_estimate        ? 
_reflns.pdbx_redundancy              ? 
_reflns.R_free_details               ? 
_reflns.limit_h_max                  ? 
_reflns.limit_h_min                  ? 
_reflns.limit_k_max                  ? 
_reflns.limit_k_min                  ? 
_reflns.limit_l_max                  ? 
_reflns.limit_l_min                  ? 
_reflns.observed_criterion_F_max     ? 
_reflns.observed_criterion_F_min     ? 
_reflns.pdbx_chi_squared             ? 
_reflns.pdbx_scaling_rejects         ? 
_reflns.pdbx_ordinal                 1 
_reflns.pdbx_diffrn_id               1 
# 
_refine.entry_id                                 4QQ0 
_refine.ls_number_reflns_obs                     11365 
_refine.ls_number_reflns_all                     12034 
_refine.pdbx_ls_sigma_I                          ? 
_refine.pdbx_ls_sigma_F                          . 
_refine.pdbx_data_cutoff_high_absF               ? 
_refine.pdbx_data_cutoff_low_absF                ? 
_refine.pdbx_data_cutoff_high_rms_absF           ? 
_refine.ls_d_res_low                             30.3 
_refine.ls_d_res_high                            2.0 
_refine.ls_percent_reflns_obs                    86.00 
_refine.ls_R_factor_obs                          0.19474 
_refine.ls_R_factor_all                          0.19474 
_refine.ls_R_factor_R_work                       0.19228 
_refine.ls_R_factor_R_free                       0.24477 
_refine.ls_R_factor_R_free_error                 ? 
_refine.ls_R_factor_R_free_error_details         ? 
_refine.ls_percent_reflns_R_free                 4.6 
_refine.ls_number_reflns_R_free                  550 
_refine.ls_number_parameters                     ? 
_refine.ls_number_restraints                     ? 
_refine.occupancy_min                            ? 
_refine.occupancy_max                            ? 
_refine.correlation_coeff_Fo_to_Fc               0.891 
_refine.correlation_coeff_Fo_to_Fc_free          0.831 
_refine.B_iso_mean                               10.484 
_refine.aniso_B[1][1]                            -5.51 
_refine.aniso_B[2][2]                            9.93 
_refine.aniso_B[3][3]                            -4.42 
_refine.aniso_B[1][2]                            0.00 
_refine.aniso_B[1][3]                            -2.00 
_refine.aniso_B[2][3]                            0.00 
_refine.solvent_model_details                    MASK 
_refine.solvent_model_param_ksol                 ? 
_refine.solvent_model_param_bsol                 ? 
_refine.pdbx_solvent_vdw_probe_radii             1.20 
_refine.pdbx_solvent_ion_probe_radii             0.80 
_refine.pdbx_solvent_shrinkage_radii             0.80 
_refine.pdbx_ls_cross_valid_method               THROUGHOUT 
_refine.details                                  'HYDROGENS HAVE BEEN ADDED IN THE RIDING POSITIONS' 
_refine.pdbx_starting_model                      ? 
_refine.pdbx_method_to_determine_struct          'MOLECULAR REPLACEMENT' 
_refine.pdbx_isotropic_thermal_model             ? 
_refine.pdbx_stereochemistry_target_values       'MAXIMUM LIKELIHOOD' 
_refine.pdbx_stereochem_target_val_spec_case     ? 
_refine.pdbx_R_Free_selection_details            RANDOM 
_refine.pdbx_overall_ESU_R                       0.050 
_refine.pdbx_overall_ESU_R_Free                  0.041 
_refine.overall_SU_ML                            0.141 
_refine.pdbx_overall_phase_error                 ? 
_refine.overall_SU_B                             4.802 
_refine.overall_SU_R_Cruickshank_DPI             ? 
_refine.ls_redundancy_reflns_obs                 ? 
_refine.B_iso_min                                ? 
_refine.B_iso_max                                ? 
_refine.overall_SU_R_free                        ? 
_refine.ls_wR_factor_R_free                      ? 
_refine.ls_wR_factor_R_work                      ? 
_refine.overall_FOM_free_R_set                   ? 
_refine.overall_FOM_work_R_set                   ? 
_refine.pdbx_diffrn_id                           1 
_refine.pdbx_refine_id                           'X-RAY DIFFRACTION' 
_refine.pdbx_TLS_residual_ADP_flag               ? 
_refine.pdbx_overall_SU_R_free_Cruickshank_DPI   ? 
_refine.pdbx_overall_SU_R_Blow_DPI               ? 
_refine.pdbx_overall_SU_R_free_Blow_DPI          ? 
# 
_refine_hist.pdbx_refine_id                   'X-RAY DIFFRACTION' 
_refine_hist.cycle_id                         LAST 
_refine_hist.pdbx_number_atoms_protein        1571 
_refine_hist.pdbx_number_atoms_nucleic_acid   0 
_refine_hist.pdbx_number_atoms_ligand         10 
_refine_hist.number_atoms_solvent             81 
_refine_hist.number_atoms_total               1662 
_refine_hist.d_res_high                       2.0 
_refine_hist.d_res_low                        30.3 
# 
loop_
_refine_ls_restr.type 
_refine_ls_restr.dev_ideal 
_refine_ls_restr.dev_ideal_target 
_refine_ls_restr.weight 
_refine_ls_restr.number 
_refine_ls_restr.pdbx_restraint_function 
_refine_ls_restr.pdbx_refine_id 
r_bond_refined_d       0.017  0.019  ? 1638 ? 'X-RAY DIFFRACTION' 
r_bond_other_d         0.001  0.020  ? 1584 ? 'X-RAY DIFFRACTION' 
r_angle_refined_deg    1.973  1.955  ? 2225 ? 'X-RAY DIFFRACTION' 
r_angle_other_deg      1.013  3.000  ? 3637 ? 'X-RAY DIFFRACTION' 
r_dihedral_angle_1_deg 6.148  5.000  ? 203  ? 'X-RAY DIFFRACTION' 
r_dihedral_angle_2_deg 35.874 25.750 ? 80   ? 'X-RAY DIFFRACTION' 
r_dihedral_angle_3_deg 15.919 15.000 ? 289  ? 'X-RAY DIFFRACTION' 
r_dihedral_angle_4_deg 22.885 15.000 ? 5    ? 'X-RAY DIFFRACTION' 
r_chiral_restr         0.116  0.200  ? 257  ? 'X-RAY DIFFRACTION' 
r_gen_planes_refined   0.008  0.020  ? 1881 ? 'X-RAY DIFFRACTION' 
r_gen_planes_other     0.001  0.020  ? 380  ? 'X-RAY DIFFRACTION' 
r_mcbond_it            0.901  0.947  ? 806  ? 'X-RAY DIFFRACTION' 
r_mcbond_other         0.900  0.946  ? 805  ? 'X-RAY DIFFRACTION' 
r_mcangle_it           1.482  1.413  ? 1011 ? 'X-RAY DIFFRACTION' 
r_mcangle_other        1.482  1.413  ? 1012 ? 'X-RAY DIFFRACTION' 
r_scbond_it            1.120  1.114  ? 832  ? 'X-RAY DIFFRACTION' 
r_scbond_other         1.115  1.077  ? 824  ? 'X-RAY DIFFRACTION' 
r_scangle_other        1.805  1.571  ? 1202 ? 'X-RAY DIFFRACTION' 
r_long_range_B_refined 5.353  8.062  ? 1855 ? 'X-RAY DIFFRACTION' 
r_long_range_B_other   5.302  8.025  ? 1843 ? 'X-RAY DIFFRACTION' 
# 
_refine_ls_shell.pdbx_total_number_of_bins_used   20 
_refine_ls_shell.d_res_high                       1.908 
_refine_ls_shell.d_res_low                        1.957 
_refine_ls_shell.pdbx_refine_id                   'X-RAY DIFFRACTION' 
_refine_ls_shell.R_factor_R_free                  ? 
_refine_ls_shell.R_factor_R_free_error            ? 
_refine_ls_shell.R_factor_R_work                  ? 
_refine_ls_shell.number_reflns_R_free             ? 
_refine_ls_shell.number_reflns_R_work             ? 
_refine_ls_shell.percent_reflns_R_free            ? 
_refine_ls_shell.percent_reflns_obs               ? 
_refine_ls_shell.redundancy_reflns_obs            ? 
_refine_ls_shell.number_reflns_all                ? 
_refine_ls_shell.number_reflns_obs                ? 
_refine_ls_shell.R_factor_all                     ? 
# 
_struct.entry_id                  4QQ0 
_struct.title                     
'CdsD - The structural protein of the Type III secretion system of Chlamydia trachomatis: C-terminal domain' 
_struct.pdbx_model_details        ? 
_struct.pdbx_CASP_flag            ? 
_struct.pdbx_model_type_details   ? 
# 
_struct_keywords.entry_id        4QQ0 
_struct_keywords.pdbx_keywords   'STRUCTURAL PROTEIN' 
_struct_keywords.text            'BON-domain, type III secretion, membrane protein, STRUCTURAL PROTEIN' 
# 
loop_
_struct_asym.id 
_struct_asym.pdbx_blank_PDB_chainid_flag 
_struct_asym.pdbx_modified 
_struct_asym.entity_id 
_struct_asym.details 
A N N 1 ? 
B N N 2 ? 
C N N 2 ? 
D N N 3 ? 
# 
_struct_ref.id                         1 
_struct_ref.db_name                    UNP 
_struct_ref.db_code                    O84671_CHLTR 
_struct_ref.pdbx_db_accession          O84671 
_struct_ref.entity_id                  1 
_struct_ref.pdbx_seq_one_letter_code   
;LALLFGIGTASLFHTKEVVSIDQIDLIHDIEHVIQQFPTVRFTFNKNNGQLFLIGHVRNSIDKSELLYKVDALSFVKSVD
DNVIDDEAVWQEMNILLSKNPEFKGISMQSPEPGIFVISGYLKTEEQAACLADYLNLHFNYLSLLDNKVIIESQVMKALA
GHLVQSGFANVHVSFTNGEAVLTGYINNKDADKFRTVVQELQDIAGIRAVKNFVVLLPAEEGVIDLNMRYPGRYRVTGFS
KCGDISINV
;
_struct_ref.pdbx_align_begin           540 
_struct_ref.pdbx_db_isoform            ? 
# 
_struct_ref_seq.align_id                      1 
_struct_ref_seq.ref_id                        1 
_struct_ref_seq.pdbx_PDB_id_code              4QQ0 
_struct_ref_seq.pdbx_strand_id                A 
_struct_ref_seq.seq_align_beg                 32 
_struct_ref_seq.pdbx_seq_align_beg_ins_code   ? 
_struct_ref_seq.seq_align_end                 280 
_struct_ref_seq.pdbx_seq_align_end_ins_code   ? 
_struct_ref_seq.pdbx_db_accession             O84671 
_struct_ref_seq.db_align_beg                  540 
_struct_ref_seq.pdbx_db_align_beg_ins_code    ? 
_struct_ref_seq.db_align_end                  788 
_struct_ref_seq.pdbx_db_align_end_ins_code    ? 
_struct_ref_seq.pdbx_auth_seq_align_beg       540 
_struct_ref_seq.pdbx_auth_seq_align_end       788 
# 
loop_
_struct_ref_seq_dif.align_id 
_struct_ref_seq_dif.pdbx_pdb_id_code 
_struct_ref_seq_dif.mon_id 
_struct_ref_seq_dif.pdbx_pdb_strand_id 
_struct_ref_seq_dif.seq_num 
_struct_ref_seq_dif.pdbx_pdb_ins_code 
_struct_ref_seq_dif.pdbx_seq_db_name 
_struct_ref_seq_dif.pdbx_seq_db_accession_code 
_struct_ref_seq_dif.db_mon_id 
_struct_ref_seq_dif.pdbx_seq_db_seq_num 
_struct_ref_seq_dif.details 
_struct_ref_seq_dif.pdbx_auth_seq_num 
_struct_ref_seq_dif.pdbx_ordinal 
1 4QQ0 MET A 1  ? UNP O84671 ? ? 'expression tag' 509 1  
1 4QQ0 GLY A 2  ? UNP O84671 ? ? 'expression tag' 510 2  
1 4QQ0 GLY A 3  ? UNP O84671 ? ? 'expression tag' 511 3  
1 4QQ0 SER A 4  ? UNP O84671 ? ? 'expression tag' 512 4  
1 4QQ0 HIS A 5  ? UNP O84671 ? ? 'expression tag' 513 5  
1 4QQ0 HIS A 6  ? UNP O84671 ? ? 'expression tag' 514 6  
1 4QQ0 HIS A 7  ? UNP O84671 ? ? 'expression tag' 515 7  
1 4QQ0 HIS A 8  ? UNP O84671 ? ? 'expression tag' 516 8  
1 4QQ0 HIS A 9  ? UNP O84671 ? ? 'expression tag' 517 9  
1 4QQ0 HIS A 10 ? UNP O84671 ? ? 'expression tag' 518 10 
1 4QQ0 GLY A 11 ? UNP O84671 ? ? 'expression tag' 519 11 
1 4QQ0 MET A 12 ? UNP O84671 ? ? 'expression tag' 520 12 
1 4QQ0 ALA A 13 ? UNP O84671 ? ? 'expression tag' 521 13 
1 4QQ0 SER A 14 ? UNP O84671 ? ? 'expression tag' 522 14 
1 4QQ0 MET A 15 ? UNP O84671 ? ? 'expression tag' 523 15 
1 4QQ0 THR A 16 ? UNP O84671 ? ? 'expression tag' 524 16 
1 4QQ0 GLY A 17 ? UNP O84671 ? ? 'expression tag' 525 17 
1 4QQ0 GLY A 18 ? UNP O84671 ? ? 'expression tag' 526 18 
1 4QQ0 GLN A 19 ? UNP O84671 ? ? 'expression tag' 527 19 
1 4QQ0 GLN A 20 ? UNP O84671 ? ? 'expression tag' 528 20 
1 4QQ0 MET A 21 ? UNP O84671 ? ? 'expression tag' 529 21 
1 4QQ0 GLY A 22 ? UNP O84671 ? ? 'expression tag' 530 22 
1 4QQ0 ARG A 23 ? UNP O84671 ? ? 'expression tag' 531 23 
1 4QQ0 ASP A 24 ? UNP O84671 ? ? 'expression tag' 532 24 
1 4QQ0 LEU A 25 ? UNP O84671 ? ? 'expression tag' 533 25 
1 4QQ0 TYR A 26 ? UNP O84671 ? ? 'expression tag' 534 26 
1 4QQ0 ASP A 27 ? UNP O84671 ? ? 'expression tag' 535 27 
1 4QQ0 ASP A 28 ? UNP O84671 ? ? 'expression tag' 536 28 
1 4QQ0 ASP A 29 ? UNP O84671 ? ? 'expression tag' 537 29 
1 4QQ0 ASP A 30 ? UNP O84671 ? ? 'expression tag' 538 30 
1 4QQ0 LYS A 31 ? UNP O84671 ? ? 'expression tag' 539 31 
# 
_pdbx_struct_assembly.id                   1 
_pdbx_struct_assembly.details              author_and_software_defined_assembly 
_pdbx_struct_assembly.method_details       PISA 
_pdbx_struct_assembly.oligomeric_details   monomeric 
_pdbx_struct_assembly.oligomeric_count     1 
# 
_pdbx_struct_assembly_gen.assembly_id       1 
_pdbx_struct_assembly_gen.oper_expression   1 
_pdbx_struct_assembly_gen.asym_id_list      A,B,C,D 
# 
_pdbx_struct_oper_list.id                   1 
_pdbx_struct_oper_list.type                 'identity operation' 
_pdbx_struct_oper_list.name                 1_555 
_pdbx_struct_oper_list.symmetry_operation   x,y,z 
_pdbx_struct_oper_list.matrix[1][1]         1.0000000000 
_pdbx_struct_oper_list.matrix[1][2]         0.0000000000 
_pdbx_struct_oper_list.matrix[1][3]         0.0000000000 
_pdbx_struct_oper_list.vector[1]            0.0000000000 
_pdbx_struct_oper_list.matrix[2][1]         0.0000000000 
_pdbx_struct_oper_list.matrix[2][2]         1.0000000000 
_pdbx_struct_oper_list.matrix[2][3]         0.0000000000 
_pdbx_struct_oper_list.vector[2]            0.0000000000 
_pdbx_struct_oper_list.matrix[3][1]         0.0000000000 
_pdbx_struct_oper_list.matrix[3][2]         0.0000000000 
_pdbx_struct_oper_list.matrix[3][3]         1.0000000000 
_pdbx_struct_oper_list.vector[3]            0.0000000000 
# 
_struct_biol.id        1 
_struct_biol.details   ? 
# 
loop_
_struct_conf.conf_type_id 
_struct_conf.id 
_struct_conf.pdbx_PDB_helix_id 
_struct_conf.beg_label_comp_id 
_struct_conf.beg_label_asym_id 
_struct_conf.beg_label_seq_id 
_struct_conf.pdbx_beg_PDB_ins_code 
_struct_conf.end_label_comp_id 
_struct_conf.end_label_asym_id 
_struct_conf.end_label_seq_id 
_struct_conf.pdbx_end_PDB_ins_code 
_struct_conf.beg_auth_comp_id 
_struct_conf.beg_auth_asym_id 
_struct_conf.beg_auth_seq_id 
_struct_conf.end_auth_comp_id 
_struct_conf.end_auth_asym_id 
_struct_conf.end_auth_seq_id 
_struct_conf.pdbx_PDB_helix_class 
_struct_conf.details 
_struct_conf.pdbx_PDB_helix_length 
HELX_P HELX_P1 1 ASP A 56  ? GLN A 66  ? ASP A 564 GLN A 574 1 ? 11 
HELX_P HELX_P2 2 ASN A 90  ? ALA A 103 ? ASN A 598 ALA A 611 1 ? 14 
HELX_P HELX_P3 3 ASP A 117 ? LYS A 130 ? ASP A 625 LYS A 638 1 ? 14 
HELX_P HELX_P4 4 ASN A 131 ? LYS A 135 ? ASN A 639 LYS A 643 5 ? 5  
HELX_P HELX_P5 5 THR A 155 ? PHE A 170 ? THR A 663 PHE A 678 1 ? 16 
HELX_P HELX_P6 6 TYR A 172 ? SER A 174 ? TYR A 680 SER A 682 5 ? 3  
HELX_P HELX_P7 7 GLU A 183 ? SER A 197 ? GLU A 691 SER A 705 1 ? 15 
HELX_P HELX_P8 8 ASP A 221 ? GLN A 233 ? ASP A 729 GLN A 741 1 ? 13 
# 
_struct_conf_type.id          HELX_P 
_struct_conf_type.criteria    ? 
_struct_conf_type.reference   ? 
# 
loop_
_struct_sheet.id 
_struct_sheet.type 
_struct_sheet.number_strands 
_struct_sheet.details 
A ? 3 ? 
B ? 3 ? 
C ? 3 ? 
D ? 3 ? 
E ? 3 ? 
# 
loop_
_struct_sheet_order.sheet_id 
_struct_sheet_order.range_id_1 
_struct_sheet_order.range_id_2 
_struct_sheet_order.offset 
_struct_sheet_order.sense 
A 1 2 ? anti-parallel 
A 2 3 ? parallel      
B 1 2 ? anti-parallel 
B 2 3 ? parallel      
C 1 2 ? anti-parallel 
C 2 3 ? parallel      
D 1 2 ? anti-parallel 
D 2 3 ? parallel      
E 1 2 ? anti-parallel 
E 2 3 ? parallel      
# 
loop_
_struct_sheet_range.sheet_id 
_struct_sheet_range.id 
_struct_sheet_range.beg_label_comp_id 
_struct_sheet_range.beg_label_asym_id 
_struct_sheet_range.beg_label_seq_id 
_struct_sheet_range.pdbx_beg_PDB_ins_code 
_struct_sheet_range.end_label_comp_id 
_struct_sheet_range.end_label_asym_id 
_struct_sheet_range.end_label_seq_id 
_struct_sheet_range.pdbx_end_PDB_ins_code 
_struct_sheet_range.beg_auth_comp_id 
_struct_sheet_range.beg_auth_asym_id 
_struct_sheet_range.beg_auth_seq_id 
_struct_sheet_range.end_auth_comp_id 
_struct_sheet_range.end_auth_asym_id 
_struct_sheet_range.end_auth_seq_id 
A 1 ARG A 72  ? PHE A 75  ? ARG A 580 PHE A 583 
A 2 GLN A 81  ? VAL A 88  ? GLN A 589 VAL A 596 
A 3 SER A 109 ? ASP A 116 ? SER A 617 ASP A 624 
B 1 GLY A 136 ? GLU A 143 ? GLY A 644 GLU A 651 
B 2 ILE A 146 ? LEU A 153 ? ILE A 654 LEU A 661 
B 3 LEU A 176 ? ASN A 178 ? LEU A 684 ASN A 686 
C 1 GLY A 136 ? GLU A 143 ? GLY A 644 GLU A 651 
C 2 ILE A 146 ? LEU A 153 ? ILE A 654 LEU A 661 
C 3 ILE A 181 ? ILE A 182 ? ILE A 689 ILE A 690 
D 1 VAL A 202 ? THR A 207 ? VAL A 710 THR A 715 
D 2 GLU A 210 ? ASN A 218 ? GLU A 718 ASN A 726 
D 3 ALA A 240 ? ASN A 243 ? ALA A 748 ASN A 751 
E 1 VAL A 202 ? THR A 207 ? VAL A 710 THR A 715 
E 2 GLU A 210 ? ASN A 218 ? GLU A 718 ASN A 726 
E 3 VAL A 246 ? LEU A 248 ? VAL A 754 LEU A 756 
# 
loop_
_pdbx_struct_sheet_hbond.sheet_id 
_pdbx_struct_sheet_hbond.range_id_1 
_pdbx_struct_sheet_hbond.range_id_2 
_pdbx_struct_sheet_hbond.range_1_label_atom_id 
_pdbx_struct_sheet_hbond.range_1_label_comp_id 
_pdbx_struct_sheet_hbond.range_1_label_asym_id 
_pdbx_struct_sheet_hbond.range_1_label_seq_id 
_pdbx_struct_sheet_hbond.range_1_PDB_ins_code 
_pdbx_struct_sheet_hbond.range_1_auth_atom_id 
_pdbx_struct_sheet_hbond.range_1_auth_comp_id 
_pdbx_struct_sheet_hbond.range_1_auth_asym_id 
_pdbx_struct_sheet_hbond.range_1_auth_seq_id 
_pdbx_struct_sheet_hbond.range_2_label_atom_id 
_pdbx_struct_sheet_hbond.range_2_label_comp_id 
_pdbx_struct_sheet_hbond.range_2_label_asym_id 
_pdbx_struct_sheet_hbond.range_2_label_seq_id 
_pdbx_struct_sheet_hbond.range_2_PDB_ins_code 
_pdbx_struct_sheet_hbond.range_2_auth_atom_id 
_pdbx_struct_sheet_hbond.range_2_auth_comp_id 
_pdbx_struct_sheet_hbond.range_2_auth_asym_id 
_pdbx_struct_sheet_hbond.range_2_auth_seq_id 
A 1 2 N THR A 74  ? N THR A 582 O PHE A 83  ? O PHE A 591 
A 2 3 N GLY A 86  ? N GLY A 594 O ILE A 115 ? O ILE A 623 
B 1 2 N SER A 138 ? N SER A 646 O SER A 150 ? O SER A 658 
B 2 3 N PHE A 147 ? N PHE A 655 O ASP A 177 ? O ASP A 685 
C 1 2 N SER A 138 ? N SER A 646 O SER A 150 ? O SER A 658 
C 2 3 N GLY A 151 ? N GLY A 659 O ILE A 181 ? O ILE A 689 
D 1 2 N HIS A 203 ? N HIS A 711 O THR A 214 ? O THR A 722 
D 2 3 N LEU A 213 ? N LEU A 721 O LYS A 242 ? O LYS A 750 
E 1 2 N HIS A 203 ? N HIS A 711 O THR A 214 ? O THR A 722 
E 2 3 N GLY A 215 ? N GLY A 723 O VAL A 246 ? O VAL A 754 
# 
loop_
_struct_site.id 
_struct_site.pdbx_evidence_code 
_struct_site.pdbx_auth_asym_id 
_struct_site.pdbx_auth_comp_id 
_struct_site.pdbx_auth_seq_id 
_struct_site.pdbx_auth_ins_code 
_struct_site.pdbx_num_residues 
_struct_site.details 
AC1 Software A SO4 801 ? 3 'BINDING SITE FOR RESIDUE SO4 A 801' 
AC2 Software A SO4 802 ? 4 'BINDING SITE FOR RESIDUE SO4 A 802' 
# 
loop_
_struct_site_gen.id 
_struct_site_gen.site_id 
_struct_site_gen.pdbx_num_res 
_struct_site_gen.label_comp_id 
_struct_site_gen.label_asym_id 
_struct_site_gen.label_seq_id 
_struct_site_gen.pdbx_auth_ins_code 
_struct_site_gen.auth_comp_id 
_struct_site_gen.auth_asym_id 
_struct_site_gen.auth_seq_id 
_struct_site_gen.label_atom_id 
_struct_site_gen.label_alt_id 
_struct_site_gen.symmetry 
_struct_site_gen.details 
1 AC1 3 PRO A 69  ? PRO A 577 . ? 1_555 ? 
2 AC1 3 THR A 70  ? THR A 578 . ? 1_555 ? 
3 AC1 3 ARG A 72  ? ARG A 580 . ? 1_555 ? 
4 AC2 4 THR A 155 ? THR A 663 . ? 1_555 ? 
5 AC2 4 GLU A 156 ? GLU A 664 . ? 1_555 ? 
6 AC2 4 SER A 184 ? SER A 692 . ? 1_555 ? 
7 AC2 4 LYS A 188 ? LYS A 696 . ? 1_555 ? 
# 
loop_
_pdbx_validate_torsion.id 
_pdbx_validate_torsion.PDB_model_num 
_pdbx_validate_torsion.auth_comp_id 
_pdbx_validate_torsion.auth_asym_id 
_pdbx_validate_torsion.auth_seq_id 
_pdbx_validate_torsion.PDB_ins_code 
_pdbx_validate_torsion.label_alt_id 
_pdbx_validate_torsion.phi 
_pdbx_validate_torsion.psi 
1 1 ASP A 561 ? ? 53.31   98.26  
2 1 THR A 578 ? ? 91.22   -5.08  
3 1 THR A 715 ? ? -173.23 127.36 
4 1 ASN A 716 ? ? 35.93   61.63  
# 
loop_
_pdbx_unobs_or_zero_occ_residues.id 
_pdbx_unobs_or_zero_occ_residues.PDB_model_num 
_pdbx_unobs_or_zero_occ_residues.polymer_flag 
_pdbx_unobs_or_zero_occ_residues.occupancy_flag 
_pdbx_unobs_or_zero_occ_residues.auth_asym_id 
_pdbx_unobs_or_zero_occ_residues.auth_comp_id 
_pdbx_unobs_or_zero_occ_residues.auth_seq_id 
_pdbx_unobs_or_zero_occ_residues.PDB_ins_code 
_pdbx_unobs_or_zero_occ_residues.label_asym_id 
_pdbx_unobs_or_zero_occ_residues.label_comp_id 
_pdbx_unobs_or_zero_occ_residues.label_seq_id 
1  1 Y 1 A MET 509 ? A MET 1   
2  1 Y 1 A GLY 510 ? A GLY 2   
3  1 Y 1 A GLY 511 ? A GLY 3   
4  1 Y 1 A SER 512 ? A SER 4   
5  1 Y 1 A HIS 513 ? A HIS 5   
6  1 Y 1 A HIS 514 ? A HIS 6   
7  1 Y 1 A HIS 515 ? A HIS 7   
8  1 Y 1 A HIS 516 ? A HIS 8   
9  1 Y 1 A HIS 517 ? A HIS 9   
10 1 Y 1 A HIS 518 ? A HIS 10  
11 1 Y 1 A GLY 519 ? A GLY 11  
12 1 Y 1 A MET 520 ? A MET 12  
13 1 Y 1 A ALA 521 ? A ALA 13  
14 1 Y 1 A SER 522 ? A SER 14  
15 1 Y 1 A MET 523 ? A MET 15  
16 1 Y 1 A THR 524 ? A THR 16  
17 1 Y 1 A GLY 525 ? A GLY 17  
18 1 Y 1 A GLY 526 ? A GLY 18  
19 1 Y 1 A GLN 527 ? A GLN 19  
20 1 Y 1 A GLN 528 ? A GLN 20  
21 1 Y 1 A MET 529 ? A MET 21  
22 1 Y 1 A GLY 530 ? A GLY 22  
23 1 Y 1 A ARG 531 ? A ARG 23  
24 1 Y 1 A ASP 532 ? A ASP 24  
25 1 Y 1 A LEU 533 ? A LEU 25  
26 1 Y 1 A TYR 534 ? A TYR 26  
27 1 Y 1 A ASP 535 ? A ASP 27  
28 1 Y 1 A ASP 536 ? A ASP 28  
29 1 Y 1 A ASP 537 ? A ASP 29  
30 1 Y 1 A ASP 538 ? A ASP 30  
31 1 Y 1 A LYS 539 ? A LYS 31  
32 1 Y 1 A LEU 540 ? A LEU 32  
33 1 Y 1 A ALA 541 ? A ALA 33  
34 1 Y 1 A LEU 542 ? A LEU 34  
35 1 Y 1 A LEU 543 ? A LEU 35  
36 1 Y 1 A PHE 544 ? A PHE 36  
37 1 Y 1 A GLY 545 ? A GLY 37  
38 1 Y 1 A ILE 546 ? A ILE 38  
39 1 Y 1 A GLY 547 ? A GLY 39  
40 1 Y 1 A THR 548 ? A THR 40  
41 1 Y 1 A ALA 549 ? A ALA 41  
42 1 Y 1 A SER 550 ? A SER 42  
43 1 Y 1 A LEU 551 ? A LEU 43  
44 1 Y 1 A PHE 552 ? A PHE 44  
45 1 Y 1 A HIS 553 ? A HIS 45  
46 1 Y 1 A THR 554 ? A THR 46  
47 1 Y 1 A LYS 555 ? A LYS 47  
48 1 Y 1 A GLU 556 ? A GLU 48  
49 1 Y 1 A VAL 557 ? A VAL 49  
50 1 Y 1 A VAL 558 ? A VAL 50  
51 1 Y 1 A SER 559 ? A SER 51  
52 1 Y 1 A ALA 758 ? A ALA 250 
53 1 Y 1 A GLU 759 ? A GLU 251 
54 1 Y 1 A GLU 760 ? A GLU 252 
55 1 Y 1 A GLY 761 ? A GLY 253 
56 1 Y 1 A VAL 762 ? A VAL 254 
57 1 Y 1 A ILE 763 ? A ILE 255 
58 1 Y 1 A ASP 764 ? A ASP 256 
59 1 Y 1 A LEU 765 ? A LEU 257 
60 1 Y 1 A ASN 766 ? A ASN 258 
61 1 Y 1 A MET 767 ? A MET 259 
62 1 Y 1 A ARG 768 ? A ARG 260 
63 1 Y 1 A TYR 769 ? A TYR 261 
64 1 Y 1 A PRO 770 ? A PRO 262 
65 1 Y 1 A GLY 771 ? A GLY 263 
66 1 Y 1 A ARG 772 ? A ARG 264 
67 1 Y 1 A TYR 773 ? A TYR 265 
68 1 Y 1 A ARG 774 ? A ARG 266 
69 1 Y 1 A VAL 775 ? A VAL 267 
70 1 Y 1 A THR 776 ? A THR 268 
71 1 Y 1 A GLY 777 ? A GLY 269 
72 1 Y 1 A PHE 778 ? A PHE 270 
73 1 Y 1 A SER 779 ? A SER 271 
74 1 Y 1 A LYS 780 ? A LYS 272 
75 1 Y 1 A CYS 781 ? A CYS 273 
76 1 Y 1 A GLY 782 ? A GLY 274 
77 1 Y 1 A ASP 783 ? A ASP 275 
78 1 Y 1 A ILE 784 ? A ILE 276 
79 1 Y 1 A SER 785 ? A SER 277 
80 1 Y 1 A ILE 786 ? A ILE 278 
81 1 Y 1 A ASN 787 ? A ASN 279 
82 1 Y 1 A VAL 788 ? A VAL 280 
# 
loop_
_chem_comp_atom.comp_id 
_chem_comp_atom.atom_id 
_chem_comp_atom.type_symbol 
_chem_comp_atom.pdbx_aromatic_flag 
_chem_comp_atom.pdbx_stereo_config 
_chem_comp_atom.pdbx_ordinal 
ALA N    N N N 1   
ALA CA   C N S 2   
ALA C    C N N 3   
ALA O    O N N 4   
ALA CB   C N N 5   
ALA OXT  O N N 6   
ALA H    H N N 7   
ALA H2   H N N 8   
ALA HA   H N N 9   
ALA HB1  H N N 10  
ALA HB2  H N N 11  
ALA HB3  H N N 12  
ALA HXT  H N N 13  
ARG N    N N N 14  
ARG CA   C N S 15  
ARG C    C N N 16  
ARG O    O N N 17  
ARG CB   C N N 18  
ARG CG   C N N 19  
ARG CD   C N N 20  
ARG NE   N N N 21  
ARG CZ   C N N 22  
ARG NH1  N N N 23  
ARG NH2  N N N 24  
ARG OXT  O N N 25  
ARG H    H N N 26  
ARG H2   H N N 27  
ARG HA   H N N 28  
ARG HB2  H N N 29  
ARG HB3  H N N 30  
ARG HG2  H N N 31  
ARG HG3  H N N 32  
ARG HD2  H N N 33  
ARG HD3  H N N 34  
ARG HE   H N N 35  
ARG HH11 H N N 36  
ARG HH12 H N N 37  
ARG HH21 H N N 38  
ARG HH22 H N N 39  
ARG HXT  H N N 40  
ASN N    N N N 41  
ASN CA   C N S 42  
ASN C    C N N 43  
ASN O    O N N 44  
ASN CB   C N N 45  
ASN CG   C N N 46  
ASN OD1  O N N 47  
ASN ND2  N N N 48  
ASN OXT  O N N 49  
ASN H    H N N 50  
ASN H2   H N N 51  
ASN HA   H N N 52  
ASN HB2  H N N 53  
ASN HB3  H N N 54  
ASN HD21 H N N 55  
ASN HD22 H N N 56  
ASN HXT  H N N 57  
ASP N    N N N 58  
ASP CA   C N S 59  
ASP C    C N N 60  
ASP O    O N N 61  
ASP CB   C N N 62  
ASP CG   C N N 63  
ASP OD1  O N N 64  
ASP OD2  O N N 65  
ASP OXT  O N N 66  
ASP H    H N N 67  
ASP H2   H N N 68  
ASP HA   H N N 69  
ASP HB2  H N N 70  
ASP HB3  H N N 71  
ASP HD2  H N N 72  
ASP HXT  H N N 73  
CYS N    N N N 74  
CYS CA   C N R 75  
CYS C    C N N 76  
CYS O    O N N 77  
CYS CB   C N N 78  
CYS SG   S N N 79  
CYS OXT  O N N 80  
CYS H    H N N 81  
CYS H2   H N N 82  
CYS HA   H N N 83  
CYS HB2  H N N 84  
CYS HB3  H N N 85  
CYS HG   H N N 86  
CYS HXT  H N N 87  
GLN N    N N N 88  
GLN CA   C N S 89  
GLN C    C N N 90  
GLN O    O N N 91  
GLN CB   C N N 92  
GLN CG   C N N 93  
GLN CD   C N N 94  
GLN OE1  O N N 95  
GLN NE2  N N N 96  
GLN OXT  O N N 97  
GLN H    H N N 98  
GLN H2   H N N 99  
GLN HA   H N N 100 
GLN HB2  H N N 101 
GLN HB3  H N N 102 
GLN HG2  H N N 103 
GLN HG3  H N N 104 
GLN HE21 H N N 105 
GLN HE22 H N N 106 
GLN HXT  H N N 107 
GLU N    N N N 108 
GLU CA   C N S 109 
GLU C    C N N 110 
GLU O    O N N 111 
GLU CB   C N N 112 
GLU CG   C N N 113 
GLU CD   C N N 114 
GLU OE1  O N N 115 
GLU OE2  O N N 116 
GLU OXT  O N N 117 
GLU H    H N N 118 
GLU H2   H N N 119 
GLU HA   H N N 120 
GLU HB2  H N N 121 
GLU HB3  H N N 122 
GLU HG2  H N N 123 
GLU HG3  H N N 124 
GLU HE2  H N N 125 
GLU HXT  H N N 126 
GLY N    N N N 127 
GLY CA   C N N 128 
GLY C    C N N 129 
GLY O    O N N 130 
GLY OXT  O N N 131 
GLY H    H N N 132 
GLY H2   H N N 133 
GLY HA2  H N N 134 
GLY HA3  H N N 135 
GLY HXT  H N N 136 
HIS N    N N N 137 
HIS CA   C N S 138 
HIS C    C N N 139 
HIS O    O N N 140 
HIS CB   C N N 141 
HIS CG   C Y N 142 
HIS ND1  N Y N 143 
HIS CD2  C Y N 144 
HIS CE1  C Y N 145 
HIS NE2  N Y N 146 
HIS OXT  O N N 147 
HIS H    H N N 148 
HIS H2   H N N 149 
HIS HA   H N N 150 
HIS HB2  H N N 151 
HIS HB3  H N N 152 
HIS HD1  H N N 153 
HIS HD2  H N N 154 
HIS HE1  H N N 155 
HIS HE2  H N N 156 
HIS HXT  H N N 157 
HOH O    O N N 158 
HOH H1   H N N 159 
HOH H2   H N N 160 
ILE N    N N N 161 
ILE CA   C N S 162 
ILE C    C N N 163 
ILE O    O N N 164 
ILE CB   C N S 165 
ILE CG1  C N N 166 
ILE CG2  C N N 167 
ILE CD1  C N N 168 
ILE OXT  O N N 169 
ILE H    H N N 170 
ILE H2   H N N 171 
ILE HA   H N N 172 
ILE HB   H N N 173 
ILE HG12 H N N 174 
ILE HG13 H N N 175 
ILE HG21 H N N 176 
ILE HG22 H N N 177 
ILE HG23 H N N 178 
ILE HD11 H N N 179 
ILE HD12 H N N 180 
ILE HD13 H N N 181 
ILE HXT  H N N 182 
LEU N    N N N 183 
LEU CA   C N S 184 
LEU C    C N N 185 
LEU O    O N N 186 
LEU CB   C N N 187 
LEU CG   C N N 188 
LEU CD1  C N N 189 
LEU CD2  C N N 190 
LEU OXT  O N N 191 
LEU H    H N N 192 
LEU H2   H N N 193 
LEU HA   H N N 194 
LEU HB2  H N N 195 
LEU HB3  H N N 196 
LEU HG   H N N 197 
LEU HD11 H N N 198 
LEU HD12 H N N 199 
LEU HD13 H N N 200 
LEU HD21 H N N 201 
LEU HD22 H N N 202 
LEU HD23 H N N 203 
LEU HXT  H N N 204 
LYS N    N N N 205 
LYS CA   C N S 206 
LYS C    C N N 207 
LYS O    O N N 208 
LYS CB   C N N 209 
LYS CG   C N N 210 
LYS CD   C N N 211 
LYS CE   C N N 212 
LYS NZ   N N N 213 
LYS OXT  O N N 214 
LYS H    H N N 215 
LYS H2   H N N 216 
LYS HA   H N N 217 
LYS HB2  H N N 218 
LYS HB3  H N N 219 
LYS HG2  H N N 220 
LYS HG3  H N N 221 
LYS HD2  H N N 222 
LYS HD3  H N N 223 
LYS HE2  H N N 224 
LYS HE3  H N N 225 
LYS HZ1  H N N 226 
LYS HZ2  H N N 227 
LYS HZ3  H N N 228 
LYS HXT  H N N 229 
MET N    N N N 230 
MET CA   C N S 231 
MET C    C N N 232 
MET O    O N N 233 
MET CB   C N N 234 
MET CG   C N N 235 
MET SD   S N N 236 
MET CE   C N N 237 
MET OXT  O N N 238 
MET H    H N N 239 
MET H2   H N N 240 
MET HA   H N N 241 
MET HB2  H N N 242 
MET HB3  H N N 243 
MET HG2  H N N 244 
MET HG3  H N N 245 
MET HE1  H N N 246 
MET HE2  H N N 247 
MET HE3  H N N 248 
MET HXT  H N N 249 
PHE N    N N N 250 
PHE CA   C N S 251 
PHE C    C N N 252 
PHE O    O N N 253 
PHE CB   C N N 254 
PHE CG   C Y N 255 
PHE CD1  C Y N 256 
PHE CD2  C Y N 257 
PHE CE1  C Y N 258 
PHE CE2  C Y N 259 
PHE CZ   C Y N 260 
PHE OXT  O N N 261 
PHE H    H N N 262 
PHE H2   H N N 263 
PHE HA   H N N 264 
PHE HB2  H N N 265 
PHE HB3  H N N 266 
PHE HD1  H N N 267 
PHE HD2  H N N 268 
PHE HE1  H N N 269 
PHE HE2  H N N 270 
PHE HZ   H N N 271 
PHE HXT  H N N 272 
PRO N    N N N 273 
PRO CA   C N S 274 
PRO C    C N N 275 
PRO O    O N N 276 
PRO CB   C N N 277 
PRO CG   C N N 278 
PRO CD   C N N 279 
PRO OXT  O N N 280 
PRO H    H N N 281 
PRO HA   H N N 282 
PRO HB2  H N N 283 
PRO HB3  H N N 284 
PRO HG2  H N N 285 
PRO HG3  H N N 286 
PRO HD2  H N N 287 
PRO HD3  H N N 288 
PRO HXT  H N N 289 
SER N    N N N 290 
SER CA   C N S 291 
SER C    C N N 292 
SER O    O N N 293 
SER CB   C N N 294 
SER OG   O N N 295 
SER OXT  O N N 296 
SER H    H N N 297 
SER H2   H N N 298 
SER HA   H N N 299 
SER HB2  H N N 300 
SER HB3  H N N 301 
SER HG   H N N 302 
SER HXT  H N N 303 
SO4 S    S N N 304 
SO4 O1   O N N 305 
SO4 O2   O N N 306 
SO4 O3   O N N 307 
SO4 O4   O N N 308 
THR N    N N N 309 
THR CA   C N S 310 
THR C    C N N 311 
THR O    O N N 312 
THR CB   C N R 313 
THR OG1  O N N 314 
THR CG2  C N N 315 
THR OXT  O N N 316 
THR H    H N N 317 
THR H2   H N N 318 
THR HA   H N N 319 
THR HB   H N N 320 
THR HG1  H N N 321 
THR HG21 H N N 322 
THR HG22 H N N 323 
THR HG23 H N N 324 
THR HXT  H N N 325 
TRP N    N N N 326 
TRP CA   C N S 327 
TRP C    C N N 328 
TRP O    O N N 329 
TRP CB   C N N 330 
TRP CG   C Y N 331 
TRP CD1  C Y N 332 
TRP CD2  C Y N 333 
TRP NE1  N Y N 334 
TRP CE2  C Y N 335 
TRP CE3  C Y N 336 
TRP CZ2  C Y N 337 
TRP CZ3  C Y N 338 
TRP CH2  C Y N 339 
TRP OXT  O N N 340 
TRP H    H N N 341 
TRP H2   H N N 342 
TRP HA   H N N 343 
TRP HB2  H N N 344 
TRP HB3  H N N 345 
TRP HD1  H N N 346 
TRP HE1  H N N 347 
TRP HE3  H N N 348 
TRP HZ2  H N N 349 
TRP HZ3  H N N 350 
TRP HH2  H N N 351 
TRP HXT  H N N 352 
TYR N    N N N 353 
TYR CA   C N S 354 
TYR C    C N N 355 
TYR O    O N N 356 
TYR CB   C N N 357 
TYR CG   C Y N 358 
TYR CD1  C Y N 359 
TYR CD2  C Y N 360 
TYR CE1  C Y N 361 
TYR CE2  C Y N 362 
TYR CZ   C Y N 363 
TYR OH   O N N 364 
TYR OXT  O N N 365 
TYR H    H N N 366 
TYR H2   H N N 367 
TYR HA   H N N 368 
TYR HB2  H N N 369 
TYR HB3  H N N 370 
TYR HD1  H N N 371 
TYR HD2  H N N 372 
TYR HE1  H N N 373 
TYR HE2  H N N 374 
TYR HH   H N N 375 
TYR HXT  H N N 376 
VAL N    N N N 377 
VAL CA   C N S 378 
VAL C    C N N 379 
VAL O    O N N 380 
VAL CB   C N N 381 
VAL CG1  C N N 382 
VAL CG2  C N N 383 
VAL OXT  O N N 384 
VAL H    H N N 385 
VAL H2   H N N 386 
VAL HA   H N N 387 
VAL HB   H N N 388 
VAL HG11 H N N 389 
VAL HG12 H N N 390 
VAL HG13 H N N 391 
VAL HG21 H N N 392 
VAL HG22 H N N 393 
VAL HG23 H N N 394 
VAL HXT  H N N 395 
# 
loop_
_chem_comp_bond.comp_id 
_chem_comp_bond.atom_id_1 
_chem_comp_bond.atom_id_2 
_chem_comp_bond.value_order 
_chem_comp_bond.pdbx_aromatic_flag 
_chem_comp_bond.pdbx_stereo_config 
_chem_comp_bond.pdbx_ordinal 
ALA N   CA   sing N N 1   
ALA N   H    sing N N 2   
ALA N   H2   sing N N 3   
ALA CA  C    sing N N 4   
ALA CA  CB   sing N N 5   
ALA CA  HA   sing N N 6   
ALA C   O    doub N N 7   
ALA C   OXT  sing N N 8   
ALA CB  HB1  sing N N 9   
ALA CB  HB2  sing N N 10  
ALA CB  HB3  sing N N 11  
ALA OXT HXT  sing N N 12  
ARG N   CA   sing N N 13  
ARG N   H    sing N N 14  
ARG N   H2   sing N N 15  
ARG CA  C    sing N N 16  
ARG CA  CB   sing N N 17  
ARG CA  HA   sing N N 18  
ARG C   O    doub N N 19  
ARG C   OXT  sing N N 20  
ARG CB  CG   sing N N 21  
ARG CB  HB2  sing N N 22  
ARG CB  HB3  sing N N 23  
ARG CG  CD   sing N N 24  
ARG CG  HG2  sing N N 25  
ARG CG  HG3  sing N N 26  
ARG CD  NE   sing N N 27  
ARG CD  HD2  sing N N 28  
ARG CD  HD3  sing N N 29  
ARG NE  CZ   sing N N 30  
ARG NE  HE   sing N N 31  
ARG CZ  NH1  sing N N 32  
ARG CZ  NH2  doub N N 33  
ARG NH1 HH11 sing N N 34  
ARG NH1 HH12 sing N N 35  
ARG NH2 HH21 sing N N 36  
ARG NH2 HH22 sing N N 37  
ARG OXT HXT  sing N N 38  
ASN N   CA   sing N N 39  
ASN N   H    sing N N 40  
ASN N   H2   sing N N 41  
ASN CA  C    sing N N 42  
ASN CA  CB   sing N N 43  
ASN CA  HA   sing N N 44  
ASN C   O    doub N N 45  
ASN C   OXT  sing N N 46  
ASN CB  CG   sing N N 47  
ASN CB  HB2  sing N N 48  
ASN CB  HB3  sing N N 49  
ASN CG  OD1  doub N N 50  
ASN CG  ND2  sing N N 51  
ASN ND2 HD21 sing N N 52  
ASN ND2 HD22 sing N N 53  
ASN OXT HXT  sing N N 54  
ASP N   CA   sing N N 55  
ASP N   H    sing N N 56  
ASP N   H2   sing N N 57  
ASP CA  C    sing N N 58  
ASP CA  CB   sing N N 59  
ASP CA  HA   sing N N 60  
ASP C   O    doub N N 61  
ASP C   OXT  sing N N 62  
ASP CB  CG   sing N N 63  
ASP CB  HB2  sing N N 64  
ASP CB  HB3  sing N N 65  
ASP CG  OD1  doub N N 66  
ASP CG  OD2  sing N N 67  
ASP OD2 HD2  sing N N 68  
ASP OXT HXT  sing N N 69  
CYS N   CA   sing N N 70  
CYS N   H    sing N N 71  
CYS N   H2   sing N N 72  
CYS CA  C    sing N N 73  
CYS CA  CB   sing N N 74  
CYS CA  HA   sing N N 75  
CYS C   O    doub N N 76  
CYS C   OXT  sing N N 77  
CYS CB  SG   sing N N 78  
CYS CB  HB2  sing N N 79  
CYS CB  HB3  sing N N 80  
CYS SG  HG   sing N N 81  
CYS OXT HXT  sing N N 82  
GLN N   CA   sing N N 83  
GLN N   H    sing N N 84  
GLN N   H2   sing N N 85  
GLN CA  C    sing N N 86  
GLN CA  CB   sing N N 87  
GLN CA  HA   sing N N 88  
GLN C   O    doub N N 89  
GLN C   OXT  sing N N 90  
GLN CB  CG   sing N N 91  
GLN CB  HB2  sing N N 92  
GLN CB  HB3  sing N N 93  
GLN CG  CD   sing N N 94  
GLN CG  HG2  sing N N 95  
GLN CG  HG3  sing N N 96  
GLN CD  OE1  doub N N 97  
GLN CD  NE2  sing N N 98  
GLN NE2 HE21 sing N N 99  
GLN NE2 HE22 sing N N 100 
GLN OXT HXT  sing N N 101 
GLU N   CA   sing N N 102 
GLU N   H    sing N N 103 
GLU N   H2   sing N N 104 
GLU CA  C    sing N N 105 
GLU CA  CB   sing N N 106 
GLU CA  HA   sing N N 107 
GLU C   O    doub N N 108 
GLU C   OXT  sing N N 109 
GLU CB  CG   sing N N 110 
GLU CB  HB2  sing N N 111 
GLU CB  HB3  sing N N 112 
GLU CG  CD   sing N N 113 
GLU CG  HG2  sing N N 114 
GLU CG  HG3  sing N N 115 
GLU CD  OE1  doub N N 116 
GLU CD  OE2  sing N N 117 
GLU OE2 HE2  sing N N 118 
GLU OXT HXT  sing N N 119 
GLY N   CA   sing N N 120 
GLY N   H    sing N N 121 
GLY N   H2   sing N N 122 
GLY CA  C    sing N N 123 
GLY CA  HA2  sing N N 124 
GLY CA  HA3  sing N N 125 
GLY C   O    doub N N 126 
GLY C   OXT  sing N N 127 
GLY OXT HXT  sing N N 128 
HIS N   CA   sing N N 129 
HIS N   H    sing N N 130 
HIS N   H2   sing N N 131 
HIS CA  C    sing N N 132 
HIS CA  CB   sing N N 133 
HIS CA  HA   sing N N 134 
HIS C   O    doub N N 135 
HIS C   OXT  sing N N 136 
HIS CB  CG   sing N N 137 
HIS CB  HB2  sing N N 138 
HIS CB  HB3  sing N N 139 
HIS CG  ND1  sing Y N 140 
HIS CG  CD2  doub Y N 141 
HIS ND1 CE1  doub Y N 142 
HIS ND1 HD1  sing N N 143 
HIS CD2 NE2  sing Y N 144 
HIS CD2 HD2  sing N N 145 
HIS CE1 NE2  sing Y N 146 
HIS CE1 HE1  sing N N 147 
HIS NE2 HE2  sing N N 148 
HIS OXT HXT  sing N N 149 
HOH O   H1   sing N N 150 
HOH O   H2   sing N N 151 
ILE N   CA   sing N N 152 
ILE N   H    sing N N 153 
ILE N   H2   sing N N 154 
ILE CA  C    sing N N 155 
ILE CA  CB   sing N N 156 
ILE CA  HA   sing N N 157 
ILE C   O    doub N N 158 
ILE C   OXT  sing N N 159 
ILE CB  CG1  sing N N 160 
ILE CB  CG2  sing N N 161 
ILE CB  HB   sing N N 162 
ILE CG1 CD1  sing N N 163 
ILE CG1 HG12 sing N N 164 
ILE CG1 HG13 sing N N 165 
ILE CG2 HG21 sing N N 166 
ILE CG2 HG22 sing N N 167 
ILE CG2 HG23 sing N N 168 
ILE CD1 HD11 sing N N 169 
ILE CD1 HD12 sing N N 170 
ILE CD1 HD13 sing N N 171 
ILE OXT HXT  sing N N 172 
LEU N   CA   sing N N 173 
LEU N   H    sing N N 174 
LEU N   H2   sing N N 175 
LEU CA  C    sing N N 176 
LEU CA  CB   sing N N 177 
LEU CA  HA   sing N N 178 
LEU C   O    doub N N 179 
LEU C   OXT  sing N N 180 
LEU CB  CG   sing N N 181 
LEU CB  HB2  sing N N 182 
LEU CB  HB3  sing N N 183 
LEU CG  CD1  sing N N 184 
LEU CG  CD2  sing N N 185 
LEU CG  HG   sing N N 186 
LEU CD1 HD11 sing N N 187 
LEU CD1 HD12 sing N N 188 
LEU CD1 HD13 sing N N 189 
LEU CD2 HD21 sing N N 190 
LEU CD2 HD22 sing N N 191 
LEU CD2 HD23 sing N N 192 
LEU OXT HXT  sing N N 193 
LYS N   CA   sing N N 194 
LYS N   H    sing N N 195 
LYS N   H2   sing N N 196 
LYS CA  C    sing N N 197 
LYS CA  CB   sing N N 198 
LYS CA  HA   sing N N 199 
LYS C   O    doub N N 200 
LYS C   OXT  sing N N 201 
LYS CB  CG   sing N N 202 
LYS CB  HB2  sing N N 203 
LYS CB  HB3  sing N N 204 
LYS CG  CD   sing N N 205 
LYS CG  HG2  sing N N 206 
LYS CG  HG3  sing N N 207 
LYS CD  CE   sing N N 208 
LYS CD  HD2  sing N N 209 
LYS CD  HD3  sing N N 210 
LYS CE  NZ   sing N N 211 
LYS CE  HE2  sing N N 212 
LYS CE  HE3  sing N N 213 
LYS NZ  HZ1  sing N N 214 
LYS NZ  HZ2  sing N N 215 
LYS NZ  HZ3  sing N N 216 
LYS OXT HXT  sing N N 217 
MET N   CA   sing N N 218 
MET N   H    sing N N 219 
MET N   H2   sing N N 220 
MET CA  C    sing N N 221 
MET CA  CB   sing N N 222 
MET CA  HA   sing N N 223 
MET C   O    doub N N 224 
MET C   OXT  sing N N 225 
MET CB  CG   sing N N 226 
MET CB  HB2  sing N N 227 
MET CB  HB3  sing N N 228 
MET CG  SD   sing N N 229 
MET CG  HG2  sing N N 230 
MET CG  HG3  sing N N 231 
MET SD  CE   sing N N 232 
MET CE  HE1  sing N N 233 
MET CE  HE2  sing N N 234 
MET CE  HE3  sing N N 235 
MET OXT HXT  sing N N 236 
PHE N   CA   sing N N 237 
PHE N   H    sing N N 238 
PHE N   H2   sing N N 239 
PHE CA  C    sing N N 240 
PHE CA  CB   sing N N 241 
PHE CA  HA   sing N N 242 
PHE C   O    doub N N 243 
PHE C   OXT  sing N N 244 
PHE CB  CG   sing N N 245 
PHE CB  HB2  sing N N 246 
PHE CB  HB3  sing N N 247 
PHE CG  CD1  doub Y N 248 
PHE CG  CD2  sing Y N 249 
PHE CD1 CE1  sing Y N 250 
PHE CD1 HD1  sing N N 251 
PHE CD2 CE2  doub Y N 252 
PHE CD2 HD2  sing N N 253 
PHE CE1 CZ   doub Y N 254 
PHE CE1 HE1  sing N N 255 
PHE CE2 CZ   sing Y N 256 
PHE CE2 HE2  sing N N 257 
PHE CZ  HZ   sing N N 258 
PHE OXT HXT  sing N N 259 
PRO N   CA   sing N N 260 
PRO N   CD   sing N N 261 
PRO N   H    sing N N 262 
PRO CA  C    sing N N 263 
PRO CA  CB   sing N N 264 
PRO CA  HA   sing N N 265 
PRO C   O    doub N N 266 
PRO C   OXT  sing N N 267 
PRO CB  CG   sing N N 268 
PRO CB  HB2  sing N N 269 
PRO CB  HB3  sing N N 270 
PRO CG  CD   sing N N 271 
PRO CG  HG2  sing N N 272 
PRO CG  HG3  sing N N 273 
PRO CD  HD2  sing N N 274 
PRO CD  HD3  sing N N 275 
PRO OXT HXT  sing N N 276 
SER N   CA   sing N N 277 
SER N   H    sing N N 278 
SER N   H2   sing N N 279 
SER CA  C    sing N N 280 
SER CA  CB   sing N N 281 
SER CA  HA   sing N N 282 
SER C   O    doub N N 283 
SER C   OXT  sing N N 284 
SER CB  OG   sing N N 285 
SER CB  HB2  sing N N 286 
SER CB  HB3  sing N N 287 
SER OG  HG   sing N N 288 
SER OXT HXT  sing N N 289 
SO4 S   O1   doub N N 290 
SO4 S   O2   doub N N 291 
SO4 S   O3   sing N N 292 
SO4 S   O4   sing N N 293 
THR N   CA   sing N N 294 
THR N   H    sing N N 295 
THR N   H2   sing N N 296 
THR CA  C    sing N N 297 
THR CA  CB   sing N N 298 
THR CA  HA   sing N N 299 
THR C   O    doub N N 300 
THR C   OXT  sing N N 301 
THR CB  OG1  sing N N 302 
THR CB  CG2  sing N N 303 
THR CB  HB   sing N N 304 
THR OG1 HG1  sing N N 305 
THR CG2 HG21 sing N N 306 
THR CG2 HG22 sing N N 307 
THR CG2 HG23 sing N N 308 
THR OXT HXT  sing N N 309 
TRP N   CA   sing N N 310 
TRP N   H    sing N N 311 
TRP N   H2   sing N N 312 
TRP CA  C    sing N N 313 
TRP CA  CB   sing N N 314 
TRP CA  HA   sing N N 315 
TRP C   O    doub N N 316 
TRP C   OXT  sing N N 317 
TRP CB  CG   sing N N 318 
TRP CB  HB2  sing N N 319 
TRP CB  HB3  sing N N 320 
TRP CG  CD1  doub Y N 321 
TRP CG  CD2  sing Y N 322 
TRP CD1 NE1  sing Y N 323 
TRP CD1 HD1  sing N N 324 
TRP CD2 CE2  doub Y N 325 
TRP CD2 CE3  sing Y N 326 
TRP NE1 CE2  sing Y N 327 
TRP NE1 HE1  sing N N 328 
TRP CE2 CZ2  sing Y N 329 
TRP CE3 CZ3  doub Y N 330 
TRP CE3 HE3  sing N N 331 
TRP CZ2 CH2  doub Y N 332 
TRP CZ2 HZ2  sing N N 333 
TRP CZ3 CH2  sing Y N 334 
TRP CZ3 HZ3  sing N N 335 
TRP CH2 HH2  sing N N 336 
TRP OXT HXT  sing N N 337 
TYR N   CA   sing N N 338 
TYR N   H    sing N N 339 
TYR N   H2   sing N N 340 
TYR CA  C    sing N N 341 
TYR CA  CB   sing N N 342 
TYR CA  HA   sing N N 343 
TYR C   O    doub N N 344 
TYR C   OXT  sing N N 345 
TYR CB  CG   sing N N 346 
TYR CB  HB2  sing N N 347 
TYR CB  HB3  sing N N 348 
TYR CG  CD1  doub Y N 349 
TYR CG  CD2  sing Y N 350 
TYR CD1 CE1  sing Y N 351 
TYR CD1 HD1  sing N N 352 
TYR CD2 CE2  doub Y N 353 
TYR CD2 HD2  sing N N 354 
TYR CE1 CZ   doub Y N 355 
TYR CE1 HE1  sing N N 356 
TYR CE2 CZ   sing Y N 357 
TYR CE2 HE2  sing N N 358 
TYR CZ  OH   sing N N 359 
TYR OH  HH   sing N N 360 
TYR OXT HXT  sing N N 361 
VAL N   CA   sing N N 362 
VAL N   H    sing N N 363 
VAL N   H2   sing N N 364 
VAL CA  C    sing N N 365 
VAL CA  CB   sing N N 366 
VAL CA  HA   sing N N 367 
VAL C   O    doub N N 368 
VAL C   OXT  sing N N 369 
VAL CB  CG1  sing N N 370 
VAL CB  CG2  sing N N 371 
VAL CB  HB   sing N N 372 
VAL CG1 HG11 sing N N 373 
VAL CG1 HG12 sing N N 374 
VAL CG1 HG13 sing N N 375 
VAL CG2 HG21 sing N N 376 
VAL CG2 HG22 sing N N 377 
VAL CG2 HG23 sing N N 378 
VAL OXT HXT  sing N N 379 
# 
loop_
_pdbx_reflns_twin.domain_id 
_pdbx_reflns_twin.crystal_id 
_pdbx_reflns_twin.diffrn_id 
_pdbx_reflns_twin.type 
_pdbx_reflns_twin.operator 
_pdbx_reflns_twin.fraction 
1 1 1 ? 'H, K, L' 0.158 
2 1 1 ? -h,-k,l   0.842 
# 
_atom_sites.entry_id                    4QQ0 
_atom_sites.fract_transf_matrix[1][1]   -0.02638032 
_atom_sites.fract_transf_matrix[1][2]   -0.03336346 
_atom_sites.fract_transf_matrix[1][3]   -0.00223341 
_atom_sites.fract_transf_matrix[2][1]   0.00541208 
_atom_sites.fract_transf_matrix[2][2]   -0.00298980 
_atom_sites.fract_transf_matrix[2][3]   -0.01926302 
_atom_sites.fract_transf_matrix[3][1]   0.00920294 
_atom_sites.fract_transf_matrix[3][2]   -0.00834478 
_atom_sites.fract_transf_matrix[3][3]   0.00388082 
_atom_sites.fract_transf_vector[1]      1.171825 
_atom_sites.fract_transf_vector[2]      0.280555 
_atom_sites.fract_transf_vector[3]      -0.440754 
# 
loop_
_atom_type.symbol 
C 
N 
O 
S 
# 
loop_
_atom_site.group_PDB 
_atom_site.id 
_atom_site.type_symbol 
_atom_site.label_atom_id 
_atom_site.label_alt_id 
_atom_site.label_comp_id 
_atom_site.label_asym_id 
_atom_site.label_entity_id 
_atom_site.label_seq_id 
_atom_site.pdbx_PDB_ins_code 
_atom_site.Cartn_x 
_atom_site.Cartn_y 
_atom_site.Cartn_z 
_atom_site.occupancy 
_atom_site.B_iso_or_equiv 
_atom_site.pdbx_formal_charge 
_atom_site.auth_seq_id 
_atom_site.auth_comp_id 
_atom_site.auth_asym_id 
_atom_site.auth_atom_id 
_atom_site.pdbx_PDB_model_num 
ATOM   1    N N   . ILE A 1 52  ? 52.582  -9.865  5.531   1.00 34.54 ? 560 ILE A N   1 
ATOM   2    C CA  . ILE A 1 52  ? 52.504  -10.589 4.232   1.00 35.73 ? 560 ILE A CA  1 
ATOM   3    C C   . ILE A 1 52  ? 51.174  -10.289 3.553   1.00 32.83 ? 560 ILE A C   1 
ATOM   4    O O   . ILE A 1 52  ? 50.524  -11.170 2.990   1.00 39.75 ? 560 ILE A O   1 
ATOM   5    C CB  . ILE A 1 52  ? 52.652  -12.115 4.417   1.00 37.53 ? 560 ILE A CB  1 
ATOM   6    C CG1 . ILE A 1 52  ? 52.947  -12.772 3.059   1.00 38.62 ? 560 ILE A CG1 1 
ATOM   7    C CG2 . ILE A 1 52  ? 51.413  -12.703 5.121   1.00 38.33 ? 560 ILE A CG2 1 
ATOM   8    C CD1 . ILE A 1 52  ? 53.121  -14.272 3.058   1.00 39.13 ? 560 ILE A CD1 1 
ATOM   9    N N   . ASP A 1 53  ? 50.775  -9.032  3.607   1.00 28.79 ? 561 ASP A N   1 
ATOM   10   C CA  . ASP A 1 53  ? 49.436  -8.637  3.273   1.00 24.05 ? 561 ASP A CA  1 
ATOM   11   C C   . ASP A 1 53  ? 48.383  -9.428  4.054   1.00 19.26 ? 561 ASP A C   1 
ATOM   12   O O   . ASP A 1 53  ? 48.037  -10.546 3.717   1.00 17.35 ? 561 ASP A O   1 
ATOM   13   C CB  . ASP A 1 53  ? 49.193  -8.649  1.761   1.00 24.47 ? 561 ASP A CB  1 
ATOM   14   C CG  . ASP A 1 53  ? 49.897  -7.486  1.061   1.00 27.04 ? 561 ASP A CG  1 
ATOM   15   O OD1 . ASP A 1 53  ? 51.163  -7.481  1.005   1.00 25.09 ? 561 ASP A OD1 1 
ATOM   16   O OD2 . ASP A 1 53  ? 49.180  -6.578  0.580   1.00 27.20 ? 561 ASP A OD2 1 
ATOM   17   N N   . GLN A 1 54  ? 47.907  -8.804  5.117   1.00 16.17 ? 562 GLN A N   1 
ATOM   18   C CA  . GLN A 1 54  ? 46.628  -9.113  5.713   1.00 14.05 ? 562 GLN A CA  1 
ATOM   19   C C   . GLN A 1 54  ? 45.526  -9.117  4.660   1.00 12.79 ? 562 GLN A C   1 
ATOM   20   O O   . GLN A 1 54  ? 45.574  -8.364  3.705   1.00 12.91 ? 562 GLN A O   1 
ATOM   21   C CB  . GLN A 1 54  ? 46.329  -8.032  6.752   1.00 14.10 ? 562 GLN A CB  1 
ATOM   22   C CG  . GLN A 1 54  ? 44.957  -8.087  7.389   1.00 13.72 ? 562 GLN A CG  1 
ATOM   23   C CD  . GLN A 1 54  ? 44.789  -6.958  8.411   1.00 13.04 ? 562 GLN A CD  1 
ATOM   24   O OE1 . GLN A 1 54  ? 45.330  -7.014  9.528   1.00 12.00 ? 562 GLN A OE1 1 
ATOM   25   N NE2 . GLN A 1 54  ? 44.035  -5.940  8.026   1.00 12.45 ? 562 GLN A NE2 1 
ATOM   26   N N   . ILE A 1 55  ? 44.522  -9.961  4.848   1.00 11.92 ? 563 ILE A N   1 
ATOM   27   C CA  . ILE A 1 55  ? 43.340  -9.980  3.996   1.00 11.54 ? 563 ILE A CA  1 
ATOM   28   C C   . ILE A 1 55  ? 42.758  -8.571  3.912   1.00 11.55 ? 563 ILE A C   1 
ATOM   29   O O   . ILE A 1 55  ? 42.647  -7.871  4.932   1.00 10.47 ? 563 ILE A O   1 
ATOM   30   C CB  . ILE A 1 55  ? 42.282  -10.968 4.551   1.00 12.20 ? 563 ILE A CB  1 
ATOM   31   C CG1 . ILE A 1 55  ? 42.804  -12.394 4.419   1.00 11.81 ? 563 ILE A CG1 1 
ATOM   32   C CG2 . ILE A 1 55  ? 40.926  -10.869 3.839   1.00 11.84 ? 563 ILE A CG2 1 
ATOM   33   C CD1 . ILE A 1 55  ? 42.185  -13.348 5.381   1.00 11.85 ? 563 ILE A CD1 1 
ATOM   34   N N   . ASP A 1 56  ? 42.390  -8.173  2.695   1.00 11.33 ? 564 ASP A N   1 
ATOM   35   C CA  . ASP A 1 56  ? 41.684  -6.926  2.474   1.00 12.03 ? 564 ASP A CA  1 
ATOM   36   C C   . ASP A 1 56  ? 40.190  -6.951  2.961   1.00 11.22 ? 564 ASP A C   1 
ATOM   37   O O   . ASP A 1 56  ? 39.231  -7.153  2.150   1.00 10.50 ? 564 ASP A O   1 
ATOM   38   C CB  . ASP A 1 56  ? 41.779  -6.560  0.982   1.00 13.43 ? 564 ASP A CB  1 
ATOM   39   C CG  . ASP A 1 56  ? 41.261  -5.178  0.680   1.00 16.04 ? 564 ASP A CG  1 
ATOM   40   O OD1 . ASP A 1 56  ? 40.403  -4.624  1.421   1.00 19.01 ? 564 ASP A OD1 1 
ATOM   41   O OD2 . ASP A 1 56  ? 41.682  -4.638  -0.342  1.00 19.43 ? 564 ASP A OD2 1 
ATOM   42   N N   . LEU A 1 57  ? 40.025  -6.656  4.258   1.00 10.37 ? 565 LEU A N   1 
ATOM   43   C CA  . LEU A 1 57  ? 38.740  -6.625  4.946   1.00 10.32 ? 565 LEU A CA  1 
ATOM   44   C C   . LEU A 1 57  ? 37.614  -5.932  4.154   1.00 9.51  ? 565 LEU A C   1 
ATOM   45   O O   . LEU A 1 57  ? 36.550  -6.505  3.973   1.00 8.90  ? 565 LEU A O   1 
ATOM   46   C CB  . LEU A 1 57  ? 38.836  -5.900  6.306   1.00 11.03 ? 565 LEU A CB  1 
ATOM   47   C CG  . LEU A 1 57  ? 39.491  -6.564  7.530   1.00 11.89 ? 565 LEU A CG  1 
ATOM   48   C CD1 . LEU A 1 57  ? 40.848  -7.194  7.249   1.00 12.18 ? 565 LEU A CD1 1 
ATOM   49   C CD2 . LEU A 1 57  ? 39.649  -5.554  8.666   1.00 12.12 ? 565 LEU A CD2 1 
ATOM   50   N N   . ILE A 1 58  ? 37.853  -4.693  3.727   1.00 9.77  ? 566 ILE A N   1 
ATOM   51   C CA  . ILE A 1 58  ? 36.773  -3.829  3.229   1.00 9.92  ? 566 ILE A CA  1 
ATOM   52   C C   . ILE A 1 58  ? 36.174  -4.345  1.936   1.00 9.91  ? 566 ILE A C   1 
ATOM   53   O O   . ILE A 1 58  ? 34.948  -4.488  1.843   1.00 9.47  ? 566 ILE A O   1 
ATOM   54   C CB  . ILE A 1 58  ? 37.172  -2.330  3.159   1.00 10.73 ? 566 ILE A CB  1 
ATOM   55   C CG1 . ILE A 1 58  ? 37.579  -1.867  4.571   1.00 11.17 ? 566 ILE A CG1 1 
ATOM   56   C CG2 . ILE A 1 58  ? 35.995  -1.489  2.665   1.00 11.18 ? 566 ILE A CG2 1 
ATOM   57   C CD1 . ILE A 1 58  ? 36.646  -2.310  5.669   1.00 11.19 ? 566 ILE A CD1 1 
ATOM   58   N N   . HIS A 1 59  ? 37.035  -4.725  0.998   1.00 9.56  ? 567 HIS A N   1 
ATOM   59   C CA  . HIS A 1 59  ? 36.582  -5.268  -0.315  1.00 9.45  ? 567 HIS A CA  1 
ATOM   60   C C   . HIS A 1 59  ? 35.717  -6.522  -0.164  1.00 8.37  ? 567 HIS A C   1 
ATOM   61   O O   . HIS A 1 59  ? 34.662  -6.628  -0.782  1.00 7.23  ? 567 HIS A O   1 
ATOM   62   C CB  . HIS A 1 59  ? 37.763  -5.525  -1.271  1.00 10.02 ? 567 HIS A CB  1 
ATOM   63   C CG  . HIS A 1 59  ? 38.351  -4.267  -1.861  1.00 11.33 ? 567 HIS A CG  1 
ATOM   64   N ND1 . HIS A 1 59  ? 39.709  -4.057  -1.979  1.00 12.05 ? 567 HIS A ND1 1 
ATOM   65   C CD2 . HIS A 1 59  ? 37.760  -3.165  -2.393  1.00 12.70 ? 567 HIS A CD2 1 
ATOM   66   C CE1 . HIS A 1 59  ? 39.936  -2.874  -2.533  1.00 12.64 ? 567 HIS A CE1 1 
ATOM   67   N NE2 . HIS A 1 59  ? 38.771  -2.308  -2.796  1.00 12.87 ? 567 HIS A NE2 1 
ATOM   68   N N   . ASP A 1 60  ? 36.171  -7.433  0.677   1.00 8.08  ? 568 ASP A N   1 
ATOM   69   C CA  . ASP A 1 60  ? 35.411  -8.637  1.017   1.00 8.07  ? 568 ASP A CA  1 
ATOM   70   C C   . ASP A 1 60  ? 33.961  -8.401  1.529   1.00 7.24  ? 568 ASP A C   1 
ATOM   71   O O   . ASP A 1 60  ? 32.996  -9.029  1.062   1.00 6.39  ? 568 ASP A O   1 
ATOM   72   C CB  . ASP A 1 60  ? 36.204  -9.449  2.025   1.00 8.49  ? 568 ASP A CB  1 
ATOM   73   C CG  . ASP A 1 60  ? 37.391  -10.147 1.389   1.00 9.26  ? 568 ASP A CG  1 
ATOM   74   O OD1 . ASP A 1 60  ? 37.621  -9.970  0.157   1.00 9.66  ? 568 ASP A OD1 1 
ATOM   75   O OD2 . ASP A 1 60  ? 38.051  -10.916 2.099   1.00 9.44  ? 568 ASP A OD2 1 
ATOM   76   N N   . ILE A 1 61  ? 33.838  -7.525  2.507   1.00 7.02  ? 569 ILE A N   1 
ATOM   77   C CA  . ILE A 1 61  ? 32.539  -7.198  3.067   1.00 7.14  ? 569 ILE A CA  1 
ATOM   78   C C   . ILE A 1 61  ? 31.612  -6.593  1.993   1.00 7.52  ? 569 ILE A C   1 
ATOM   79   O O   . ILE A 1 61  ? 30.439  -6.985  1.862   1.00 7.22  ? 569 ILE A O   1 
ATOM   80   C CB  . ILE A 1 61  ? 32.641  -6.293  4.306   1.00 7.10  ? 569 ILE A CB  1 
ATOM   81   C CG1 . ILE A 1 61  ? 33.290  -7.082  5.469   1.00 7.35  ? 569 ILE A CG1 1 
ATOM   82   C CG2 . ILE A 1 61  ? 31.225  -5.822  4.683   1.00 7.00  ? 569 ILE A CG2 1 
ATOM   83   C CD1 . ILE A 1 61  ? 33.563  -6.301  6.723   1.00 7.36  ? 569 ILE A CD1 1 
ATOM   84   N N   . GLU A 1 62  ? 32.166  -5.693  1.191   1.00 8.25  ? 570 GLU A N   1 
ATOM   85   C CA  . GLU A 1 62  ? 31.365  -4.959  0.234   1.00 9.51  ? 570 GLU A CA  1 
ATOM   86   C C   . GLU A 1 62  ? 30.909  -5.807  -0.935  1.00 9.56  ? 570 GLU A C   1 
ATOM   87   O O   . GLU A 1 62  ? 29.834  -5.523  -1.556  1.00 9.96  ? 570 GLU A O   1 
ATOM   88   C CB  . GLU A 1 62  ? 32.120  -3.746  -0.282  1.00 10.17 ? 570 GLU A CB  1 
ATOM   89   C CG  . GLU A 1 62  ? 32.036  -2.517  0.626   1.00 11.37 ? 570 GLU A CG  1 
ATOM   90   C CD  . GLU A 1 62  ? 33.084  -1.497  0.213   1.00 12.49 ? 570 GLU A CD  1 
ATOM   91   O OE1 . GLU A 1 62  ? 33.772  -1.763  -0.824  1.00 13.66 ? 570 GLU A OE1 1 
ATOM   92   O OE2 . GLU A 1 62  ? 33.274  -0.477  0.930   1.00 13.34 ? 570 GLU A OE2 1 
ATOM   93   N N   . HIS A 1 63  ? 31.689  -6.834  -1.249  1.00 9.43  ? 571 HIS A N   1 
ATOM   94   C CA  . HIS A 1 63  ? 31.292  -7.756  -2.317  1.00 10.24 ? 571 HIS A CA  1 
ATOM   95   C C   . HIS A 1 63  ? 29.944  -8.468  -2.004  1.00 9.26  ? 571 HIS A C   1 
ATOM   96   O O   . HIS A 1 63  ? 29.155  -8.754  -2.905  1.00 8.41  ? 571 HIS A O   1 
ATOM   97   C CB  . HIS A 1 63  ? 32.385  -8.784  -2.552  1.00 11.60 ? 571 HIS A CB  1 
ATOM   98   C CG  . HIS A 1 63  ? 32.218  -9.562  -3.815  1.00 13.37 ? 571 HIS A CG  1 
ATOM   99   N ND1 . HIS A 1 63  ? 32.512  -9.037  -5.062  1.00 15.00 ? 571 HIS A ND1 1 
ATOM   100  C CD2 . HIS A 1 63  ? 31.831  -10.843 -4.027  1.00 14.83 ? 571 HIS A CD2 1 
ATOM   101  C CE1 . HIS A 1 63  ? 32.266  -9.950  -5.990  1.00 14.94 ? 571 HIS A CE1 1 
ATOM   102  N NE2 . HIS A 1 63  ? 31.863  -11.056 -5.387  1.00 15.16 ? 571 HIS A NE2 1 
ATOM   103  N N   . VAL A 1 64  ? 29.693  -8.680  -0.719  1.00 8.50  ? 572 VAL A N   1 
ATOM   104  C CA  . VAL A 1 64  ? 28.457  -9.286  -0.236  1.00 8.36  ? 572 VAL A CA  1 
ATOM   105  C C   . VAL A 1 64  ? 27.332  -8.282  -0.098  1.00 8.45  ? 572 VAL A C   1 
ATOM   106  O O   . VAL A 1 64  ? 26.280  -8.411  -0.688  1.00 7.60  ? 572 VAL A O   1 
ATOM   107  C CB  . VAL A 1 64  ? 28.657  -9.896  1.155   1.00 8.31  ? 572 VAL A CB  1 
ATOM   108  C CG1 . VAL A 1 64  ? 27.337  -10.487 1.667   1.00 8.25  ? 572 VAL A CG1 1 
ATOM   109  C CG2 . VAL A 1 64  ? 29.761  -10.946 1.101   1.00 8.34  ? 572 VAL A CG2 1 
ATOM   110  N N   . ILE A 1 65  ? 27.564  -7.266  0.710   1.00 9.10  ? 573 ILE A N   1 
ATOM   111  C CA  . ILE A 1 65  ? 26.459  -6.431  1.102   1.00 10.12 ? 573 ILE A CA  1 
ATOM   112  C C   . ILE A 1 65  ? 25.929  -5.593  -0.076  1.00 10.47 ? 573 ILE A C   1 
ATOM   113  O O   . ILE A 1 65  ? 24.804  -5.067  -0.026  1.00 10.57 ? 573 ILE A O   1 
ATOM   114  C CB  . ILE A 1 65  ? 26.781  -5.536  2.318   1.00 10.37 ? 573 ILE A CB  1 
ATOM   115  C CG1 . ILE A 1 65  ? 27.825  -4.493  2.005   1.00 10.72 ? 573 ILE A CG1 1 
ATOM   116  C CG2 . ILE A 1 65  ? 27.159  -6.332  3.552   1.00 10.26 ? 573 ILE A CG2 1 
ATOM   117  C CD1 . ILE A 1 65  ? 27.359  -3.158  2.572   1.00 10.50 ? 573 ILE A CD1 1 
ATOM   118  N N   . GLN A 1 66  ? 26.725  -5.475  -1.136  1.00 10.72 ? 574 GLN A N   1 
ATOM   119  C CA  . GLN A 1 66  ? 26.271  -4.750  -2.313  1.00 11.24 ? 574 GLN A CA  1 
ATOM   120  C C   . GLN A 1 66  ? 25.136  -5.524  -3.047  1.00 10.54 ? 574 GLN A C   1 
ATOM   121  O O   . GLN A 1 66  ? 24.415  -4.934  -3.831  1.00 9.34  ? 574 GLN A O   1 
ATOM   122  C CB  . GLN A 1 66  ? 27.482  -4.256  -3.180  1.00 12.74 ? 574 GLN A CB  1 
ATOM   123  C CG  . GLN A 1 66  ? 28.227  -3.108  -2.458  1.00 14.12 ? 574 GLN A CG  1 
ATOM   124  C CD  . GLN A 1 66  ? 29.540  -2.628  -3.075  1.00 16.02 ? 574 GLN A CD  1 
ATOM   125  O OE1 . GLN A 1 66  ? 30.298  -3.382  -3.666  1.00 16.85 ? 574 GLN A OE1 1 
ATOM   126  N NE2 . GLN A 1 66  ? 29.825  -1.337  -2.898  1.00 18.01 ? 574 GLN A NE2 1 
ATOM   127  N N   . GLN A 1 67  ? 24.891  -6.807  -2.738  1.00 10.29 ? 575 GLN A N   1 
ATOM   128  C CA  . GLN A 1 67  ? 23.793  -7.500  -3.415  1.00 10.39 ? 575 GLN A CA  1 
ATOM   129  C C   . GLN A 1 67  ? 22.407  -7.282  -2.741  1.00 8.95  ? 575 GLN A C   1 
ATOM   130  O O   . GLN A 1 67  ? 21.398  -7.807  -3.206  1.00 9.04  ? 575 GLN A O   1 
ATOM   131  C CB  . GLN A 1 67  ? 24.014  -9.009  -3.464  1.00 11.89 ? 575 GLN A CB  1 
ATOM   132  C CG  . GLN A 1 67  ? 25.388  -9.498  -3.835  1.00 13.96 ? 575 GLN A CG  1 
ATOM   133  C CD  . GLN A 1 67  ? 25.492  -10.972 -3.549  1.00 15.73 ? 575 GLN A CD  1 
ATOM   134  O OE1 . GLN A 1 67  ? 26.081  -11.393 -2.554  1.00 21.05 ? 575 GLN A OE1 1 
ATOM   135  N NE2 . GLN A 1 67  ? 24.853  -11.762 -4.378  1.00 17.26 ? 575 GLN A NE2 1 
ATOM   136  N N   . PHE A 1 68  ? 22.372  -6.585  -1.618  1.00 7.53  ? 576 PHE A N   1 
ATOM   137  C CA  . PHE A 1 68  ? 21.139  -6.450  -0.844  1.00 6.52  ? 576 PHE A CA  1 
ATOM   138  C C   . PHE A 1 68  ? 20.943  -4.966  -0.608  1.00 5.86  ? 576 PHE A C   1 
ATOM   139  O O   . PHE A 1 68  ? 21.596  -4.420  0.279   1.00 5.65  ? 576 PHE A O   1 
ATOM   140  C CB  . PHE A 1 68  ? 21.305  -7.181  0.455   1.00 6.47  ? 576 PHE A CB  1 
ATOM   141  C CG  . PHE A 1 68  ? 21.431  -8.641  0.272   1.00 6.81  ? 576 PHE A CG  1 
ATOM   142  C CD1 . PHE A 1 68  ? 20.311  -9.405  0.086   1.00 6.83  ? 576 PHE A CD1 1 
ATOM   143  C CD2 . PHE A 1 68  ? 22.680  -9.218  0.130   1.00 7.06  ? 576 PHE A CD2 1 
ATOM   144  C CE1 . PHE A 1 68  ? 20.422  -10.740 -0.113  1.00 7.33  ? 576 PHE A CE1 1 
ATOM   145  C CE2 . PHE A 1 68  ? 22.809  -10.561 -0.083  1.00 7.28  ? 576 PHE A CE2 1 
ATOM   146  C CZ  . PHE A 1 68  ? 21.682  -11.325 -0.226  1.00 7.36  ? 576 PHE A CZ  1 
ATOM   147  N N   . PRO A 1 69  ? 20.131  -4.294  -1.471  1.00 5.07  ? 577 PRO A N   1 
ATOM   148  C CA  . PRO A 1 69  ? 19.827  -2.878  -1.334  1.00 4.53  ? 577 PRO A CA  1 
ATOM   149  C C   . PRO A 1 69  ? 19.251  -2.562  0.006   1.00 4.12  ? 577 PRO A C   1 
ATOM   150  O O   . PRO A 1 69  ? 18.359  -3.302  0.507   1.00 3.75  ? 577 PRO A O   1 
ATOM   151  C CB  . PRO A 1 69  ? 18.746  -2.621  -2.407  1.00 4.67  ? 577 PRO A CB  1 
ATOM   152  C CG  . PRO A 1 69  ? 19.042  -3.656  -3.449  1.00 4.88  ? 577 PRO A CG  1 
ATOM   153  C CD  . PRO A 1 69  ? 19.583  -4.852  -2.730  1.00 4.90  ? 577 PRO A CD  1 
ATOM   154  N N   . THR A 1 70  ? 19.786  -1.468  0.568   1.00 3.69  ? 578 THR A N   1 
ATOM   155  C CA  . THR A 1 70  ? 19.431  -0.926  1.844   1.00 3.52  ? 578 THR A CA  1 
ATOM   156  C C   . THR A 1 70  ? 20.304  -1.494  2.942   1.00 3.32  ? 578 THR A C   1 
ATOM   157  O O   . THR A 1 70  ? 20.254  -1.021  4.038   1.00 3.45  ? 578 THR A O   1 
ATOM   158  C CB  . THR A 1 70  ? 17.909  -1.045  2.232   1.00 3.55  ? 578 THR A CB  1 
ATOM   159  O OG1 . THR A 1 70  ? 17.593  -2.386  2.645   1.00 3.49  ? 578 THR A OG1 1 
ATOM   160  C CG2 . THR A 1 70  ? 16.989  -0.576  1.097   1.00 3.56  ? 578 THR A CG2 1 
ATOM   161  N N   . VAL A 1 71  ? 21.161  -2.441  2.631   1.00 3.11  ? 579 VAL A N   1 
ATOM   162  C CA  . VAL A 1 71  ? 22.020  -2.965  3.663   1.00 2.93  ? 579 VAL A CA  1 
ATOM   163  C C   . VAL A 1 71  ? 23.280  -2.122  3.905   1.00 2.72  ? 579 VAL A C   1 
ATOM   164  O O   . VAL A 1 71  ? 23.870  -1.643  2.954   1.00 2.89  ? 579 VAL A O   1 
ATOM   165  C CB  . VAL A 1 71  ? 22.313  -4.409  3.396   1.00 2.94  ? 579 VAL A CB  1 
ATOM   166  C CG1 . VAL A 1 71  ? 23.306  -4.924  4.401   1.00 3.00  ? 579 VAL A CG1 1 
ATOM   167  C CG2 . VAL A 1 71  ? 21.022  -5.225  3.487   1.00 2.93  ? 579 VAL A CG2 1 
ATOM   168  N N   . ARG A 1 72  ? 23.661  -1.958  5.179   1.00 2.52  ? 580 ARG A N   1 
ATOM   169  C CA  . ARG A 1 72  ? 24.824  -1.178  5.651   1.00 2.26  ? 580 ARG A CA  1 
ATOM   170  C C   . ARG A 1 72  ? 25.619  -1.977  6.719   1.00 2.58  ? 580 ARG A C   1 
ATOM   171  O O   . ARG A 1 72  ? 25.067  -2.948  7.304   1.00 2.49  ? 580 ARG A O   1 
ATOM   172  C CB  . ARG A 1 72  ? 24.305  0.110   6.285   1.00 2.11  ? 580 ARG A CB  1 
ATOM   173  C CG  . ARG A 1 72  ? 23.512  0.971   5.311   1.00 2.00  ? 580 ARG A CG  1 
ATOM   174  C CD  . ARG A 1 72  ? 24.377  1.397   4.111   1.00 2.00  ? 580 ARG A CD  1 
ATOM   175  N NE  . ARG A 1 72  ? 23.479  2.124   3.187   1.00 2.00  ? 580 ARG A NE  1 
ATOM   176  C CZ  . ARG A 1 72  ? 22.792  1.592   2.178   1.00 2.00  ? 580 ARG A CZ  1 
ATOM   177  N NH1 . ARG A 1 72  ? 22.985  0.337   1.766   1.00 2.00  ? 580 ARG A NH1 1 
ATOM   178  N NH2 . ARG A 1 72  ? 21.955  2.374   1.504   1.00 2.00  ? 580 ARG A NH2 1 
ATOM   179  N N   . PHE A 1 73  ? 26.858  -1.562  6.993   1.00 3.02  ? 581 PHE A N   1 
ATOM   180  C CA  . PHE A 1 73  ? 27.778  -2.252  7.931   1.00 3.65  ? 581 PHE A CA  1 
ATOM   181  C C   . PHE A 1 73  ? 28.868  -1.407  8.593   1.00 4.15  ? 581 PHE A C   1 
ATOM   182  O O   . PHE A 1 73  ? 29.252  -0.376  8.098   1.00 4.34  ? 581 PHE A O   1 
ATOM   183  C CB  . PHE A 1 73  ? 28.500  -3.412  7.237   1.00 3.79  ? 581 PHE A CB  1 
ATOM   184  C CG  . PHE A 1 73  ? 29.717  -3.002  6.465   1.00 3.97  ? 581 PHE A CG  1 
ATOM   185  C CD1 . PHE A 1 73  ? 30.994  -2.977  7.066   1.00 4.18  ? 581 PHE A CD1 1 
ATOM   186  C CD2 . PHE A 1 73  ? 29.618  -2.667  5.125   1.00 4.09  ? 581 PHE A CD2 1 
ATOM   187  C CE1 . PHE A 1 73  ? 32.131  -2.584  6.336   1.00 4.24  ? 581 PHE A CE1 1 
ATOM   188  C CE2 . PHE A 1 73  ? 30.748  -2.282  4.386   1.00 4.19  ? 581 PHE A CE2 1 
ATOM   189  C CZ  . PHE A 1 73  ? 32.022  -2.214  5.014   1.00 4.28  ? 581 PHE A CZ  1 
ATOM   190  N N   . THR A 1 74  ? 29.397  -1.926  9.692   1.00 4.83  ? 582 THR A N   1 
ATOM   191  C CA  . THR A 1 74  ? 30.576  -1.420  10.380  1.00 5.57  ? 582 THR A CA  1 
ATOM   192  C C   . THR A 1 74  ? 31.397  -2.646  10.844  1.00 5.72  ? 582 THR A C   1 
ATOM   193  O O   . THR A 1 74  ? 30.809  -3.660  11.199  1.00 5.64  ? 582 THR A O   1 
ATOM   194  C CB  . THR A 1 74  ? 30.187  -0.666  11.656  1.00 6.13  ? 582 THR A CB  1 
ATOM   195  O OG1 . THR A 1 74  ? 29.511  0.559   11.312  1.00 7.09  ? 582 THR A OG1 1 
ATOM   196  C CG2 . THR A 1 74  ? 31.447  -0.368  12.541  1.00 6.34  ? 582 THR A CG2 1 
ATOM   197  N N   . PHE A 1 75  ? 32.725  -2.531  10.902  1.00 5.94  ? 583 PHE A N   1 
ATOM   198  C CA  . PHE A 1 75  ? 33.595  -3.612  11.373  1.00 6.50  ? 583 PHE A CA  1 
ATOM   199  C C   . PHE A 1 75  ? 34.580  -3.161  12.488  1.00 7.20  ? 583 PHE A C   1 
ATOM   200  O O   . PHE A 1 75  ? 35.225  -2.083  12.411  1.00 7.47  ? 583 PHE A O   1 
ATOM   201  C CB  . PHE A 1 75  ? 34.340  -4.217  10.178  1.00 6.35  ? 583 PHE A CB  1 
ATOM   202  C CG  . PHE A 1 75  ? 35.187  -5.394  10.531  1.00 6.26  ? 583 PHE A CG  1 
ATOM   203  C CD1 . PHE A 1 75  ? 34.610  -6.616  10.769  1.00 6.19  ? 583 PHE A CD1 1 
ATOM   204  C CD2 . PHE A 1 75  ? 36.539  -5.253  10.685  1.00 6.33  ? 583 PHE A CD2 1 
ATOM   205  C CE1 . PHE A 1 75  ? 35.399  -7.687  11.120  1.00 6.14  ? 583 PHE A CE1 1 
ATOM   206  C CE2 . PHE A 1 75  ? 37.344  -6.325  11.019  1.00 6.37  ? 583 PHE A CE2 1 
ATOM   207  C CZ  . PHE A 1 75  ? 36.755  -7.554  11.226  1.00 6.18  ? 583 PHE A CZ  1 
ATOM   208  N N   . ASN A 1 76  ? 34.707  -3.969  13.531  1.00 8.30  ? 584 ASN A N   1 
ATOM   209  C CA  . ASN A 1 76  ? 35.652  -3.655  14.605  1.00 9.32  ? 584 ASN A CA  1 
ATOM   210  C C   . ASN A 1 76  ? 36.873  -4.545  14.537  1.00 9.92  ? 584 ASN A C   1 
ATOM   211  O O   . ASN A 1 76  ? 36.832  -5.666  14.950  1.00 9.77  ? 584 ASN A O   1 
ATOM   212  C CB  . ASN A 1 76  ? 34.992  -3.775  15.972  1.00 10.66 ? 584 ASN A CB  1 
ATOM   213  C CG  . ASN A 1 76  ? 35.939  -3.438  17.118  1.00 12.15 ? 584 ASN A CG  1 
ATOM   214  O OD1 . ASN A 1 76  ? 37.144  -3.243  16.949  1.00 13.65 ? 584 ASN A OD1 1 
ATOM   215  N ND2 . ASN A 1 76  ? 35.383  -3.324  18.285  1.00 13.68 ? 584 ASN A ND2 1 
ATOM   216  N N   . LYS A 1 77  ? 37.981  -4.036  14.021  1.00 10.84 ? 585 LYS A N   1 
ATOM   217  C CA  . LYS A 1 77  ? 39.166  -4.889  13.852  1.00 12.39 ? 585 LYS A CA  1 
ATOM   218  C C   . LYS A 1 77  ? 39.826  -5.336  15.142  1.00 13.06 ? 585 LYS A C   1 
ATOM   219  O O   . LYS A 1 77  ? 40.519  -6.342  15.143  1.00 12.89 ? 585 LYS A O   1 
ATOM   220  C CB  . LYS A 1 77  ? 40.203  -4.227  12.979  1.00 13.71 ? 585 LYS A CB  1 
ATOM   221  C CG  . LYS A 1 77  ? 40.921  -3.064  13.611  1.00 14.61 ? 585 LYS A CG  1 
ATOM   222  C CD  . LYS A 1 77  ? 41.606  -2.270  12.503  1.00 16.17 ? 585 LYS A CD  1 
ATOM   223  C CE  . LYS A 1 77  ? 40.643  -1.269  11.848  1.00 16.58 ? 585 LYS A CE  1 
ATOM   224  N NZ  . LYS A 1 77  ? 41.108  -0.681  10.558  1.00 16.25 ? 585 LYS A NZ  1 
ATOM   225  N N   . ASN A 1 78  ? 39.596  -4.610  16.228  1.00 12.87 ? 586 ASN A N   1 
ATOM   226  C CA  . ASN A 1 78  ? 40.166  -4.987  17.509  1.00 14.18 ? 586 ASN A CA  1 
ATOM   227  C C   . ASN A 1 78  ? 39.570  -6.253  18.072  1.00 12.58 ? 586 ASN A C   1 
ATOM   228  O O   . ASN A 1 78  ? 40.273  -7.024  18.750  1.00 13.04 ? 586 ASN A O   1 
ATOM   229  C CB  . ASN A 1 78  ? 40.037  -3.847  18.511  1.00 15.05 ? 586 ASN A CB  1 
ATOM   230  C CG  . ASN A 1 78  ? 40.874  -2.665  18.125  1.00 17.29 ? 586 ASN A CG  1 
ATOM   231  O OD1 . ASN A 1 78  ? 40.358  -1.569  17.837  1.00 17.76 ? 586 ASN A OD1 1 
ATOM   232  N ND2 . ASN A 1 78  ? 42.198  -2.883  18.074  1.00 18.92 ? 586 ASN A ND2 1 
ATOM   233  N N   . ASN A 1 79  ? 38.279  -6.470  17.810  1.00 10.82 ? 587 ASN A N   1 
ATOM   234  C CA  . ASN A 1 79  ? 37.618  -7.695  18.236  1.00 9.76  ? 587 ASN A CA  1 
ATOM   235  C C   . ASN A 1 79  ? 36.906  -8.478  17.145  1.00 8.99  ? 587 ASN A C   1 
ATOM   236  O O   . ASN A 1 79  ? 36.317  -9.504  17.404  1.00 9.08  ? 587 ASN A O   1 
ATOM   237  C CB  . ASN A 1 79  ? 36.680  -7.391  19.384  1.00 10.14 ? 587 ASN A CB  1 
ATOM   238  C CG  . ASN A 1 79  ? 35.464  -6.621  18.961  1.00 10.21 ? 587 ASN A CG  1 
ATOM   239  O OD1 . ASN A 1 79  ? 35.115  -6.559  17.771  1.00 9.90  ? 587 ASN A OD1 1 
ATOM   240  N ND2 . ASN A 1 79  ? 34.759  -6.082  19.938  1.00 10.56 ? 587 ASN A ND2 1 
ATOM   241  N N   . GLY A 1 80  ? 36.955  -8.019  15.909  1.00 8.22  ? 588 GLY A N   1 
ATOM   242  C CA  . GLY A 1 80  ? 36.445  -8.808  14.782  1.00 7.14  ? 588 GLY A CA  1 
ATOM   243  C C   . GLY A 1 80  ? 34.924  -8.770  14.597  1.00 6.50  ? 588 GLY A C   1 
ATOM   244  O O   . GLY A 1 80  ? 34.372  -9.602  13.853  1.00 5.88  ? 588 GLY A O   1 
ATOM   245  N N   . GLN A 1 81  ? 34.222  -7.816  15.231  1.00 5.66  ? 589 GLN A N   1 
ATOM   246  C CA  . GLN A 1 81  ? 32.752  -7.860  15.176  1.00 5.34  ? 589 GLN A CA  1 
ATOM   247  C C   . GLN A 1 81  ? 32.229  -7.065  13.982  1.00 3.98  ? 589 GLN A C   1 
ATOM   248  O O   . GLN A 1 81  ? 32.573  -5.909  13.846  1.00 3.99  ? 589 GLN A O   1 
ATOM   249  C CB  . GLN A 1 81  ? 32.084  -7.335  16.441  1.00 6.09  ? 589 GLN A CB  1 
ATOM   250  C CG  . GLN A 1 81  ? 30.553  -7.373  16.306  1.00 7.15  ? 589 GLN A CG  1 
ATOM   251  C CD  . GLN A 1 81  ? 29.838  -6.523  17.352  1.00 8.09  ? 589 GLN A CD  1 
ATOM   252  O OE1 . GLN A 1 81  ? 30.069  -5.293  17.445  1.00 9.27  ? 589 GLN A OE1 1 
ATOM   253  N NE2 . GLN A 1 81  ? 28.997  -7.155  18.144  1.00 8.58  ? 589 GLN A NE2 1 
ATOM   254  N N   . LEU A 1 82  ? 31.441  -7.704  13.118  1.00 2.83  ? 590 LEU A N   1 
ATOM   255  C CA  . LEU A 1 82  ? 30.735  -7.017  12.028  1.00 2.13  ? 590 LEU A CA  1 
ATOM   256  C C   . LEU A 1 82  ? 29.294  -6.494  12.357  1.00 2.00  ? 590 LEU A C   1 
ATOM   257  O O   . LEU A 1 82  ? 28.379  -7.288  12.545  1.00 2.00  ? 590 LEU A O   1 
ATOM   258  C CB  . LEU A 1 82  ? 30.594  -7.884  10.784  1.00 2.00  ? 590 LEU A CB  1 
ATOM   259  C CG  . LEU A 1 82  ? 29.809  -7.235  9.637   1.00 2.00  ? 590 LEU A CG  1 
ATOM   260  C CD1 . LEU A 1 82  ? 30.649  -6.238  8.911   1.00 2.00  ? 590 LEU A CD1 1 
ATOM   261  C CD2 . LEU A 1 82  ? 29.487  -8.377  8.709   1.00 2.00  ? 590 LEU A CD2 1 
ATOM   262  N N   . PHE A 1 83  ? 29.040  -5.193  12.293  1.00 2.00  ? 591 PHE A N   1 
ATOM   263  C CA  . PHE A 1 83  ? 27.654  -4.678  12.579  1.00 2.00  ? 591 PHE A CA  1 
ATOM   264  C C   . PHE A 1 83  ? 26.908  -4.549  11.235  1.00 2.00  ? 591 PHE A C   1 
ATOM   265  O O   . PHE A 1 83  ? 27.529  -4.112  10.271  1.00 2.00  ? 591 PHE A O   1 
ATOM   266  C CB  . PHE A 1 83  ? 27.691  -3.339  13.337  1.00 2.00  ? 591 PHE A CB  1 
ATOM   267  C CG  . PHE A 1 83  ? 26.307  -2.680  13.531  1.00 2.00  ? 591 PHE A CG  1 
ATOM   268  C CD1 . PHE A 1 83  ? 25.708  -1.945  12.513  1.00 2.00  ? 591 PHE A CD1 1 
ATOM   269  C CD2 . PHE A 1 83  ? 25.590  -2.825  14.718  1.00 2.00  ? 591 PHE A CD2 1 
ATOM   270  C CE1 . PHE A 1 83  ? 24.443  -1.359  12.666  1.00 2.00  ? 591 PHE A CE1 1 
ATOM   271  C CE2 . PHE A 1 83  ? 24.326  -2.227  14.878  1.00 2.00  ? 591 PHE A CE2 1 
ATOM   272  C CZ  . PHE A 1 83  ? 23.767  -1.496  13.843  1.00 2.00  ? 591 PHE A CZ  1 
ATOM   273  N N   . LEU A 1 84  ? 25.652  -5.052  11.166  1.00 2.00  ? 592 LEU A N   1 
ATOM   274  C CA  . LEU A 1 84  ? 24.689  -4.932  9.993   1.00 2.00  ? 592 LEU A CA  1 
ATOM   275  C C   . LEU A 1 84  ? 23.293  -4.393  10.256  1.00 2.00  ? 592 LEU A C   1 
ATOM   276  O O   . LEU A 1 84  ? 22.535  -4.845  11.149  1.00 2.00  ? 592 LEU A O   1 
ATOM   277  C CB  . LEU A 1 84  ? 24.346  -6.265  9.337   1.00 2.00  ? 592 LEU A CB  1 
ATOM   278  C CG  . LEU A 1 84  ? 25.368  -7.148  8.720   1.00 2.00  ? 592 LEU A CG  1 
ATOM   279  C CD1 . LEU A 1 84  ? 24.609  -8.344  8.114   1.00 2.00  ? 592 LEU A CD1 1 
ATOM   280  C CD2 . LEU A 1 84  ? 26.188  -6.429  7.653   1.00 2.00  ? 592 LEU A CD2 1 
ATOM   281  N N   . ILE A 1 85  ? 22.828  -3.563  9.338   1.00 2.00  ? 593 ILE A N   1 
ATOM   282  C CA  . ILE A 1 85  ? 21.493  -3.033  9.455   1.00 2.00  ? 593 ILE A CA  1 
ATOM   283  C C   . ILE A 1 85  ? 20.853  -2.853  8.040   1.00 2.00  ? 593 ILE A C   1 
ATOM   284  O O   . ILE A 1 85  ? 21.588  -2.767  7.034   1.00 2.00  ? 593 ILE A O   1 
ATOM   285  C CB  . ILE A 1 85  ? 21.571  -1.734  10.320  1.00 2.00  ? 593 ILE A CB  1 
ATOM   286  C CG1 . ILE A 1 85  ? 20.169  -1.180  10.582  1.00 2.00  ? 593 ILE A CG1 1 
ATOM   287  C CG2 . ILE A 1 85  ? 22.483  -0.696  9.669   1.00 2.00  ? 593 ILE A CG2 1 
ATOM   288  C CD1 . ILE A 1 85  ? 20.083  -0.561  11.953  1.00 2.00  ? 593 ILE A CD1 1 
ATOM   289  N N   . GLY A 1 86  ? 19.512  -2.813  7.981   1.00 2.00  ? 594 GLY A N   1 
ATOM   290  C CA  . GLY A 1 86  ? 18.718  -2.496  6.756   1.00 2.00  ? 594 GLY A CA  1 
ATOM   291  C C   . GLY A 1 86  ? 17.493  -3.362  6.497   1.00 2.00  ? 594 GLY A C   1 
ATOM   292  O O   . GLY A 1 86  ? 16.837  -3.814  7.450   1.00 2.00  ? 594 GLY A O   1 
ATOM   293  N N   . HIS A 1 87  ? 17.070  -3.508  5.232   1.00 2.00  ? 595 HIS A N   1 
ATOM   294  C CA  . HIS A 1 87  ? 15.848  -4.228  4.914   1.00 2.00  ? 595 HIS A CA  1 
ATOM   295  C C   . HIS A 1 87  ? 16.108  -5.186  3.803   1.00 2.00  ? 595 HIS A C   1 
ATOM   296  O O   . HIS A 1 87  ? 17.003  -4.973  2.969   1.00 2.00  ? 595 HIS A O   1 
ATOM   297  C CB  . HIS A 1 87  ? 14.666  -3.344  4.424   1.00 2.00  ? 595 HIS A CB  1 
ATOM   298  C CG  . HIS A 1 87  ? 14.243  -2.297  5.395   1.00 2.00  ? 595 HIS A CG  1 
ATOM   299  N ND1 . HIS A 1 87  ? 13.140  -2.444  6.190   1.00 2.00  ? 595 HIS A ND1 1 
ATOM   300  C CD2 . HIS A 1 87  ? 14.768  -1.079  5.706   1.00 2.00  ? 595 HIS A CD2 1 
ATOM   301  C CE1 . HIS A 1 87  ? 13.004  -1.378  6.970   1.00 2.00  ? 595 HIS A CE1 1 
ATOM   302  N NE2 . HIS A 1 87  ? 13.955  -0.517  6.664   1.00 2.00  ? 595 HIS A NE2 1 
ATOM   303  N N   . VAL A 1 88  ? 15.310  -6.265  3.857   1.00 2.00  ? 596 VAL A N   1 
ATOM   304  C CA  . VAL A 1 88  ? 15.244  -7.275  2.786   1.00 2.00  ? 596 VAL A CA  1 
ATOM   305  C C   . VAL A 1 88  ? 13.754  -7.579  2.531   1.00 2.21  ? 596 VAL A C   1 
ATOM   306  O O   . VAL A 1 88  ? 12.882  -7.265  3.375   1.00 2.22  ? 596 VAL A O   1 
ATOM   307  C CB  . VAL A 1 88  ? 16.060  -8.551  3.133   1.00 2.06  ? 596 VAL A CB  1 
ATOM   308  C CG1 . VAL A 1 88  ? 17.560  -8.251  3.119   1.00 2.02  ? 596 VAL A CG1 1 
ATOM   309  C CG2 . VAL A 1 88  ? 15.705  -9.119  4.495   1.00 2.07  ? 596 VAL A CG2 1 
ATOM   310  N N   A ARG A 1 89  ? 13.452  -8.154  1.353   0.50 2.32  ? 597 ARG A N   1 
ATOM   311  N N   B ARG A 1 89  ? 13.459  -8.173  1.372   0.50 2.42  ? 597 ARG A N   1 
ATOM   312  C CA  A ARG A 1 89  ? 12.060  -8.335  0.877   0.50 2.46  ? 597 ARG A CA  1 
ATOM   313  C CA  B ARG A 1 89  ? 12.081  -8.339  0.908   0.50 2.63  ? 597 ARG A CA  1 
ATOM   314  C C   A ARG A 1 89  ? 11.312  -9.377  1.724   0.50 2.57  ? 597 ARG A C   1 
ATOM   315  C C   B ARG A 1 89  ? 11.322  -9.360  1.756   0.50 2.68  ? 597 ARG A C   1 
ATOM   316  O O   A ARG A 1 89  ? 10.122  -9.230  2.039   0.50 2.49  ? 597 ARG A O   1 
ATOM   317  O O   B ARG A 1 89  ? 10.136  -9.205  2.077   0.50 2.58  ? 597 ARG A O   1 
ATOM   318  C CB  A ARG A 1 89  ? 12.051  -8.679  -0.648  0.50 2.47  ? 597 ARG A CB  1 
ATOM   319  C CB  B ARG A 1 89  ? 12.098  -8.783  -0.561  0.50 2.79  ? 597 ARG A CB  1 
ATOM   320  C CG  A ARG A 1 89  ? 10.873  -9.506  -1.194  0.50 2.50  ? 597 ARG A CG  1 
ATOM   321  C CG  B ARG A 1 89  ? 10.778  -8.637  -1.280  0.50 2.93  ? 597 ARG A CG  1 
ATOM   322  C CD  A ARG A 1 89  ? 10.968  -9.837  -2.701  0.50 2.51  ? 597 ARG A CD  1 
ATOM   323  C CD  B ARG A 1 89  ? 10.901  -8.932  -2.773  0.50 3.06  ? 597 ARG A CD  1 
ATOM   324  N NE  A ARG A 1 89  ? 9.648   -10.017 -3.324  0.50 2.43  ? 597 ARG A NE  1 
ATOM   325  N NE  B ARG A 1 89  ? 11.671  -7.922  -3.505  0.50 3.17  ? 597 ARG A NE  1 
ATOM   326  C CZ  A ARG A 1 89  ? 9.346   -9.937  -4.629  0.50 2.44  ? 597 ARG A CZ  1 
ATOM   327  C CZ  B ARG A 1 89  ? 11.160  -7.087  -4.395  0.50 3.28  ? 597 ARG A CZ  1 
ATOM   328  N NH1 A ARG A 1 89  ? 10.247  -9.683  -5.555  0.50 2.42  ? 597 ARG A NH1 1 
ATOM   329  N NH1 B ARG A 1 89  ? 9.865   -7.110  -4.654  0.50 3.35  ? 597 ARG A NH1 1 
ATOM   330  N NH2 A ARG A 1 89  ? 8.101   -10.131 -5.008  0.50 2.43  ? 597 ARG A NH2 1 
ATOM   331  N NH2 B ARG A 1 89  ? 11.935  -6.215  -5.023  0.50 3.36  ? 597 ARG A NH2 1 
ATOM   332  N N   . ASN A 1 90  ? 12.046  -10.391 2.172   1.00 2.70  ? 598 ASN A N   1 
ATOM   333  C CA  . ASN A 1 90  ? 11.489  -11.397 3.019   1.00 2.95  ? 598 ASN A CA  1 
ATOM   334  C C   . ASN A 1 90  ? 12.599  -12.178 3.744   1.00 3.20  ? 598 ASN A C   1 
ATOM   335  O O   . ASN A 1 90  ? 13.786  -11.823 3.623   1.00 2.91  ? 598 ASN A O   1 
ATOM   336  C CB  . ASN A 1 90  ? 10.516  -12.295 2.169   1.00 2.98  ? 598 ASN A CB  1 
ATOM   337  C CG  . ASN A 1 90  ? 11.228  -13.009 1.028   1.00 3.01  ? 598 ASN A CG  1 
ATOM   338  O OD1 . ASN A 1 90  ? 12.307  -13.533 1.250   1.00 3.36  ? 598 ASN A OD1 1 
ATOM   339  N ND2 . ASN A 1 90  ? 10.629  -13.033 -0.201  1.00 3.08  ? 598 ASN A ND2 1 
ATOM   340  N N   . SER A 1 91  ? 12.171  -13.247 4.433   1.00 3.79  ? 599 SER A N   1 
ATOM   341  C CA  . SER A 1 91  ? 12.995  -14.012 5.352   1.00 4.27  ? 599 SER A CA  1 
ATOM   342  C C   . SER A 1 91  ? 14.070  -14.825 4.581   1.00 4.60  ? 599 SER A C   1 
ATOM   343  O O   . SER A 1 91  ? 15.102  -15.189 5.149   1.00 4.69  ? 599 SER A O   1 
ATOM   344  C CB  . SER A 1 91  ? 12.127  -14.909 6.237   1.00 4.51  ? 599 SER A CB  1 
ATOM   345  O OG  . SER A 1 91  ? 11.053  -15.432 5.442   1.00 5.17  ? 599 SER A OG  1 
ATOM   346  N N   . ILE A 1 92  ? 13.792  -15.059 3.291   1.00 4.85  ? 600 ILE A N   1 
ATOM   347  C CA  . ILE A 1 92  ? 14.633  -15.840 2.427   1.00 5.08  ? 600 ILE A CA  1 
ATOM   348  C C   . ILE A 1 92  ? 15.866  -15.004 2.098   1.00 5.44  ? 600 ILE A C   1 
ATOM   349  O O   . ILE A 1 92  ? 17.005  -15.489 2.171   1.00 5.51  ? 600 ILE A O   1 
ATOM   350  C CB  . ILE A 1 92  ? 13.912  -16.257 1.117   1.00 5.01  ? 600 ILE A CB  1 
ATOM   351  C CG1 . ILE A 1 92  ? 12.840  -17.316 1.408   1.00 5.19  ? 600 ILE A CG1 1 
ATOM   352  C CG2 . ILE A 1 92  ? 14.912  -16.827 0.117   1.00 5.00  ? 600 ILE A CG2 1 
ATOM   353  C CD1 . ILE A 1 92  ? 11.758  -17.423 0.362   1.00 5.18  ? 600 ILE A CD1 1 
ATOM   354  N N   . ASP A 1 93  ? 15.601  -13.763 1.696   1.00 5.79  ? 601 ASP A N   1 
ATOM   355  C CA  . ASP A 1 93  ? 16.652  -12.798 1.432   1.00 6.34  ? 601 ASP A CA  1 
ATOM   356  C C   . ASP A 1 93  ? 17.556  -12.557 2.626   1.00 6.32  ? 601 ASP A C   1 
ATOM   357  O O   . ASP A 1 93  ? 18.784  -12.555 2.471   1.00 5.84  ? 601 ASP A O   1 
ATOM   358  C CB  . ASP A 1 93  ? 16.048  -11.533 0.879   1.00 6.71  ? 601 ASP A CB  1 
ATOM   359  C CG  . ASP A 1 93  ? 15.318  -11.801 -0.441  1.00 7.26  ? 601 ASP A CG  1 
ATOM   360  O OD1 . ASP A 1 93  ? 15.767  -12.741 -1.131  1.00 7.85  ? 601 ASP A OD1 1 
ATOM   361  O OD2 . ASP A 1 93  ? 14.314  -11.128 -0.764  1.00 8.04  ? 601 ASP A OD2 1 
ATOM   362  N N   . LYS A 1 94  ? 16.927  -12.371 3.801   1.00 6.09  ? 602 LYS A N   1 
ATOM   363  C CA  . LYS A 1 94  ? 17.637  -12.177 5.036   1.00 6.42  ? 602 LYS A CA  1 
ATOM   364  C C   . LYS A 1 94  ? 18.608  -13.303 5.288   1.00 6.10  ? 602 LYS A C   1 
ATOM   365  O O   . LYS A 1 94  ? 19.807  -13.094 5.635   1.00 5.61  ? 602 LYS A O   1 
ATOM   366  C CB  . LYS A 1 94  ? 16.656  -12.074 6.250   1.00 6.77  ? 602 LYS A CB  1 
ATOM   367  C CG  . LYS A 1 94  ? 17.353  -11.653 7.534   1.00 7.43  ? 602 LYS A CG  1 
ATOM   368  C CD  . LYS A 1 94  ? 16.516  -10.741 8.420   1.00 8.11  ? 602 LYS A CD  1 
ATOM   369  C CE  . LYS A 1 94  ? 17.193  -10.435 9.778   1.00 8.51  ? 602 LYS A CE  1 
ATOM   370  N NZ  . LYS A 1 94  ? 16.214  -9.796  10.726  1.00 9.62  ? 602 LYS A NZ  1 
ATOM   371  N N   . SER A 1 95  ? 18.080  -14.506 5.138   1.00 6.23  ? 603 SER A N   1 
ATOM   372  C CA  . SER A 1 95  ? 18.902  -15.727 5.276   1.00 6.45  ? 603 SER A CA  1 
ATOM   373  C C   . SER A 1 95  ? 20.187  -15.708 4.389   1.00 6.60  ? 603 SER A C   1 
ATOM   374  O O   . SER A 1 95  ? 21.303  -15.940 4.870   1.00 6.46  ? 603 SER A O   1 
ATOM   375  C CB  . SER A 1 95  ? 18.009  -16.966 5.021   1.00 6.47  ? 603 SER A CB  1 
ATOM   376  O OG  . SER A 1 95  ? 17.070  -17.103 6.093   1.00 6.45  ? 603 SER A OG  1 
ATOM   377  N N   . GLU A 1 96  ? 20.037  -15.412 3.114   1.00 7.28  ? 604 GLU A N   1 
ATOM   378  C CA  . GLU A 1 96  ? 21.176  -15.398 2.176   1.00 7.74  ? 604 GLU A CA  1 
ATOM   379  C C   . GLU A 1 96  ? 22.235  -14.361 2.574   1.00 6.75  ? 604 GLU A C   1 
ATOM   380  O O   . GLU A 1 96  ? 23.429  -14.588 2.441   1.00 6.51  ? 604 GLU A O   1 
ATOM   381  C CB  . GLU A 1 96  ? 20.695  -15.197 0.704   1.00 9.51  ? 604 GLU A CB  1 
ATOM   382  C CG  . GLU A 1 96  ? 19.850  -13.984 0.423   1.00 11.29 ? 604 GLU A CG  1 
ATOM   383  C CD  . GLU A 1 96  ? 19.411  -13.824 -1.055  1.00 12.95 ? 604 GLU A CD  1 
ATOM   384  O OE1 . GLU A 1 96  ? 19.588  -14.736 -1.851  1.00 12.94 ? 604 GLU A OE1 1 
ATOM   385  O OE2 . GLU A 1 96  ? 18.844  -12.749 -1.434  1.00 18.93 ? 604 GLU A OE2 1 
ATOM   386  N N   . LEU A 1 97  ? 21.787  -13.225 3.083   1.00 5.59  ? 605 LEU A N   1 
ATOM   387  C CA  . LEU A 1 97  ? 22.719  -12.157 3.513   1.00 5.22  ? 605 LEU A CA  1 
ATOM   388  C C   . LEU A 1 97  ? 23.636  -12.614 4.654   1.00 5.25  ? 605 LEU A C   1 
ATOM   389  O O   . LEU A 1 97  ? 24.854  -12.578 4.599   1.00 5.21  ? 605 LEU A O   1 
ATOM   390  C CB  . LEU A 1 97  ? 21.883  -10.956 4.003   1.00 4.74  ? 605 LEU A CB  1 
ATOM   391  C CG  . LEU A 1 97  ? 22.585  -9.871  4.820   1.00 4.56  ? 605 LEU A CG  1 
ATOM   392  C CD1 . LEU A 1 97  ? 23.698  -9.370  3.930   1.00 4.56  ? 605 LEU A CD1 1 
ATOM   393  C CD2 . LEU A 1 97  ? 21.684  -8.698  5.183   1.00 4.51  ? 605 LEU A CD2 1 
ATOM   394  N N   . LEU A 1 98  ? 22.985  -13.110 5.674   1.00 5.58  ? 606 LEU A N   1 
ATOM   395  C CA  . LEU A 1 98  ? 23.643  -13.475 6.909   1.00 5.99  ? 606 LEU A CA  1 
ATOM   396  C C   . LEU A 1 98  ? 24.708  -14.588 6.737   1.00 6.21  ? 606 LEU A C   1 
ATOM   397  O O   . LEU A 1 98  ? 25.723  -14.566 7.435   1.00 5.92  ? 606 LEU A O   1 
ATOM   398  C CB  . LEU A 1 98  ? 22.599  -13.845 7.954   1.00 5.92  ? 606 LEU A CB  1 
ATOM   399  C CG  . LEU A 1 98  ? 21.489  -12.830 8.293   1.00 5.92  ? 606 LEU A CG  1 
ATOM   400  C CD1 . LEU A 1 98  ? 20.475  -13.476 9.212   1.00 5.85  ? 606 LEU A CD1 1 
ATOM   401  C CD2 . LEU A 1 98  ? 22.021  -11.565 8.928   1.00 6.03  ? 606 LEU A CD2 1 
ATOM   402  N N   . TYR A 1 99  ? 24.448  -15.549 5.840   1.00 6.72  ? 607 TYR A N   1 
ATOM   403  C CA  . TYR A 1 99  ? 25.404  -16.630 5.501   1.00 7.65  ? 607 TYR A CA  1 
ATOM   404  C C   . TYR A 1 99  ? 26.616  -16.022 4.837   1.00 6.67  ? 607 TYR A C   1 
ATOM   405  O O   . TYR A 1 99  ? 27.742  -16.391 5.140   1.00 6.29  ? 607 TYR A O   1 
ATOM   406  C CB  . TYR A 1 99  ? 24.799  -17.644 4.512   1.00 9.09  ? 607 TYR A CB  1 
ATOM   407  C CG  . TYR A 1 99  ? 25.600  -18.928 4.282   1.00 11.01 ? 607 TYR A CG  1 
ATOM   408  C CD1 . TYR A 1 99  ? 25.540  -19.958 5.203   1.00 12.16 ? 607 TYR A CD1 1 
ATOM   409  C CD2 . TYR A 1 99  ? 26.382  -19.141 3.125   1.00 12.66 ? 607 TYR A CD2 1 
ATOM   410  C CE1 . TYR A 1 99  ? 26.242  -21.122 5.036   1.00 13.09 ? 607 TYR A CE1 1 
ATOM   411  C CE2 . TYR A 1 99  ? 27.100  -20.338 2.951   1.00 12.95 ? 607 TYR A CE2 1 
ATOM   412  C CZ  . TYR A 1 99  ? 27.030  -21.333 3.917   1.00 13.32 ? 607 TYR A CZ  1 
ATOM   413  O OH  . TYR A 1 99  ? 27.685  -22.596 3.877   1.00 12.78 ? 607 TYR A OH  1 
ATOM   414  N N   . LYS A 1 100 ? 26.365  -15.140 3.884   1.00 5.73  ? 608 LYS A N   1 
ATOM   415  C CA  . LYS A 1 100 ? 27.442  -14.582 3.097   1.00 5.31  ? 608 LYS A CA  1 
ATOM   416  C C   . LYS A 1 100 ? 28.468  -13.808 3.957   1.00 4.88  ? 608 LYS A C   1 
ATOM   417  O O   . LYS A 1 100 ? 29.669  -13.961 3.752   1.00 4.41  ? 608 LYS A O   1 
ATOM   418  C CB  . LYS A 1 100 ? 26.925  -13.744 1.937   1.00 5.53  ? 608 LYS A CB  1 
ATOM   419  C CG  . LYS A 1 100 ? 26.496  -14.560 0.746   1.00 5.86  ? 608 LYS A CG  1 
ATOM   420  C CD  . LYS A 1 100 ? 25.691  -13.759 -0.242  1.00 6.11  ? 608 LYS A CD  1 
ATOM   421  C CE  . LYS A 1 100 ? 25.115  -14.737 -1.244  1.00 6.42  ? 608 LYS A CE  1 
ATOM   422  N NZ  . LYS A 1 100 ? 24.109  -14.208 -2.178  1.00 6.68  ? 608 LYS A NZ  1 
ATOM   423  N N   . VAL A 1 101 ? 28.026  -13.017 4.926   1.00 4.51  ? 609 VAL A N   1 
ATOM   424  C CA  . VAL A 1 101 ? 28.997  -12.248 5.793   1.00 4.50  ? 609 VAL A CA  1 
ATOM   425  C C   . VAL A 1 101 ? 29.646  -13.106 6.898   1.00 4.57  ? 609 VAL A C   1 
ATOM   426  O O   . VAL A 1 101 ? 30.793  -12.927 7.328   1.00 4.24  ? 609 VAL A O   1 
ATOM   427  C CB  . VAL A 1 101 ? 28.322  -11.043 6.463   1.00 4.42  ? 609 VAL A CB  1 
ATOM   428  C CG1 . VAL A 1 101 ? 27.792  -10.068 5.413   1.00 4.42  ? 609 VAL A CG1 1 
ATOM   429  C CG2 . VAL A 1 101 ? 27.231  -11.478 7.435   1.00 4.47  ? 609 VAL A CG2 1 
ATOM   430  N N   . ASP A 1 102 ? 28.859  -14.062 7.357   1.00 4.70  ? 610 ASP A N   1 
ATOM   431  C CA  . ASP A 1 102 ? 29.337  -15.054 8.272   1.00 4.85  ? 610 ASP A CA  1 
ATOM   432  C C   . ASP A 1 102 ? 30.557  -15.820 7.734   1.00 4.25  ? 610 ASP A C   1 
ATOM   433  O O   . ASP A 1 102 ? 31.450  -16.164 8.508   1.00 4.13  ? 610 ASP A O   1 
ATOM   434  C CB  . ASP A 1 102 ? 28.223  -16.061 8.544   1.00 5.67  ? 610 ASP A CB  1 
ATOM   435  C CG  . ASP A 1 102 ? 27.316  -15.626 9.646   1.00 6.57  ? 610 ASP A CG  1 
ATOM   436  O OD1 . ASP A 1 102 ? 27.786  -14.918 10.544  1.00 8.17  ? 610 ASP A OD1 1 
ATOM   437  O OD2 . ASP A 1 102 ? 26.156  -16.108 9.721   1.00 7.43  ? 610 ASP A OD2 1 
ATOM   438  N N   . ALA A 1 103 ? 30.559  -16.031 6.417   1.00 3.67  ? 611 ALA A N   1 
ATOM   439  C CA  . ALA A 1 103 ? 31.615  -16.678 5.634   1.00 3.24  ? 611 ALA A CA  1 
ATOM   440  C C   . ALA A 1 103 ? 32.951  -15.889 5.461   1.00 2.90  ? 611 ALA A C   1 
ATOM   441  O O   . ALA A 1 103 ? 33.992  -16.454 5.106   1.00 3.02  ? 611 ALA A O   1 
ATOM   442  C CB  . ALA A 1 103 ? 31.035  -17.042 4.271   1.00 3.20  ? 611 ALA A CB  1 
ATOM   443  N N   . LEU A 1 104 ? 32.926  -14.588 5.707   1.00 2.49  ? 612 LEU A N   1 
ATOM   444  C CA  . LEU A 1 104 ? 34.162  -13.750 5.720   1.00 2.18  ? 612 LEU A CA  1 
ATOM   445  C C   . LEU A 1 104 ? 35.276  -14.119 6.753   1.00 2.11  ? 612 LEU A C   1 
ATOM   446  O O   . LEU A 1 104 ? 34.981  -14.194 7.909   1.00 2.07  ? 612 LEU A O   1 
ATOM   447  C CB  . LEU A 1 104 ? 33.722  -12.331 5.951   1.00 2.02  ? 612 LEU A CB  1 
ATOM   448  C CG  . LEU A 1 104 ? 32.936  -11.794 4.745   1.00 2.00  ? 612 LEU A CG  1 
ATOM   449  C CD1 . LEU A 1 104 ? 32.534  -10.372 4.824   1.00 2.00  ? 612 LEU A CD1 1 
ATOM   450  C CD2 . LEU A 1 104 ? 33.775  -11.874 3.448   1.00 2.00  ? 612 LEU A CD2 1 
ATOM   451  N N   . SER A 1 105 ? 36.550  -14.261 6.363   1.00 2.02  ? 613 SER A N   1 
ATOM   452  C CA  . SER A 1 105 ? 37.662  -14.892 7.267   1.00 2.00  ? 613 SER A CA  1 
ATOM   453  C C   . SER A 1 105 ? 37.956  -14.117 8.529   1.00 2.01  ? 613 SER A C   1 
ATOM   454  O O   . SER A 1 105 ? 38.415  -14.675 9.538   1.00 2.01  ? 613 SER A O   1 
ATOM   455  C CB  . SER A 1 105 ? 39.002  -15.100 6.527   1.00 2.00  ? 613 SER A CB  1 
ATOM   456  O OG  . SER A 1 105 ? 38.847  -16.167 5.611   1.00 2.00  ? 613 SER A OG  1 
ATOM   457  N N   . PHE A 1 106 ? 37.713  -12.825 8.451   1.00 2.02  ? 614 PHE A N   1 
ATOM   458  C CA  . PHE A 1 106 ? 38.131  -11.901 9.477   1.00 2.04  ? 614 PHE A CA  1 
ATOM   459  C C   . PHE A 1 106 ? 36.954  -11.548 10.375  1.00 2.30  ? 614 PHE A C   1 
ATOM   460  O O   . PHE A 1 106 ? 37.145  -10.915 11.385  1.00 2.30  ? 614 PHE A O   1 
ATOM   461  C CB  . PHE A 1 106 ? 38.700  -10.646 8.865   1.00 2.01  ? 614 PHE A CB  1 
ATOM   462  C CG  . PHE A 1 106 ? 37.871  -10.129 7.759   1.00 2.00  ? 614 PHE A CG  1 
ATOM   463  C CD1 . PHE A 1 106 ? 36.781  -9.341  8.030   1.00 2.00  ? 614 PHE A CD1 1 
ATOM   464  C CD2 . PHE A 1 106 ? 38.161  -10.494 6.462   1.00 2.00  ? 614 PHE A CD2 1 
ATOM   465  C CE1 . PHE A 1 106 ? 35.978  -8.925  7.028   1.00 2.00  ? 614 PHE A CE1 1 
ATOM   466  C CE2 . PHE A 1 106 ? 37.346  -10.059 5.445   1.00 2.00  ? 614 PHE A CE2 1 
ATOM   467  C CZ  . PHE A 1 106 ? 36.243  -9.285  5.739   1.00 2.00  ? 614 PHE A CZ  1 
ATOM   468  N N   . VAL A 1 107 ? 35.750  -11.953 9.972   1.00 2.67  ? 615 VAL A N   1 
ATOM   469  C CA  . VAL A 1 107 ? 34.524  -11.672 10.763  1.00 3.14  ? 615 VAL A CA  1 
ATOM   470  C C   . VAL A 1 107 ? 34.307  -12.679 11.909  1.00 3.88  ? 615 VAL A C   1 
ATOM   471  O O   . VAL A 1 107 ? 33.855  -13.804 11.710  1.00 3.96  ? 615 VAL A O   1 
ATOM   472  C CB  . VAL A 1 107 ? 33.238  -11.608 9.867   1.00 2.98  ? 615 VAL A CB  1 
ATOM   473  C CG1 . VAL A 1 107 ? 31.929  -11.501 10.668  1.00 2.98  ? 615 VAL A CG1 1 
ATOM   474  C CG2 . VAL A 1 107 ? 33.308  -10.495 8.841   1.00 2.78  ? 615 VAL A CG2 1 
ATOM   475  N N   . LYS A 1 108 ? 34.594  -12.221 13.120  1.00 4.93  ? 616 LYS A N   1 
ATOM   476  C CA  . LYS A 1 108 ? 34.411  -12.994 14.335  1.00 6.07  ? 616 LYS A CA  1 
ATOM   477  C C   . LYS A 1 108 ? 32.952  -13.086 14.719  1.00 6.48  ? 616 LYS A C   1 
ATOM   478  O O   . LYS A 1 108 ? 32.504  -14.133 15.175  1.00 6.50  ? 616 LYS A O   1 
ATOM   479  C CB  . LYS A 1 108 ? 35.233  -12.371 15.485  1.00 6.57  ? 616 LYS A CB  1 
ATOM   480  C CG  . LYS A 1 108 ? 35.591  -13.300 16.628  1.00 7.51  ? 616 LYS A CG  1 
ATOM   481  C CD  . LYS A 1 108 ? 36.683  -14.281 16.223  1.00 8.18  ? 616 LYS A CD  1 
ATOM   482  C CE  . LYS A 1 108 ? 36.963  -15.337 17.288  1.00 8.72  ? 616 LYS A CE  1 
ATOM   483  N NZ  . LYS A 1 108 ? 37.232  -16.712 16.749  1.00 9.11  ? 616 LYS A NZ  1 
ATOM   484  N N   . SER A 1 109 ? 32.176  -12.008 14.572  1.00 6.67  ? 617 SER A N   1 
ATOM   485  C CA  . SER A 1 109 ? 30.758  -12.114 14.949  1.00 6.75  ? 617 SER A CA  1 
ATOM   486  C C   . SER A 1 109 ? 29.866  -11.076 14.267  1.00 7.11  ? 617 SER A C   1 
ATOM   487  O O   . SER A 1 109 ? 30.405  -10.121 13.667  1.00 7.12  ? 617 SER A O   1 
ATOM   488  C CB  . SER A 1 109 ? 30.629  -11.990 16.469  1.00 6.90  ? 617 SER A CB  1 
ATOM   489  O OG  . SER A 1 109 ? 31.138  -10.746 16.924  1.00 6.76  ? 617 SER A OG  1 
ATOM   490  N N   . VAL A 1 110 ? 28.539  -11.275 14.369  1.00 7.01  ? 618 VAL A N   1 
ATOM   491  C CA  . VAL A 1 110 ? 27.537  -10.402 13.725  1.00 7.48  ? 618 VAL A CA  1 
ATOM   492  C C   . VAL A 1 110 ? 26.431  -9.905  14.627  1.00 7.85  ? 618 VAL A C   1 
ATOM   493  O O   . VAL A 1 110 ? 25.649  -10.656 15.204  1.00 7.93  ? 618 VAL A O   1 
ATOM   494  C CB  . VAL A 1 110 ? 26.880  -11.030 12.487  1.00 7.42  ? 618 VAL A CB  1 
ATOM   495  C CG1 . VAL A 1 110 ? 25.871  -10.048 11.846  1.00 7.47  ? 618 VAL A CG1 1 
ATOM   496  C CG2 . VAL A 1 110 ? 27.947  -11.350 11.458  1.00 7.50  ? 618 VAL A CG2 1 
ATOM   497  N N   . ASP A 1 111 ? 26.325  -8.593  14.673  1.00 8.68  ? 619 ASP A N   1 
ATOM   498  C CA  . ASP A 1 111 ? 25.146  -7.905  15.227  1.00 9.09  ? 619 ASP A CA  1 
ATOM   499  C C   . ASP A 1 111 ? 24.130  -7.564  14.109  1.00 8.77  ? 619 ASP A C   1 
ATOM   500  O O   . ASP A 1 111 ? 24.326  -6.611  13.380  1.00 8.22  ? 619 ASP A O   1 
ATOM   501  C CB  . ASP A 1 111 ? 25.627  -6.631  15.910  1.00 10.01 ? 619 ASP A CB  1 
ATOM   502  C CG  . ASP A 1 111 ? 24.636  -6.084  16.882  1.00 10.71 ? 619 ASP A CG  1 
ATOM   503  O OD1 . ASP A 1 111 ? 23.480  -6.602  16.976  1.00 10.75 ? 619 ASP A OD1 1 
ATOM   504  O OD2 . ASP A 1 111 ? 25.044  -5.121  17.557  1.00 12.39 ? 619 ASP A OD2 1 
ATOM   505  N N   . ASP A 1 112 ? 23.067  -8.379  14.009  1.00 8.71  ? 620 ASP A N   1 
ATOM   506  C CA  . ASP A 1 112 ? 22.089  -8.349  12.903  1.00 8.71  ? 620 ASP A CA  1 
ATOM   507  C C   . ASP A 1 112 ? 20.959  -7.466  13.275  1.00 7.28  ? 620 ASP A C   1 
ATOM   508  O O   . ASP A 1 112 ? 20.109  -7.830  14.064  1.00 7.26  ? 620 ASP A O   1 
ATOM   509  C CB  . ASP A 1 112 ? 21.477  -9.741  12.632  1.00 9.77  ? 620 ASP A CB  1 
ATOM   510  C CG  . ASP A 1 112 ? 20.396  -9.751  11.485  1.00 11.08 ? 620 ASP A CG  1 
ATOM   511  O OD1 . ASP A 1 112 ? 20.096  -8.713  10.818  1.00 12.44 ? 620 ASP A OD1 1 
ATOM   512  O OD2 . ASP A 1 112 ? 19.854  -10.865 11.215  1.00 12.91 ? 620 ASP A OD2 1 
ATOM   513  N N   . ASN A 1 113 ? 20.895  -6.336  12.635  1.00 5.97  ? 621 ASN A N   1 
ATOM   514  C CA  . ASN A 1 113 ? 19.764  -5.479  12.776  1.00 5.32  ? 621 ASN A CA  1 
ATOM   515  C C   . ASN A 1 113 ? 19.045  -5.303  11.420  1.00 4.70  ? 621 ASN A C   1 
ATOM   516  O O   . ASN A 1 113 ? 18.504  -4.234  11.141  1.00 4.73  ? 621 ASN A O   1 
ATOM   517  C CB  . ASN A 1 113 ? 20.277  -4.136  13.396  1.00 5.28  ? 621 ASN A CB  1 
ATOM   518  C CG  . ASN A 1 113 ? 21.081  -4.370  14.692  1.00 5.46  ? 621 ASN A CG  1 
ATOM   519  O OD1 . ASN A 1 113 ? 22.334  -4.465  14.712  1.00 5.54  ? 621 ASN A OD1 1 
ATOM   520  N ND2 . ASN A 1 113 ? 20.363  -4.594  15.741  1.00 5.49  ? 621 ASN A ND2 1 
ATOM   521  N N   . VAL A 1 114 ? 18.985  -6.338  10.578  1.00 4.04  ? 622 VAL A N   1 
ATOM   522  C CA  . VAL A 1 114 ? 18.220  -6.224  9.279   1.00 3.44  ? 622 VAL A CA  1 
ATOM   523  C C   . VAL A 1 114 ? 16.732  -6.614  9.361   1.00 3.05  ? 622 VAL A C   1 
ATOM   524  O O   . VAL A 1 114 ? 16.378  -7.569  10.058  1.00 3.01  ? 622 VAL A O   1 
ATOM   525  C CB  . VAL A 1 114 ? 18.969  -6.979  8.143   1.00 3.38  ? 622 VAL A CB  1 
ATOM   526  C CG1 . VAL A 1 114 ? 18.152  -7.082  6.849   1.00 3.31  ? 622 VAL A CG1 1 
ATOM   527  C CG2 . VAL A 1 114 ? 20.339  -6.328  7.927   1.00 3.41  ? 622 VAL A CG2 1 
ATOM   528  N N   . ILE A 1 115 ? 15.861  -5.896  8.633   1.00 2.46  ? 623 ILE A N   1 
ATOM   529  C CA  . ILE A 1 115 ? 14.365  -6.075  8.701   1.00 2.05  ? 623 ILE A CA  1 
ATOM   530  C C   . ILE A 1 115 ? 13.696  -6.886  7.533   1.00 2.00  ? 623 ILE A C   1 
ATOM   531  O O   . ILE A 1 115 ? 13.762  -6.568  6.342   1.00 2.00  ? 623 ILE A O   1 
ATOM   532  C CB  . ILE A 1 115 ? 13.632  -4.716  8.787   1.00 2.00  ? 623 ILE A CB  1 
ATOM   533  C CG1 . ILE A 1 115 ? 14.048  -3.917  10.069  1.00 2.00  ? 623 ILE A CG1 1 
ATOM   534  C CG2 . ILE A 1 115 ? 12.124  -4.883  8.761   1.00 2.00  ? 623 ILE A CG2 1 
ATOM   535  C CD1 . ILE A 1 115 ? 14.036  -2.422  9.867   1.00 2.00  ? 623 ILE A CD1 1 
ATOM   536  N N   . ASP A 1 116 ? 12.972  -7.940  7.899   1.00 2.00  ? 624 ASP A N   1 
ATOM   537  C CA  . ASP A 1 116 ? 12.114  -8.629  6.880   1.00 2.00  ? 624 ASP A CA  1 
ATOM   538  C C   . ASP A 1 116 ? 10.788  -7.906  6.647   1.00 2.00  ? 624 ASP A C   1 
ATOM   539  O O   . ASP A 1 116 ? 9.884   -7.847  7.509   1.00 2.00  ? 624 ASP A O   1 
ATOM   540  C CB  . ASP A 1 116 ? 11.952  -10.112 7.173   1.00 2.00  ? 624 ASP A CB  1 
ATOM   541  C CG  . ASP A 1 116 ? 10.647  -10.739 6.644   1.00 2.00  ? 624 ASP A CG  1 
ATOM   542  O OD1 . ASP A 1 116 ? 10.119  -10.349 5.566   1.00 2.00  ? 624 ASP A OD1 1 
ATOM   543  O OD2 . ASP A 1 116 ? 10.115  -11.655 7.328   1.00 2.00  ? 624 ASP A OD2 1 
ATOM   544  N N   . ASP A 1 117 ? 10.676  -7.374  5.446   1.00 2.00  ? 625 ASP A N   1 
ATOM   545  C CA  . ASP A 1 117 ? 9.571   -6.504  5.159   1.00 2.00  ? 625 ASP A CA  1 
ATOM   546  C C   . ASP A 1 117 ? 8.240   -7.196  5.040   1.00 2.00  ? 625 ASP A C   1 
ATOM   547  O O   . ASP A 1 117 ? 7.246   -6.747  5.629   1.00 2.00  ? 625 ASP A O   1 
ATOM   548  C CB  . ASP A 1 117 ? 9.814   -5.669  3.943   1.00 2.00  ? 625 ASP A CB  1 
ATOM   549  C CG  . ASP A 1 117 ? 10.812  -4.599  4.171   1.00 2.00  ? 625 ASP A CG  1 
ATOM   550  O OD1 . ASP A 1 117 ? 11.086  -4.186  5.328   1.00 2.00  ? 625 ASP A OD1 1 
ATOM   551  O OD2 . ASP A 1 117 ? 11.423  -4.231  3.151   1.00 2.00  ? 625 ASP A OD2 1 
ATOM   552  N N   . GLU A 1 118 ? 8.211   -8.277  4.286   1.00 2.00  ? 626 GLU A N   1 
ATOM   553  C CA  . GLU A 1 118 ? 7.050   -9.133  4.234   1.00 2.00  ? 626 GLU A CA  1 
ATOM   554  C C   . GLU A 1 118 ? 6.404   -9.445  5.583   1.00 2.00  ? 626 GLU A C   1 
ATOM   555  O O   . GLU A 1 118 ? 5.160   -9.438  5.658   1.00 2.00  ? 626 GLU A O   1 
ATOM   556  C CB  . GLU A 1 118 ? 7.369   -10.429 3.467   1.00 2.00  ? 626 GLU A CB  1 
ATOM   557  C CG  . GLU A 1 118 ? 6.236   -11.414 3.325   1.00 2.00  ? 626 GLU A CG  1 
ATOM   558  C CD  . GLU A 1 118 ? 6.688   -12.665 2.576   1.00 2.00  ? 626 GLU A CD  1 
ATOM   559  O OE1 . GLU A 1 118 ? 7.175   -13.563 3.273   1.00 2.00  ? 626 GLU A OE1 1 
ATOM   560  O OE2 . GLU A 1 118 ? 6.505   -12.777 1.372   1.00 2.00  ? 626 GLU A OE2 1 
ATOM   561  N N   . ALA A 1 119 ? 7.211   -9.747  6.624   1.00 2.00  ? 627 ALA A N   1 
ATOM   562  C CA  . ALA A 1 119 ? 6.698   -10.055 7.976   1.00 2.00  ? 627 ALA A CA  1 
ATOM   563  C C   . ALA A 1 119 ? 5.997   -8.870  8.478   1.00 2.00  ? 627 ALA A C   1 
ATOM   564  O O   . ALA A 1 119 ? 4.965   -8.983  9.121   1.00 2.00  ? 627 ALA A O   1 
ATOM   565  C CB  . ALA A 1 119 ? 7.793   -10.383 8.979   1.00 2.00  ? 627 ALA A CB  1 
ATOM   566  N N   . VAL A 1 120 ? 6.591   -7.703  8.278   1.00 2.00  ? 628 VAL A N   1 
ATOM   567  C CA  . VAL A 1 120 ? 5.996   -6.510  8.783   1.00 2.00  ? 628 VAL A CA  1 
ATOM   568  C C   . VAL A 1 120 ? 4.550   -6.277  8.158   1.00 2.00  ? 628 VAL A C   1 
ATOM   569  O O   . VAL A 1 120 ? 3.619   -6.074  8.898   1.00 2.00  ? 628 VAL A O   1 
ATOM   570  C CB  . VAL A 1 120 ? 6.928   -5.285  8.616   1.00 2.00  ? 628 VAL A CB  1 
ATOM   571  C CG1 . VAL A 1 120 ? 6.214   -4.029  9.085   1.00 2.00  ? 628 VAL A CG1 1 
ATOM   572  C CG2 . VAL A 1 120 ? 8.274   -5.437  9.345   1.00 2.00  ? 628 VAL A CG2 1 
ATOM   573  N N   . TRP A 1 121 ? 4.327   -6.294  6.840   1.00 2.00  ? 629 TRP A N   1 
ATOM   574  C CA  . TRP A 1 121 ? 2.972   -5.967  6.332   1.00 2.00  ? 629 TRP A CA  1 
ATOM   575  C C   . TRP A 1 121 ? 1.888   -7.105  6.494   1.00 2.06  ? 629 TRP A C   1 
ATOM   576  O O   . TRP A 1 121 ? 0.709   -6.844  6.743   1.00 2.01  ? 629 TRP A O   1 
ATOM   577  C CB  . TRP A 1 121 ? 2.993   -5.478  4.900   1.00 2.00  ? 629 TRP A CB  1 
ATOM   578  C CG  . TRP A 1 121 ? 3.654   -6.346  3.810   1.00 2.00  ? 629 TRP A CG  1 
ATOM   579  C CD1 . TRP A 1 121 ? 4.924   -6.227  3.305   1.00 2.00  ? 629 TRP A CD1 1 
ATOM   580  C CD2 . TRP A 1 121 ? 3.020   -7.405  3.060   1.00 2.00  ? 629 TRP A CD2 1 
ATOM   581  N NE1 . TRP A 1 121 ? 5.118   -7.171  2.298   1.00 2.00  ? 629 TRP A NE1 1 
ATOM   582  C CE2 . TRP A 1 121 ? 3.950   -7.880  2.116   1.00 2.00  ? 629 TRP A CE2 1 
ATOM   583  C CE3 . TRP A 1 121 ? 1.727   -7.987  3.105   1.00 2.00  ? 629 TRP A CE3 1 
ATOM   584  C CZ2 . TRP A 1 121 ? 3.630   -8.940  1.224   1.00 2.00  ? 629 TRP A CZ2 1 
ATOM   585  C CZ3 . TRP A 1 121 ? 1.416   -9.038  2.258   1.00 2.00  ? 629 TRP A CZ3 1 
ATOM   586  C CH2 . TRP A 1 121 ? 2.361   -9.520  1.335   1.00 2.00  ? 629 TRP A CH2 1 
ATOM   587  N N   . GLN A 1 122 ? 2.280   -8.344  6.359   1.00 2.37  ? 630 GLN A N   1 
ATOM   588  C CA  . GLN A 1 122 ? 1.309   -9.378  6.693   1.00 2.71  ? 630 GLN A CA  1 
ATOM   589  C C   . GLN A 1 122 ? 0.788   -9.228  8.103   1.00 3.13  ? 630 GLN A C   1 
ATOM   590  O O   . GLN A 1 122 ? -0.421  -9.386  8.313   1.00 3.13  ? 630 GLN A O   1 
ATOM   591  C CB  . GLN A 1 122 ? 1.889   -10.713 6.535   1.00 2.65  ? 630 GLN A CB  1 
ATOM   592  C CG  . GLN A 1 122 ? 2.326   -10.997 5.109   1.00 2.66  ? 630 GLN A CG  1 
ATOM   593  C CD  . GLN A 1 122 ? 2.968   -12.333 4.976   1.00 2.73  ? 630 GLN A CD  1 
ATOM   594  O OE1 . GLN A 1 122 ? 3.667   -12.836 5.856   1.00 2.97  ? 630 GLN A OE1 1 
ATOM   595  N NE2 . GLN A 1 122 ? 2.836   -12.884 3.794   1.00 2.85  ? 630 GLN A NE2 1 
ATOM   596  N N   . GLU A 1 123 ? 1.689   -8.924  9.052   1.00 3.84  ? 631 GLU A N   1 
ATOM   597  C CA  . GLU A 1 123 ? 1.300   -8.704  10.443  1.00 4.57  ? 631 GLU A CA  1 
ATOM   598  C C   . GLU A 1 123 ? 0.331   -7.545  10.510  1.00 5.28  ? 631 GLU A C   1 
ATOM   599  O O   . GLU A 1 123 ? -0.730  -7.606  11.183  1.00 5.50  ? 631 GLU A O   1 
ATOM   600  C CB  . GLU A 1 123 ? 2.524   -8.411  11.325  1.00 4.61  ? 631 GLU A CB  1 
ATOM   601  C CG  . GLU A 1 123 ? 2.248   -7.799  12.658  1.00 4.80  ? 631 GLU A CG  1 
ATOM   602  C CD  . GLU A 1 123 ? 1.308   -8.606  13.562  1.00 5.13  ? 631 GLU A CD  1 
ATOM   603  O OE1 . GLU A 1 123 ? 0.738   -9.651  13.125  1.00 5.58  ? 631 GLU A OE1 1 
ATOM   604  O OE2 . GLU A 1 123 ? 1.183   -8.227  14.755  1.00 5.40  ? 631 GLU A OE2 1 
ATOM   605  N N   . MET A 1 124 ? 0.675   -6.483  9.816   1.00 6.51  ? 632 MET A N   1 
ATOM   606  C CA  . MET A 1 124 ? -0.243  -5.355  9.750   1.00 7.30  ? 632 MET A CA  1 
ATOM   607  C C   . MET A 1 124 ? -1.637  -5.729  9.235   1.00 6.82  ? 632 MET A C   1 
ATOM   608  O O   . MET A 1 124 ? -2.622  -5.267  9.787   1.00 7.42  ? 632 MET A O   1 
ATOM   609  C CB  . MET A 1 124 ? 0.364   -4.214  8.954   1.00 8.54  ? 632 MET A CB  1 
ATOM   610  C CG  . MET A 1 124 ? 1.353   -3.369  9.744   1.00 9.90  ? 632 MET A CG  1 
ATOM   611  S SD  . MET A 1 124 ? 0.708   -2.607  11.251  1.00 12.59 ? 632 MET A SD  1 
ATOM   612  C CE  . MET A 1 124 ? -0.911  -2.071  10.713  1.00 11.58 ? 632 MET A CE  1 
ATOM   613  N N   . ASN A 1 125 ? -1.730  -6.518  8.162   1.00 5.92  ? 633 ASN A N   1 
ATOM   614  C CA  . ASN A 1 125 ? -3.030  -6.924  7.566   1.00 5.47  ? 633 ASN A CA  1 
ATOM   615  C C   . ASN A 1 125 ? -3.936  -7.732  8.493   1.00 5.15  ? 633 ASN A C   1 
ATOM   616  O O   . ASN A 1 125 ? -5.177  -7.532  8.523   1.00 4.69  ? 633 ASN A O   1 
ATOM   617  C CB  . ASN A 1 125 ? -2.841  -7.687  6.214   1.00 5.26  ? 633 ASN A CB  1 
ATOM   618  C CG  . ASN A 1 125 ? -2.386  -6.766  5.103   1.00 5.16  ? 633 ASN A CG  1 
ATOM   619  O OD1 . ASN A 1 125 ? -2.473  -5.548  5.249   1.00 5.00  ? 633 ASN A OD1 1 
ATOM   620  N ND2 . ASN A 1 125 ? -1.870  -7.335  3.984   1.00 5.02  ? 633 ASN A ND2 1 
ATOM   621  N N   . ILE A 1 126 ? -3.315  -8.596  9.282   1.00 4.98  ? 634 ILE A N   1 
ATOM   622  C CA  . ILE A 1 126 ? -4.046  -9.259  10.348  1.00 5.04  ? 634 ILE A CA  1 
ATOM   623  C C   . ILE A 1 126 ? -4.711  -8.258  11.263  1.00 5.19  ? 634 ILE A C   1 
ATOM   624  O O   . ILE A 1 126 ? -5.915  -8.385  11.634  1.00 5.08  ? 634 ILE A O   1 
ATOM   625  C CB  . ILE A 1 126 ? -3.109  -10.123 11.214  1.00 4.88  ? 634 ILE A CB  1 
ATOM   626  C CG1 . ILE A 1 126 ? -2.597  -11.290 10.400  1.00 4.96  ? 634 ILE A CG1 1 
ATOM   627  C CG2 . ILE A 1 126 ? -3.875  -10.634 12.439  1.00 4.97  ? 634 ILE A CG2 1 
ATOM   628  C CD1 . ILE A 1 126 ? -1.453  -12.042 11.071  1.00 4.96  ? 634 ILE A CD1 1 
ATOM   629  N N   . LEU A 1 127 ? -3.933  -7.258  11.672  1.00 5.55  ? 635 LEU A N   1 
ATOM   630  C CA  . LEU A 1 127 ? -4.427  -6.381  12.730  1.00 5.92  ? 635 LEU A CA  1 
ATOM   631  C C   . LEU A 1 127 ? -5.577  -5.527  12.220  1.00 6.01  ? 635 LEU A C   1 
ATOM   632  O O   . LEU A 1 127 ? -6.556  -5.368  12.900  1.00 5.54  ? 635 LEU A O   1 
ATOM   633  C CB  . LEU A 1 127 ? -3.280  -5.593  13.393  1.00 6.08  ? 635 LEU A CB  1 
ATOM   634  C CG  . LEU A 1 127 ? -2.381  -6.482  14.268  1.00 6.24  ? 635 LEU A CG  1 
ATOM   635  C CD1 . LEU A 1 127 ? -1.035  -5.862  14.553  1.00 6.43  ? 635 LEU A CD1 1 
ATOM   636  C CD2 . LEU A 1 127 ? -3.061  -6.797  15.583  1.00 6.32  ? 635 LEU A CD2 1 
ATOM   637  N N   . LEU A 1 128 ? -5.436  -4.997  11.004  1.00 6.60  ? 636 LEU A N   1 
ATOM   638  C CA  . LEU A 1 128 ? -6.492  -4.306  10.292  1.00 6.81  ? 636 LEU A CA  1 
ATOM   639  C C   . LEU A 1 128 ? -7.761  -5.107  10.210  1.00 7.24  ? 636 LEU A C   1 
ATOM   640  O O   . LEU A 1 128 ? -8.846  -4.569  10.395  1.00 6.98  ? 636 LEU A O   1 
ATOM   641  C CB  . LEU A 1 128 ? -6.074  -3.934  8.862   1.00 6.79  ? 636 LEU A CB  1 
ATOM   642  C CG  . LEU A 1 128 ? -4.875  -3.000  8.654   1.00 6.90  ? 636 LEU A CG  1 
ATOM   643  C CD1 . LEU A 1 128 ? -4.388  -3.049  7.198   1.00 6.88  ? 636 LEU A CD1 1 
ATOM   644  C CD2 . LEU A 1 128 ? -5.155  -1.571  9.102   1.00 7.06  ? 636 LEU A CD2 1 
ATOM   645  N N   . SER A 1 129 ? -7.652  -6.392  9.897   1.00 8.06  ? 637 SER A N   1 
ATOM   646  C CA  . SER A 1 129 ? -8.877  -7.180  9.647   1.00 8.81  ? 637 SER A CA  1 
ATOM   647  C C   . SER A 1 129 ? -9.770  -7.252  10.898  1.00 9.68  ? 637 SER A C   1 
ATOM   648  O O   . SER A 1 129 ? -10.985 -7.380  10.765  1.00 10.18 ? 637 SER A O   1 
ATOM   649  C CB  . SER A 1 129 ? -8.542  -8.583  9.126   1.00 8.98  ? 637 SER A CB  1 
ATOM   650  O OG  . SER A 1 129 ? -8.177  -9.464  10.171  1.00 8.78  ? 637 SER A OG  1 
ATOM   651  N N   . LYS A 1 130 ? -9.173  -7.103  12.092  1.00 10.85 ? 638 LYS A N   1 
ATOM   652  C CA  . LYS A 1 130 ? -9.892  -7.234  13.393  1.00 12.10 ? 638 LYS A CA  1 
ATOM   653  C C   . LYS A 1 130 ? -10.780 -6.059  13.684  1.00 14.36 ? 638 LYS A C   1 
ATOM   654  O O   . LYS A 1 130 ? -11.660 -6.114  14.541  1.00 14.25 ? 638 LYS A O   1 
ATOM   655  C CB  . LYS A 1 130 ? -8.890  -7.395  14.527  1.00 11.93 ? 638 LYS A CB  1 
ATOM   656  C CG  . LYS A 1 130 ? -7.837  -8.404  14.141  1.00 11.75 ? 638 LYS A CG  1 
ATOM   657  C CD  . LYS A 1 130 ? -7.330  -9.260  15.255  1.00 11.90 ? 638 LYS A CD  1 
ATOM   658  C CE  . LYS A 1 130 ? -7.021  -10.668 14.747  1.00 11.72 ? 638 LYS A CE  1 
ATOM   659  N NZ  . LYS A 1 130 ? -8.143  -11.659 14.821  1.00 11.81 ? 638 LYS A NZ  1 
ATOM   660  N N   . ASN A 1 131 ? -10.557 -4.979  12.963  1.00 16.09 ? 639 ASN A N   1 
ATOM   661  C CA  . ASN A 1 131 ? -11.436 -3.840  13.037  1.00 19.78 ? 639 ASN A CA  1 
ATOM   662  C C   . ASN A 1 131 ? -12.460 -3.862  11.889  1.00 19.86 ? 639 ASN A C   1 
ATOM   663  O O   . ASN A 1 131 ? -12.106 -3.743  10.706  1.00 19.32 ? 639 ASN A O   1 
ATOM   664  C CB  . ASN A 1 131 ? -10.589 -2.573  13.028  1.00 22.36 ? 639 ASN A CB  1 
ATOM   665  C CG  . ASN A 1 131 ? -11.225 -1.451  13.794  1.00 25.11 ? 639 ASN A CG  1 
ATOM   666  O OD1 . ASN A 1 131 ? -11.543 -1.596  14.974  1.00 31.26 ? 639 ASN A OD1 1 
ATOM   667  N ND2 . ASN A 1 131 ? -11.412 -0.315  13.136  1.00 28.36 ? 639 ASN A ND2 1 
ATOM   668  N N   . PRO A 1 132 ? -13.740 -4.055  12.225  1.00 22.93 ? 640 PRO A N   1 
ATOM   669  C CA  . PRO A 1 132 ? -14.754 -4.108  11.166  1.00 23.66 ? 640 PRO A CA  1 
ATOM   670  C C   . PRO A 1 132 ? -14.825 -2.868  10.259  1.00 25.20 ? 640 PRO A C   1 
ATOM   671  O O   . PRO A 1 132 ? -15.246 -2.993  9.096   1.00 24.74 ? 640 PRO A O   1 
ATOM   672  C CB  . PRO A 1 132 ? -16.056 -4.307  11.948  1.00 24.32 ? 640 PRO A CB  1 
ATOM   673  C CG  . PRO A 1 132 ? -15.621 -5.120  13.113  1.00 23.68 ? 640 PRO A CG  1 
ATOM   674  C CD  . PRO A 1 132 ? -14.300 -4.497  13.517  1.00 22.78 ? 640 PRO A CD  1 
ATOM   675  N N   . GLU A 1 133 ? -14.382 -1.712  10.762  1.00 25.58 ? 641 GLU A N   1 
ATOM   676  C CA  . GLU A 1 133 ? -14.310 -0.472  9.942   1.00 28.58 ? 641 GLU A CA  1 
ATOM   677  C C   . GLU A 1 133 ? -13.202 -0.480  8.876   1.00 24.99 ? 641 GLU A C   1 
ATOM   678  O O   . GLU A 1 133 ? -13.306 0.212   7.861   1.00 25.86 ? 641 GLU A O   1 
ATOM   679  C CB  . GLU A 1 133 ? -14.110 0.750   10.832  1.00 31.13 ? 641 GLU A CB  1 
ATOM   680  C CG  . GLU A 1 133 ? -15.008 0.791   12.058  1.00 34.30 ? 641 GLU A CG  1 
ATOM   681  C CD  . GLU A 1 133 ? -14.213 0.590   13.332  1.00 37.89 ? 641 GLU A CD  1 
ATOM   682  O OE1 . GLU A 1 133 ? -13.933 -0.587  13.706  1.00 38.03 ? 641 GLU A OE1 1 
ATOM   683  O OE2 . GLU A 1 133 ? -13.842 1.629   13.929  1.00 39.99 ? 641 GLU A OE2 1 
ATOM   684  N N   . PHE A 1 134 ? -12.140 -1.247  9.131   1.00 23.30 ? 642 PHE A N   1 
ATOM   685  C CA  . PHE A 1 134 ? -10.995 -1.391  8.209   1.00 21.47 ? 642 PHE A CA  1 
ATOM   686  C C   . PHE A 1 134 ? -11.085 -2.590  7.219   1.00 21.61 ? 642 PHE A C   1 
ATOM   687  O O   . PHE A 1 134 ? -10.064 -2.938  6.599   1.00 20.59 ? 642 PHE A O   1 
ATOM   688  C CB  . PHE A 1 134 ? -9.678  -1.511  9.017   1.00 19.66 ? 642 PHE A CB  1 
ATOM   689  C CG  . PHE A 1 134 ? -9.467  -0.408  10.046  1.00 19.99 ? 642 PHE A CG  1 
ATOM   690  C CD1 . PHE A 1 134 ? -10.052 0.855   9.891   1.00 18.92 ? 642 PHE A CD1 1 
ATOM   691  C CD2 . PHE A 1 134 ? -8.646  -0.630  11.160  1.00 18.40 ? 642 PHE A CD2 1 
ATOM   692  C CE1 . PHE A 1 134 ? -9.837  1.859   10.822  1.00 18.76 ? 642 PHE A CE1 1 
ATOM   693  C CE2 . PHE A 1 134 ? -8.418  0.381   12.088  1.00 19.84 ? 642 PHE A CE2 1 
ATOM   694  C CZ  . PHE A 1 134 ? -9.023  1.627   11.922  1.00 19.06 ? 642 PHE A CZ  1 
ATOM   695  N N   . LYS A 1 135 ? -12.277 -3.203  7.086   1.00 22.07 ? 643 LYS A N   1 
ATOM   696  C CA  . LYS A 1 135 ? -12.517 -4.437  6.260   1.00 23.67 ? 643 LYS A CA  1 
ATOM   697  C C   . LYS A 1 135 ? -11.967 -4.427  4.834   1.00 21.52 ? 643 LYS A C   1 
ATOM   698  O O   . LYS A 1 135 ? -11.350 -5.393  4.408   1.00 21.61 ? 643 LYS A O   1 
ATOM   699  C CB  . LYS A 1 135 ? -14.028 -4.737  6.130   1.00 25.70 ? 643 LYS A CB  1 
ATOM   700  C CG  . LYS A 1 135 ? -14.572 -5.692  7.173   1.00 28.12 ? 643 LYS A CG  1 
ATOM   701  C CD  . LYS A 1 135 ? -16.068 -5.926  7.003   1.00 29.77 ? 643 LYS A CD  1 
ATOM   702  C CE  . LYS A 1 135 ? -16.706 -6.426  8.302   1.00 31.18 ? 643 LYS A CE  1 
ATOM   703  N NZ  . LYS A 1 135 ? -15.868 -7.431  9.036   1.00 32.67 ? 643 LYS A NZ  1 
ATOM   704  N N   . GLY A 1 136 ? -12.262 -3.359  4.100   1.00 18.69 ? 644 GLY A N   1 
ATOM   705  C CA  . GLY A 1 136 ? -11.700 -3.115  2.740   1.00 18.58 ? 644 GLY A CA  1 
ATOM   706  C C   . GLY A 1 136 ? -10.270 -2.572  2.557   1.00 17.56 ? 644 GLY A C   1 
ATOM   707  O O   . GLY A 1 136 ? -9.950  -2.084  1.461   1.00 19.06 ? 644 GLY A O   1 
ATOM   708  N N   . ILE A 1 137 ? -9.407  -2.699  3.573   1.00 16.25 ? 645 ILE A N   1 
ATOM   709  C CA  . ILE A 1 137 ? -8.054  -2.054  3.632   1.00 14.63 ? 645 ILE A CA  1 
ATOM   710  C C   . ILE A 1 137 ? -6.970  -3.122  3.767   1.00 14.16 ? 645 ILE A C   1 
ATOM   711  O O   . ILE A 1 137 ? -7.156  -4.071  4.536   1.00 13.27 ? 645 ILE A O   1 
ATOM   712  C CB  . ILE A 1 137 ? -7.947  -1.104  4.878   1.00 13.95 ? 645 ILE A CB  1 
ATOM   713  C CG1 . ILE A 1 137 ? -8.919  0.073   4.774   1.00 14.10 ? 645 ILE A CG1 1 
ATOM   714  C CG2 . ILE A 1 137 ? -6.545  -0.554  5.122   1.00 13.91 ? 645 ILE A CG2 1 
ATOM   715  C CD1 . ILE A 1 137 ? -8.980  0.734   3.426   1.00 13.91 ? 645 ILE A CD1 1 
ATOM   716  N N   . SER A 1 138 ? -5.854  -2.958  3.050   1.00 13.10 ? 646 SER A N   1 
ATOM   717  C CA  . SER A 1 138 ? -4.675  -3.838  3.197   1.00 13.12 ? 646 SER A CA  1 
ATOM   718  C C   . SER A 1 138 ? -3.336  -3.168  2.832   1.00 12.03 ? 646 SER A C   1 
ATOM   719  O O   . SER A 1 138 ? -3.308  -2.182  2.126   1.00 12.75 ? 646 SER A O   1 
ATOM   720  C CB  . SER A 1 138 ? -4.864  -5.153  2.421   1.00 13.46 ? 646 SER A CB  1 
ATOM   721  O OG  . SER A 1 138 ? -5.233  -4.946  1.067   1.00 14.68 ? 646 SER A OG  1 
ATOM   722  N N   . MET A 1 139 ? -2.235  -3.758  3.313   1.00 10.92 ? 647 MET A N   1 
ATOM   723  C CA  . MET A 1 139 ? -0.860  -3.253  3.217   1.00 10.15 ? 647 MET A CA  1 
ATOM   724  C C   . MET A 1 139 ? -0.004  -4.209  2.371   1.00 9.97  ? 647 MET A C   1 
ATOM   725  O O   . MET A 1 139 ? -0.213  -5.426  2.409   1.00 8.22  ? 647 MET A O   1 
ATOM   726  C CB  . MET A 1 139 ? -0.212  -3.150  4.626   1.00 10.08 ? 647 MET A CB  1 
ATOM   727  C CG  . MET A 1 139 ? 1.115   -2.398  4.669   1.00 10.02 ? 647 MET A CG  1 
ATOM   728  S SD  . MET A 1 139 ? 1.920   -2.167  6.282   1.00 9.95  ? 647 MET A SD  1 
ATOM   729  C CE  . MET A 1 139 ? 0.923   -0.903  7.067   1.00 9.58  ? 647 MET A CE  1 
ATOM   730  N N   . GLN A 1 140 ? 0.934   -3.652  1.610   1.00 9.84  ? 648 GLN A N   1 
ATOM   731  C CA  . GLN A 1 140 ? 1.873   -4.454  0.740   1.00 10.63 ? 648 GLN A CA  1 
ATOM   732  C C   . GLN A 1 140 ? 3.231   -3.778  0.733   1.00 9.33  ? 648 GLN A C   1 
ATOM   733  O O   . GLN A 1 140 ? 3.359   -2.702  1.265   1.00 8.70  ? 648 GLN A O   1 
ATOM   734  C CB  . GLN A 1 140 ? 1.411   -4.486  -0.733  1.00 12.49 ? 648 GLN A CB  1 
ATOM   735  C CG  . GLN A 1 140 ? 0.013   -5.018  -0.996  1.00 14.63 ? 648 GLN A CG  1 
ATOM   736  C CD  . GLN A 1 140 ? -0.123  -6.491  -0.672  1.00 15.61 ? 648 GLN A CD  1 
ATOM   737  O OE1 . GLN A 1 140 ? 0.748   -7.280  -1.021  1.00 17.71 ? 648 GLN A OE1 1 
ATOM   738  N NE2 . GLN A 1 140 ? -1.222  -6.868  -0.009  1.00 16.58 ? 648 GLN A NE2 1 
ATOM   739  N N   . SER A 1 141 ? 4.242   -4.405  0.111   1.00 8.69  ? 649 SER A N   1 
ATOM   740  C CA  . SER A 1 141 ? 5.546   -3.770  -0.094  1.00 8.19  ? 649 SER A CA  1 
ATOM   741  C C   . SER A 1 141 ? 6.162   -4.046  -1.510  1.00 8.17  ? 649 SER A C   1 
ATOM   742  O O   . SER A 1 141 ? 6.540   -5.171  -1.799  1.00 7.45  ? 649 SER A O   1 
ATOM   743  C CB  . SER A 1 141 ? 6.513   -4.246  0.994   1.00 8.16  ? 649 SER A CB  1 
ATOM   744  O OG  . SER A 1 141 ? 7.823   -3.728  0.807   1.00 7.97  ? 649 SER A OG  1 
ATOM   745  N N   . PRO A 1 142 ? 6.310   -3.009  -2.373  1.00 8.45  ? 650 PRO A N   1 
ATOM   746  C CA  . PRO A 1 142 ? 6.868   -3.311  -3.694  1.00 8.73  ? 650 PRO A CA  1 
ATOM   747  C C   . PRO A 1 142 ? 8.390   -3.484  -3.751  1.00 9.26  ? 650 PRO A C   1 
ATOM   748  O O   . PRO A 1 142 ? 8.869   -4.168  -4.687  1.00 9.02  ? 650 PRO A O   1 
ATOM   749  C CB  . PRO A 1 142 ? 6.429   -2.104  -4.515  1.00 9.07  ? 650 PRO A CB  1 
ATOM   750  C CG  . PRO A 1 142 ? 6.469   -0.991  -3.509  1.00 8.68  ? 650 PRO A CG  1 
ATOM   751  C CD  . PRO A 1 142 ? 5.839   -1.614  -2.312  1.00 8.56  ? 650 PRO A CD  1 
ATOM   752  N N   . GLU A 1 143 ? 9.119   -2.921  -2.750  1.00 9.20  ? 651 GLU A N   1 
ATOM   753  C CA  . GLU A 1 143 ? 10.594  -2.810  -2.741  1.00 9.98  ? 651 GLU A CA  1 
ATOM   754  C C   . GLU A 1 143 ? 11.125  -2.810  -1.275  1.00 8.62  ? 651 GLU A C   1 
ATOM   755  O O   . GLU A 1 143 ? 10.431  -2.276  -0.423  1.00 8.16  ? 651 GLU A O   1 
ATOM   756  C CB  . GLU A 1 143 ? 10.913  -1.456  -3.405  1.00 11.64 ? 651 GLU A CB  1 
ATOM   757  C CG  . GLU A 1 143 ? 12.325  -1.251  -3.911  1.00 14.12 ? 651 GLU A CG  1 
ATOM   758  C CD  . GLU A 1 143 ? 12.388  -0.324  -5.123  1.00 15.01 ? 651 GLU A CD  1 
ATOM   759  O OE1 . GLU A 1 143 ? 11.402  0.394   -5.432  1.00 16.26 ? 651 GLU A OE1 1 
ATOM   760  O OE2 . GLU A 1 143 ? 13.435  -0.325  -5.802  1.00 20.33 ? 651 GLU A OE2 1 
ATOM   761  N N   . PRO A 1 144 ? 12.334  -3.390  -0.970  1.00 8.11  ? 652 PRO A N   1 
ATOM   762  C CA  . PRO A 1 144 ? 12.872  -3.329  0.414   1.00 7.80  ? 652 PRO A CA  1 
ATOM   763  C C   . PRO A 1 144 ? 12.916  -1.940  0.980   1.00 7.11  ? 652 PRO A C   1 
ATOM   764  O O   . PRO A 1 144 ? 13.394  -1.078  0.313   1.00 6.91  ? 652 PRO A O   1 
ATOM   765  C CB  . PRO A 1 144 ? 14.338  -3.785  0.278   1.00 8.04  ? 652 PRO A CB  1 
ATOM   766  C CG  . PRO A 1 144 ? 14.388  -4.574  -0.980  1.00 8.25  ? 652 PRO A CG  1 
ATOM   767  C CD  . PRO A 1 144 ? 13.214  -4.192  -1.849  1.00 8.35  ? 652 PRO A CD  1 
ATOM   768  N N   . GLY A 1 145 ? 12.429  -1.735  2.182   1.00 6.67  ? 653 GLY A N   1 
ATOM   769  C CA  . GLY A 1 145 ? 12.404  -0.408  2.751   1.00 6.80  ? 653 GLY A CA  1 
ATOM   770  C C   . GLY A 1 145 ? 11.273  0.500   2.319   1.00 6.75  ? 653 GLY A C   1 
ATOM   771  O O   . GLY A 1 145 ? 11.278  1.656   2.737   1.00 6.73  ? 653 GLY A O   1 
ATOM   772  N N   . ILE A 1 146 ? 10.327  -0.017  1.515   1.00 6.88  ? 654 ILE A N   1 
ATOM   773  C CA  . ILE A 1 146 ? 9.058   0.668   1.141   1.00 7.20  ? 654 ILE A CA  1 
ATOM   774  C C   . ILE A 1 146 ? 7.742   -0.124  1.449   1.00 6.82  ? 654 ILE A C   1 
ATOM   775  O O   . ILE A 1 146 ? 7.608   -1.282  1.065   1.00 7.17  ? 654 ILE A O   1 
ATOM   776  C CB  . ILE A 1 146 ? 9.046   0.957   -0.365  1.00 7.81  ? 654 ILE A CB  1 
ATOM   777  C CG1 . ILE A 1 146 ? 10.388  1.559   -0.808  1.00 8.48  ? 654 ILE A CG1 1 
ATOM   778  C CG2 . ILE A 1 146 ? 7.856   1.822   -0.724  1.00 8.14  ? 654 ILE A CG2 1 
ATOM   779  C CD1 . ILE A 1 146 ? 10.453  1.867   -2.285  1.00 8.89  ? 654 ILE A CD1 1 
ATOM   780  N N   . PHE A 1 147 ? 6.772   0.508   2.105   1.00 6.24  ? 655 PHE A N   1 
ATOM   781  C CA  . PHE A 1 147 ? 5.460   -0.065  2.391   1.00 6.38  ? 655 PHE A CA  1 
ATOM   782  C C   . PHE A 1 147 ? 4.341   0.776   1.774   1.00 6.75  ? 655 PHE A C   1 
ATOM   783  O O   . PHE A 1 147 ? 4.524   1.974   1.669   1.00 7.06  ? 655 PHE A O   1 
ATOM   784  C CB  . PHE A 1 147 ? 5.248   -0.114  3.913   1.00 6.29  ? 655 PHE A CB  1 
ATOM   785  C CG  . PHE A 1 147 ? 6.204   -1.021  4.584   1.00 6.13  ? 655 PHE A CG  1 
ATOM   786  C CD1 . PHE A 1 147 ? 5.943   -2.364  4.629   1.00 6.10  ? 655 PHE A CD1 1 
ATOM   787  C CD2 . PHE A 1 147 ? 7.384   -0.539  5.133   1.00 6.14  ? 655 PHE A CD2 1 
ATOM   788  C CE1 . PHE A 1 147 ? 6.822   -3.208  5.229   1.00 5.90  ? 655 PHE A CE1 1 
ATOM   789  C CE2 . PHE A 1 147 ? 8.275   -1.393  5.747   1.00 6.08  ? 655 PHE A CE2 1 
ATOM   790  C CZ  . PHE A 1 147 ? 7.995   -2.724  5.764   1.00 5.98  ? 655 PHE A CZ  1 
ATOM   791  N N   . VAL A 1 148 ? 3.254   0.130   1.346   1.00 7.07  ? 656 VAL A N   1 
ATOM   792  C CA  . VAL A 1 148 ? 2.014   0.725   0.754   1.00 7.61  ? 656 VAL A CA  1 
ATOM   793  C C   . VAL A 1 148 ? 0.708   0.189   1.362   1.00 7.78  ? 656 VAL A C   1 
ATOM   794  O O   . VAL A 1 148 ? 0.475   -1.016  1.359   1.00 7.77  ? 656 VAL A O   1 
ATOM   795  C CB  . VAL A 1 148 ? 1.884   0.378   -0.769  1.00 8.02  ? 656 VAL A CB  1 
ATOM   796  C CG1 . VAL A 1 148 ? 0.725   1.139   -1.417  1.00 8.17  ? 656 VAL A CG1 1 
ATOM   797  C CG2 . VAL A 1 148 ? 3.152   0.704   -1.537  1.00 8.29  ? 656 VAL A CG2 1 
ATOM   798  N N   . ILE A 1 149 ? -0.170  1.070   1.818   1.00 7.80  ? 657 ILE A N   1 
ATOM   799  C CA  . ILE A 1 149 ? -1.504  0.708   2.269   1.00 7.99  ? 657 ILE A CA  1 
ATOM   800  C C   . ILE A 1 149 ? -2.635  1.168   1.255   1.00 8.44  ? 657 ILE A C   1 
ATOM   801  O O   . ILE A 1 149 ? -2.627  2.305   0.793   1.00 8.00  ? 657 ILE A O   1 
ATOM   802  C CB  . ILE A 1 149 ? -1.698  1.160   3.746   1.00 7.88  ? 657 ILE A CB  1 
ATOM   803  C CG1 . ILE A 1 149 ? -2.997  0.600   4.314   1.00 7.88  ? 657 ILE A CG1 1 
ATOM   804  C CG2 . ILE A 1 149 ? -1.661  2.680   3.933   1.00 7.87  ? 657 ILE A CG2 1 
ATOM   805  C CD1 . ILE A 1 149 ? -2.925  0.218   5.753   1.00 7.98  ? 657 ILE A CD1 1 
ATOM   806  N N   . SER A 1 150 ? -3.589  0.276   0.942   1.00 8.43  ? 658 SER A N   1 
ATOM   807  C CA  . SER A 1 150 ? -4.720  0.552   0.018   1.00 8.51  ? 658 SER A CA  1 
ATOM   808  C C   . SER A 1 150 ? -6.090  -0.017  0.409   1.00 9.10  ? 658 SER A C   1 
ATOM   809  O O   . SER A 1 150 ? -6.213  -0.751  1.388   1.00 7.90  ? 658 SER A O   1 
ATOM   810  C CB  . SER A 1 150 ? -4.369  0.046   -1.398  1.00 8.84  ? 658 SER A CB  1 
ATOM   811  O OG  . SER A 1 150 ? -4.116  -1.335  -1.430  1.00 8.56  ? 658 SER A OG  1 
ATOM   812  N N   . GLY A 1 151 ? -7.110  0.336   -0.410  1.00 10.02 ? 659 GLY A N   1 
ATOM   813  C CA  . GLY A 1 151 ? -8.493  -0.188  -0.336  1.00 10.74 ? 659 GLY A CA  1 
ATOM   814  C C   . GLY A 1 151 ? -9.558  0.882   -0.043  1.00 11.40 ? 659 GLY A C   1 
ATOM   815  O O   . GLY A 1 151 ? -9.391  2.030   -0.410  1.00 11.00 ? 659 GLY A O   1 
ATOM   816  N N   . TYR A 1 152 ? -10.660 0.486   0.590   1.00 12.99 ? 660 TYR A N   1 
ATOM   817  C CA  . TYR A 1 152 ? -11.834 1.355   0.766   1.00 13.95 ? 660 TYR A CA  1 
ATOM   818  C C   . TYR A 1 152 ? -12.345 1.348   2.203   1.00 14.89 ? 660 TYR A C   1 
ATOM   819  O O   . TYR A 1 152 ? -12.555 0.291   2.768   1.00 14.75 ? 660 TYR A O   1 
ATOM   820  C CB  . TYR A 1 152 ? -12.991 0.956   -0.173  1.00 14.24 ? 660 TYR A CB  1 
ATOM   821  C CG  . TYR A 1 152 ? -12.651 1.039   -1.624  1.00 14.12 ? 660 TYR A CG  1 
ATOM   822  C CD1 . TYR A 1 152 ? -12.063 -0.036  -2.258  1.00 14.37 ? 660 TYR A CD1 1 
ATOM   823  C CD2 . TYR A 1 152 ? -12.881 2.209   -2.366  1.00 14.72 ? 660 TYR A CD2 1 
ATOM   824  C CE1 . TYR A 1 152 ? -11.698 0.016   -3.586  1.00 14.38 ? 660 TYR A CE1 1 
ATOM   825  C CE2 . TYR A 1 152 ? -12.532 2.274   -3.703  1.00 14.52 ? 660 TYR A CE2 1 
ATOM   826  C CZ  . TYR A 1 152 ? -11.924 1.164   -4.301  1.00 15.08 ? 660 TYR A CZ  1 
ATOM   827  O OH  . TYR A 1 152 ? -11.553 1.124   -5.613  1.00 16.51 ? 660 TYR A OH  1 
ATOM   828  N N   . LEU A 1 153 ? -12.552 2.549   2.758   1.00 15.75 ? 661 LEU A N   1 
ATOM   829  C CA  . LEU A 1 153 ? -13.243 2.771   4.037   1.00 16.14 ? 661 LEU A CA  1 
ATOM   830  C C   . LEU A 1 153 ? -14.570 3.464   3.725   1.00 18.31 ? 661 LEU A C   1 
ATOM   831  O O   . LEU A 1 153 ? -14.705 4.037   2.645   1.00 16.62 ? 661 LEU A O   1 
ATOM   832  C CB  . LEU A 1 153 ? -12.377 3.688   4.907   1.00 16.59 ? 661 LEU A CB  1 
ATOM   833  C CG  . LEU A 1 153 ? -11.005 3.158   5.348   1.00 16.11 ? 661 LEU A CG  1 
ATOM   834  C CD1 . LEU A 1 153 ? -10.140 4.226   5.984   1.00 15.92 ? 661 LEU A CD1 1 
ATOM   835  C CD2 . LEU A 1 153 ? -11.197 2.034   6.333   1.00 16.31 ? 661 LEU A CD2 1 
ATOM   836  N N   . LYS A 1 154 ? -15.527 3.472   4.665   1.00 20.42 ? 662 LYS A N   1 
ATOM   837  C CA  . LYS A 1 154 ? -16.875 4.005   4.385   1.00 21.99 ? 662 LYS A CA  1 
ATOM   838  C C   . LYS A 1 154 ? -16.968 5.483   4.578   1.00 22.24 ? 662 LYS A C   1 
ATOM   839  O O   . LYS A 1 154 ? -17.618 6.146   3.778   1.00 20.78 ? 662 LYS A O   1 
ATOM   840  C CB  . LYS A 1 154 ? -17.974 3.375   5.232   1.00 24.38 ? 662 LYS A CB  1 
ATOM   841  C CG  . LYS A 1 154 ? -18.651 2.197   4.571   1.00 26.71 ? 662 LYS A CG  1 
ATOM   842  C CD  . LYS A 1 154 ? -19.895 1.772   5.341   1.00 29.62 ? 662 LYS A CD  1 
ATOM   843  C CE  . LYS A 1 154 ? -21.080 2.707   5.090   1.00 30.53 ? 662 LYS A CE  1 
ATOM   844  N NZ  . LYS A 1 154 ? -22.244 2.350   5.963   1.00 31.99 ? 662 LYS A NZ  1 
ATOM   845  N N   . THR A 1 155 ? -16.328 5.973   5.645   1.00 22.03 ? 663 THR A N   1 
ATOM   846  C CA  . THR A 1 155 ? -16.431 7.354   6.091   1.00 23.65 ? 663 THR A CA  1 
ATOM   847  C C   . THR A 1 155 ? -15.058 7.936   6.513   1.00 22.21 ? 663 THR A C   1 
ATOM   848  O O   . THR A 1 155 ? -14.076 7.201   6.617   1.00 24.22 ? 663 THR A O   1 
ATOM   849  C CB  . THR A 1 155 ? -17.439 7.459   7.267   1.00 24.46 ? 663 THR A CB  1 
ATOM   850  O OG1 . THR A 1 155 ? -17.017 6.650   8.363   1.00 23.85 ? 663 THR A OG1 1 
ATOM   851  C CG2 . THR A 1 155 ? -18.834 6.999   6.832   1.00 24.95 ? 663 THR A CG2 1 
ATOM   852  N N   . GLU A 1 156 ? -14.991 9.242   6.747   1.00 20.28 ? 664 GLU A N   1 
ATOM   853  C CA  . GLU A 1 156 ? -13.749 9.895   7.162   1.00 20.96 ? 664 GLU A CA  1 
ATOM   854  C C   . GLU A 1 156 ? -13.439 9.659   8.615   1.00 20.48 ? 664 GLU A C   1 
ATOM   855  O O   . GLU A 1 156 ? -12.266 9.732   9.059   1.00 20.20 ? 664 GLU A O   1 
ATOM   856  C CB  . GLU A 1 156 ? -13.841 11.397  6.960   1.00 23.09 ? 664 GLU A CB  1 
ATOM   857  C CG  . GLU A 1 156 ? -13.687 11.825  5.507   1.00 24.42 ? 664 GLU A CG  1 
ATOM   858  C CD  . GLU A 1 156 ? -14.633 12.943  5.127   1.00 26.64 ? 664 GLU A CD  1 
ATOM   859  O OE1 . GLU A 1 156 ? -15.198 13.573  6.047   1.00 26.65 ? 664 GLU A OE1 1 
ATOM   860  O OE2 . GLU A 1 156 ? -14.830 13.176  3.911   1.00 27.49 ? 664 GLU A OE2 1 
ATOM   861  N N   . GLU A 1 157 ? -14.514 9.448   9.365   1.00 19.41 ? 665 GLU A N   1 
ATOM   862  C CA  . GLU A 1 157 ? -14.427 9.046   10.760  1.00 19.80 ? 665 GLU A CA  1 
ATOM   863  C C   . GLU A 1 157 ? -13.552 7.790   10.792  1.00 18.01 ? 665 GLU A C   1 
ATOM   864  O O   . GLU A 1 157 ? -12.546 7.760   11.500  1.00 15.86 ? 665 GLU A O   1 
ATOM   865  C CB  . GLU A 1 157 ? -15.833 8.815   11.382  1.00 22.18 ? 665 GLU A CB  1 
ATOM   866  C CG  . GLU A 1 157 ? -16.950 9.649   10.705  1.00 25.94 ? 665 GLU A CG  1 
ATOM   867  C CD  . GLU A 1 157 ? -18.203 9.891   11.531  1.00 27.47 ? 665 GLU A CD  1 
ATOM   868  O OE1 . GLU A 1 157 ? -19.012 8.942   11.685  1.00 31.38 ? 665 GLU A OE1 1 
ATOM   869  O OE2 . GLU A 1 157 ? -18.400 11.049  12.004  1.00 29.44 ? 665 GLU A OE2 1 
ATOM   870  N N   . GLN A 1 158 ? -13.953 6.786   9.999   1.00 17.78 ? 666 GLN A N   1 
ATOM   871  C CA  . GLN A 1 158 ? -13.210 5.527   9.786   1.00 17.21 ? 666 GLN A CA  1 
ATOM   872  C C   . GLN A 1 158 ? -11.769 5.758   9.259   1.00 15.54 ? 666 GLN A C   1 
ATOM   873  O O   . GLN A 1 158 ? -10.843 5.149   9.762   1.00 15.80 ? 666 GLN A O   1 
ATOM   874  C CB  . GLN A 1 158 ? -13.978 4.553   8.865   1.00 18.55 ? 666 GLN A CB  1 
ATOM   875  C CG  . GLN A 1 158 ? -15.331 4.078   9.422   1.00 21.24 ? 666 GLN A CG  1 
ATOM   876  C CD  . GLN A 1 158 ? -15.961 2.882   8.690   1.00 23.32 ? 666 GLN A CD  1 
ATOM   877  O OE1 . GLN A 1 158 ? -15.504 2.461   7.626   1.00 27.41 ? 666 GLN A OE1 1 
ATOM   878  N NE2 . GLN A 1 158 ? -17.029 2.335   9.271   1.00 24.10 ? 666 GLN A NE2 1 
ATOM   879  N N   . ALA A 1 159 ? -11.584 6.651   8.293   1.00 13.72 ? 667 ALA A N   1 
ATOM   880  C CA  . ALA A 1 159 ? -10.245 7.104   7.861   1.00 13.11 ? 667 ALA A CA  1 
ATOM   881  C C   . ALA A 1 159 ? -9.321  7.649   8.986   1.00 11.80 ? 667 ALA A C   1 
ATOM   882  O O   . ALA A 1 159 ? -8.099  7.364   9.036   1.00 10.24 ? 667 ALA A O   1 
ATOM   883  C CB  . ALA A 1 159 ? -10.380 8.134   6.759   1.00 13.45 ? 667 ALA A CB  1 
ATOM   884  N N   . ALA A 1 160 ? -9.903  8.439   9.883   1.00 11.21 ? 668 ALA A N   1 
ATOM   885  C CA  . ALA A 1 160 ? -9.152  9.017   11.017  1.00 11.33 ? 668 ALA A CA  1 
ATOM   886  C C   . ALA A 1 160 ? -8.693  7.956   11.994  1.00 11.40 ? 668 ALA A C   1 
ATOM   887  O O   . ALA A 1 160 ? -7.551  8.005   12.492  1.00 12.15 ? 668 ALA A O   1 
ATOM   888  C CB  . ALA A 1 160 ? -10.014 10.055  11.743  1.00 11.50 ? 668 ALA A CB  1 
ATOM   889  N N   A CYS A 1 161 ? -9.577  7.012   12.301  0.50 11.46 ? 669 CYS A N   1 
ATOM   890  N N   B CYS A 1 161 ? -9.582  7.022   12.304  0.50 11.14 ? 669 CYS A N   1 
ATOM   891  C CA  A CYS A 1 161 ? -9.202  5.885   13.142  0.50 11.83 ? 669 CYS A CA  1 
ATOM   892  C CA  B CYS A 1 161 ? -9.226  5.877   13.125  0.50 11.21 ? 669 CYS A CA  1 
ATOM   893  C C   A CYS A 1 161 ? -8.030  5.133   12.532  0.50 11.28 ? 669 CYS A C   1 
ATOM   894  C C   B CYS A 1 161 ? -8.045  5.124   12.532  0.50 10.97 ? 669 CYS A C   1 
ATOM   895  O O   A CYS A 1 161 ? -7.069  4.816   13.222  0.50 10.79 ? 669 CYS A O   1 
ATOM   896  O O   B CYS A 1 161 ? -7.093  4.802   13.232  0.50 10.53 ? 669 CYS A O   1 
ATOM   897  C CB  A CYS A 1 161 ? -10.377 4.948   13.375  0.50 12.09 ? 669 CYS A CB  1 
ATOM   898  C CB  B CYS A 1 161 ? -10.430 4.971   13.304  0.50 11.08 ? 669 CYS A CB  1 
ATOM   899  S SG  A CYS A 1 161 ? -10.279 4.127   14.985  0.50 13.44 ? 669 CYS A SG  1 
ATOM   900  S SG  B CYS A 1 161 ? -11.704 5.751   14.318  0.50 11.37 ? 669 CYS A SG  1 
ATOM   901  N N   . LEU A 1 162 ? -8.083  4.908   11.221  1.00 11.22 ? 670 LEU A N   1 
ATOM   902  C CA  . LEU A 1 162 ? -6.980  4.243   10.531  1.00 11.09 ? 670 LEU A CA  1 
ATOM   903  C C   . LEU A 1 162 ? -5.635  4.929   10.730  1.00 11.21 ? 670 LEU A C   1 
ATOM   904  O O   . LEU A 1 162 ? -4.678  4.309   11.174  1.00 11.82 ? 670 LEU A O   1 
ATOM   905  C CB  . LEU A 1 162 ? -7.296  4.061   9.053   1.00 10.95 ? 670 LEU A CB  1 
ATOM   906  C CG  . LEU A 1 162 ? -6.244  3.280   8.270   1.00 11.34 ? 670 LEU A CG  1 
ATOM   907  C CD1 . LEU A 1 162 ? -5.854  2.003   8.990   1.00 10.91 ? 670 LEU A CD1 1 
ATOM   908  C CD2 . LEU A 1 162 ? -6.756  2.976   6.871   1.00 11.35 ? 670 LEU A CD2 1 
ATOM   909  N N   . ALA A 1 163 ? -5.568  6.208   10.418  1.00 11.84 ? 671 ALA A N   1 
ATOM   910  C CA  . ALA A 1 163 ? -4.373  7.047   10.664  1.00 12.33 ? 671 ALA A CA  1 
ATOM   911  C C   . ALA A 1 163 ? -3.776  6.928   12.096  1.00 12.88 ? 671 ALA A C   1 
ATOM   912  O O   . ALA A 1 163 ? -2.549  6.741   12.284  1.00 11.89 ? 671 ALA A O   1 
ATOM   913  C CB  . ALA A 1 163 ? -4.730  8.490   10.369  1.00 12.26 ? 671 ALA A CB  1 
ATOM   914  N N   . ASP A 1 164 ? -4.657  7.037   13.091  1.00 13.47 ? 672 ASP A N   1 
ATOM   915  C CA  . ASP A 1 164 ? -4.283  6.955   14.527  1.00 14.89 ? 672 ASP A CA  1 
ATOM   916  C C   . ASP A 1 164 ? -3.651  5.614   14.840  1.00 13.87 ? 672 ASP A C   1 
ATOM   917  O O   . ASP A 1 164 ? -2.560  5.512   15.455  1.00 14.62 ? 672 ASP A O   1 
ATOM   918  C CB  . ASP A 1 164 ? -5.533  7.151   15.396  1.00 16.69 ? 672 ASP A CB  1 
ATOM   919  C CG  . ASP A 1 164 ? -6.156  8.499   15.182  1.00 20.39 ? 672 ASP A CG  1 
ATOM   920  O OD1 . ASP A 1 164 ? -5.520  9.318   14.473  1.00 26.06 ? 672 ASP A OD1 1 
ATOM   921  O OD2 . ASP A 1 164 ? -7.262  8.770   15.703  1.00 23.12 ? 672 ASP A OD2 1 
ATOM   922  N N   . TYR A 1 165 ? -4.297  4.590   14.313  1.00 12.52 ? 673 TYR A N   1 
ATOM   923  C CA  . TYR A 1 165 ? -3.898  3.239   14.539  1.00 11.77 ? 673 TYR A CA  1 
ATOM   924  C C   . TYR A 1 165 ? -2.468  2.987   14.057  1.00 12.32 ? 673 TYR A C   1 
ATOM   925  O O   . TYR A 1 165 ? -1.680  2.358   14.776  1.00 11.86 ? 673 TYR A O   1 
ATOM   926  C CB  . TYR A 1 165 ? -4.876  2.316   13.846  1.00 11.52 ? 673 TYR A CB  1 
ATOM   927  C CG  . TYR A 1 165 ? -4.577  0.941   14.207  1.00 11.06 ? 673 TYR A CG  1 
ATOM   928  C CD1 . TYR A 1 165 ? -5.153  0.354   15.316  1.00 10.99 ? 673 TYR A CD1 1 
ATOM   929  C CD2 . TYR A 1 165 ? -3.624  0.237   13.496  1.00 11.31 ? 673 TYR A CD2 1 
ATOM   930  C CE1 . TYR A 1 165 ? -4.816  -0.942  15.689  1.00 11.07 ? 673 TYR A CE1 1 
ATOM   931  C CE2 . TYR A 1 165 ? -3.276  -1.052  13.851  1.00 10.91 ? 673 TYR A CE2 1 
ATOM   932  C CZ  . TYR A 1 165 ? -3.857  -1.625  14.927  1.00 11.20 ? 673 TYR A CZ  1 
ATOM   933  O OH  . TYR A 1 165 ? -3.459  -2.888  15.202  1.00 11.72 ? 673 TYR A OH  1 
ATOM   934  N N   . LEU A 1 166 ? -2.158  3.474   12.845  1.00 12.85 ? 674 LEU A N   1 
ATOM   935  C CA  . LEU A 1 166 ? -0.800  3.474   12.286  1.00 13.28 ? 674 LEU A CA  1 
ATOM   936  C C   . LEU A 1 166 ? 0.225   4.325   13.063  1.00 14.34 ? 674 LEU A C   1 
ATOM   937  O O   . LEU A 1 166 ? 1.371   3.901   13.243  1.00 15.32 ? 674 LEU A O   1 
ATOM   938  C CB  . LEU A 1 166 ? -0.795  3.908   10.832  1.00 12.97 ? 674 LEU A CB  1 
ATOM   939  C CG  . LEU A 1 166 ? -1.772  3.266   9.845   1.00 13.35 ? 674 LEU A CG  1 
ATOM   940  C CD1 . LEU A 1 166 ? -1.519  3.769   8.451   1.00 13.93 ? 674 LEU A CD1 1 
ATOM   941  C CD2 . LEU A 1 166 ? -1.705  1.754   9.891   1.00 13.76 ? 674 LEU A CD2 1 
ATOM   942  N N   . ASN A 1 167 ? -0.128  5.509   13.541  1.00 15.05 ? 675 ASN A N   1 
ATOM   943  C CA  . ASN A 1 167 ? 0.910   6.252   14.253  1.00 15.88 ? 675 ASN A CA  1 
ATOM   944  C C   . ASN A 1 167 ? 1.347   5.471   15.497  1.00 15.89 ? 675 ASN A C   1 
ATOM   945  O O   . ASN A 1 167 ? 2.556   5.380   15.813  1.00 15.75 ? 675 ASN A O   1 
ATOM   946  C CB  . ASN A 1 167 ? 0.526   7.660   14.654  1.00 17.12 ? 675 ASN A CB  1 
ATOM   947  C CG  . ASN A 1 167 ? 1.762   8.497   14.975  1.00 18.42 ? 675 ASN A CG  1 
ATOM   948  O OD1 . ASN A 1 167 ? 2.892   8.022   14.818  1.00 21.54 ? 675 ASN A OD1 1 
ATOM   949  N ND2 . ASN A 1 167 ? 1.567   9.712   15.420  1.00 19.57 ? 675 ASN A ND2 1 
ATOM   950  N N   . LEU A 1 168 ? 0.357   4.904   16.174  1.00 16.12 ? 676 LEU A N   1 
ATOM   951  C CA  . LEU A 1 168 ? 0.582   4.178   17.417  1.00 17.82 ? 676 LEU A CA  1 
ATOM   952  C C   . LEU A 1 168 ? 1.124   2.790   17.216  1.00 17.07 ? 676 LEU A C   1 
ATOM   953  O O   . LEU A 1 168 ? 1.819   2.275   18.071  1.00 20.88 ? 676 LEU A O   1 
ATOM   954  C CB  . LEU A 1 168 ? -0.732  4.051   18.203  1.00 17.75 ? 676 LEU A CB  1 
ATOM   955  C CG  . LEU A 1 168 ? -0.955  4.833   19.500  1.00 19.21 ? 676 LEU A CG  1 
ATOM   956  C CD1 . LEU A 1 168 ? -0.544  6.297   19.378  1.00 19.73 ? 676 LEU A CD1 1 
ATOM   957  C CD2 . LEU A 1 168 ? -2.425  4.688   19.906  1.00 18.71 ? 676 LEU A CD2 1 
ATOM   958  N N   . HIS A 1 169 ? 0.726   2.131   16.138  1.00 17.06 ? 677 HIS A N   1 
ATOM   959  C CA  . HIS A 1 169 ? 0.944   0.713   16.019  1.00 15.00 ? 677 HIS A CA  1 
ATOM   960  C C   . HIS A 1 169 ? 1.744   0.269   14.825  1.00 14.49 ? 677 HIS A C   1 
ATOM   961  O O   . HIS A 1 169 ? 1.948   -0.892  14.674  1.00 14.88 ? 677 HIS A O   1 
ATOM   962  C CB  . HIS A 1 169 ? -0.391  -0.021  16.140  1.00 15.65 ? 677 HIS A CB  1 
ATOM   963  C CG  . HIS A 1 169 ? -1.120  0.339   17.390  1.00 14.69 ? 677 HIS A CG  1 
ATOM   964  N ND1 . HIS A 1 169 ? -2.287  1.072   17.396  1.00 16.20 ? 677 HIS A ND1 1 
ATOM   965  C CD2 . HIS A 1 169 ? -0.779  0.164   18.687  1.00 14.82 ? 677 HIS A CD2 1 
ATOM   966  C CE1 . HIS A 1 169 ? -2.658  1.302   18.646  1.00 15.50 ? 677 HIS A CE1 1 
ATOM   967  N NE2 . HIS A 1 169 ? -1.765  0.753   19.448  1.00 15.45 ? 677 HIS A NE2 1 
ATOM   968  N N   . PHE A 1 170 ? 2.285   1.169   14.016  1.00 12.87 ? 678 PHE A N   1 
ATOM   969  C CA  . PHE A 1 170 ? 3.178   0.731   12.937  1.00 11.34 ? 678 PHE A CA  1 
ATOM   970  C C   . PHE A 1 170 ? 4.557   1.382   13.150  1.00 11.47 ? 678 PHE A C   1 
ATOM   971  O O   . PHE A 1 170 ? 4.625   2.583   13.296  1.00 11.28 ? 678 PHE A O   1 
ATOM   972  C CB  . PHE A 1 170 ? 2.511   1.092   11.593  1.00 10.38 ? 678 PHE A CB  1 
ATOM   973  C CG  . PHE A 1 170 ? 3.245   0.622   10.391  1.00 9.28  ? 678 PHE A CG  1 
ATOM   974  C CD1 . PHE A 1 170 ? 3.528   -0.743  10.221  1.00 9.09  ? 678 PHE A CD1 1 
ATOM   975  C CD2 . PHE A 1 170 ? 3.641   1.518   9.409   1.00 8.66  ? 678 PHE A CD2 1 
ATOM   976  C CE1 . PHE A 1 170 ? 4.221   -1.173  9.113   1.00 8.62  ? 678 PHE A CE1 1 
ATOM   977  C CE2 . PHE A 1 170 ? 4.341   1.086   8.304   1.00 8.54  ? 678 PHE A CE2 1 
ATOM   978  C CZ  . PHE A 1 170 ? 4.608   -0.260  8.131   1.00 8.52  ? 678 PHE A CZ  1 
ATOM   979  N N   . ASN A 1 171 ? 5.648   0.607   13.158  1.00 12.09 ? 679 ASN A N   1 
ATOM   980  C CA  . ASN A 1 171 ? 6.994   1.177   13.405  1.00 12.65 ? 679 ASN A CA  1 
ATOM   981  C C   . ASN A 1 171 ? 7.680   1.705   12.208  1.00 11.60 ? 679 ASN A C   1 
ATOM   982  O O   . ASN A 1 171 ? 8.825   2.147   12.332  1.00 11.70 ? 679 ASN A O   1 
ATOM   983  C CB  . ASN A 1 171 ? 7.997   0.143   13.911  1.00 14.82 ? 679 ASN A CB  1 
ATOM   984  C CG  . ASN A 1 171 ? 7.620   -0.467  15.196  1.00 16.43 ? 679 ASN A CG  1 
ATOM   985  O OD1 . ASN A 1 171 ? 6.833   0.076   15.970  1.00 19.10 ? 679 ASN A OD1 1 
ATOM   986  N ND2 . ASN A 1 171 ? 8.209   -1.612  15.463  1.00 17.90 ? 679 ASN A ND2 1 
ATOM   987  N N   . TYR A 1 172 ? 7.058   1.587   11.032  1.00 9.83  ? 680 TYR A N   1 
ATOM   988  C CA  . TYR A 1 172 ? 7.741   1.986   9.804   1.00 8.85  ? 680 TYR A CA  1 
ATOM   989  C C   . TYR A 1 172 ? 6.948   3.030   9.068   1.00 7.96  ? 680 TYR A C   1 
ATOM   990  O O   . TYR A 1 172 ? 7.004   3.104   7.886   1.00 6.98  ? 680 TYR A O   1 
ATOM   991  C CB  . TYR A 1 172 ? 8.052   0.781   8.925   1.00 8.74  ? 680 TYR A CB  1 
ATOM   992  C CG  . TYR A 1 172 ? 8.925   -0.160  9.682   1.00 8.61  ? 680 TYR A CG  1 
ATOM   993  C CD1 . TYR A 1 172 ? 10.278  0.120   9.883   1.00 8.67  ? 680 TYR A CD1 1 
ATOM   994  C CD2 . TYR A 1 172 ? 8.394   -1.304  10.246  1.00 8.61  ? 680 TYR A CD2 1 
ATOM   995  C CE1 . TYR A 1 172 ? 11.084  -0.733  10.636  1.00 8.70  ? 680 TYR A CE1 1 
ATOM   996  C CE2 . TYR A 1 172 ? 9.198   -2.170  10.963  1.00 8.71  ? 680 TYR A CE2 1 
ATOM   997  C CZ  . TYR A 1 172 ? 10.531  -1.871  11.161  1.00 8.75  ? 680 TYR A CZ  1 
ATOM   998  O OH  . TYR A 1 172 ? 11.279  -2.746  11.913  1.00 8.53  ? 680 TYR A OH  1 
ATOM   999  N N   . LEU A 1 173 ? 6.274   3.887   9.826   1.00 7.66  ? 681 LEU A N   1 
ATOM   1000 C CA  . LEU A 1 173 ? 5.454   4.959   9.243   1.00 7.68  ? 681 LEU A CA  1 
ATOM   1001 C C   . LEU A 1 173 ? 6.259   5.818   8.295   1.00 7.02  ? 681 LEU A C   1 
ATOM   1002 O O   . LEU A 1 173 ? 5.737   6.219   7.253   1.00 6.79  ? 681 LEU A O   1 
ATOM   1003 C CB  . LEU A 1 173 ? 4.753   5.779   10.374  1.00 7.79  ? 681 LEU A CB  1 
ATOM   1004 C CG  . LEU A 1 173 ? 3.673   6.804   10.039  1.00 8.61  ? 681 LEU A CG  1 
ATOM   1005 C CD1 . LEU A 1 173 ? 2.745   6.455   8.896   1.00 8.98  ? 681 LEU A CD1 1 
ATOM   1006 C CD2 . LEU A 1 173 ? 2.801   7.147   11.241  1.00 8.74  ? 681 LEU A CD2 1 
ATOM   1007 N N   . SER A 1 174 ? 7.544   6.041   8.596   1.00 6.71  ? 682 SER A N   1 
ATOM   1008 C CA  . SER A 1 174 ? 8.381   6.866   7.718   1.00 6.56  ? 682 SER A CA  1 
ATOM   1009 C C   . SER A 1 174 ? 8.619   6.241   6.354   1.00 6.45  ? 682 SER A C   1 
ATOM   1010 O O   . SER A 1 174 ? 8.993   6.958   5.460   1.00 5.61  ? 682 SER A O   1 
ATOM   1011 C CB  . SER A 1 174 ? 9.723   7.270   8.360   1.00 6.63  ? 682 SER A CB  1 
ATOM   1012 O OG  . SER A 1 174 ? 10.641  6.175   8.465   1.00 6.92  ? 682 SER A OG  1 
ATOM   1013 N N   . LEU A 1 175 ? 8.344   4.938   6.198   1.00 6.50  ? 683 LEU A N   1 
ATOM   1014 C CA  . LEU A 1 175 ? 8.508   4.210   4.917   1.00 6.82  ? 683 LEU A CA  1 
ATOM   1015 C C   . LEU A 1 175 ? 7.167   3.838   4.199   1.00 7.17  ? 683 LEU A C   1 
ATOM   1016 O O   . LEU A 1 175 ? 7.185   3.095   3.223   1.00 6.98  ? 683 LEU A O   1 
ATOM   1017 C CB  . LEU A 1 175 ? 9.380   2.932   5.171   1.00 6.86  ? 683 LEU A CB  1 
ATOM   1018 C CG  . LEU A 1 175 ? 10.727  3.145   5.891   1.00 6.93  ? 683 LEU A CG  1 
ATOM   1019 C CD1 . LEU A 1 175 ? 11.483  1.867   6.317   1.00 6.94  ? 683 LEU A CD1 1 
ATOM   1020 C CD2 . LEU A 1 175 ? 11.644  4.084   5.131   1.00 7.03  ? 683 LEU A CD2 1 
ATOM   1021 N N   . LEU A 1 176 ? 6.026   4.369   4.676   1.00 7.86  ? 684 LEU A N   1 
ATOM   1022 C CA  . LEU A 1 176 ? 4.642   3.933   4.252   1.00 8.30  ? 684 LEU A CA  1 
ATOM   1023 C C   . LEU A 1 176 ? 4.041   4.863   3.201   1.00 9.01  ? 684 LEU A C   1 
ATOM   1024 O O   . LEU A 1 176 ? 3.887   6.043   3.491   1.00 9.41  ? 684 LEU A O   1 
ATOM   1025 C CB  . LEU A 1 176 ? 3.647   3.927   5.459   1.00 8.29  ? 684 LEU A CB  1 
ATOM   1026 C CG  . LEU A 1 176 ? 2.167   3.399   5.276   1.00 7.86  ? 684 LEU A CG  1 
ATOM   1027 C CD1 . LEU A 1 176 ? 2.129   1.986   4.709   1.00 7.91  ? 684 LEU A CD1 1 
ATOM   1028 C CD2 . LEU A 1 176 ? 1.324   3.431   6.514   1.00 7.92  ? 684 LEU A CD2 1 
ATOM   1029 N N   . ASP A 1 177 ? 3.674   4.344   2.024   1.00 9.69  ? 685 ASP A N   1 
ATOM   1030 C CA  . ASP A 1 177 ? 2.761   5.032   1.063   1.00 10.99 ? 685 ASP A CA  1 
ATOM   1031 C C   . ASP A 1 177 ? 1.263   4.673   1.291   1.00 11.58 ? 685 ASP A C   1 
ATOM   1032 O O   . ASP A 1 177 ? 0.869   3.504   1.253   1.00 11.49 ? 685 ASP A O   1 
ATOM   1033 C CB  . ASP A 1 177 ? 3.225   4.656   -0.374  1.00 11.80 ? 685 ASP A CB  1 
ATOM   1034 C CG  . ASP A 1 177 ? 2.605   5.523   -1.498  1.00 13.75 ? 685 ASP A CG  1 
ATOM   1035 O OD1 . ASP A 1 177 ? 1.554   6.178   -1.318  1.00 13.65 ? 685 ASP A OD1 1 
ATOM   1036 O OD2 . ASP A 1 177 ? 3.187   5.529   -2.611  1.00 15.89 ? 685 ASP A OD2 1 
ATOM   1037 N N   . ASN A 1 178 ? 0.407   5.664   1.534   1.00 12.17 ? 686 ASN A N   1 
ATOM   1038 C CA  . ASN A 1 178 ? -1.047  5.418   1.747   1.00 13.45 ? 686 ASN A CA  1 
ATOM   1039 C C   . ASN A 1 178 ? -1.919  5.745   0.527   1.00 12.88 ? 686 ASN A C   1 
ATOM   1040 O O   . ASN A 1 178 ? -1.860  6.856   -0.010  1.00 13.15 ? 686 ASN A O   1 
ATOM   1041 C CB  . ASN A 1 178 ? -1.538  6.192   2.991   1.00 14.43 ? 686 ASN A CB  1 
ATOM   1042 C CG  . ASN A 1 178 ? -3.065  6.244   3.129   1.00 15.30 ? 686 ASN A CG  1 
ATOM   1043 O OD1 . ASN A 1 178 ? -3.817  5.329   2.728   1.00 14.62 ? 686 ASN A OD1 1 
ATOM   1044 N ND2 . ASN A 1 178 ? -3.526  7.306   3.766   1.00 16.58 ? 686 ASN A ND2 1 
ATOM   1045 N N   . LYS A 1 179 ? -2.715  4.760   0.105   1.00 12.63 ? 687 LYS A N   1 
ATOM   1046 C CA  . LYS A 1 179 ? -3.530  4.807   -1.133  1.00 12.33 ? 687 LYS A CA  1 
ATOM   1047 C C   . LYS A 1 179 ? -5.032  4.551   -0.904  1.00 10.74 ? 687 LYS A C   1 
ATOM   1048 O O   . LYS A 1 179 ? -5.817  4.362   -1.847  1.00 9.95  ? 687 LYS A O   1 
ATOM   1049 C CB  . LYS A 1 179 ? -3.011  3.769   -2.114  1.00 13.69 ? 687 LYS A CB  1 
ATOM   1050 C CG  . LYS A 1 179 ? -1.702  4.134   -2.793  1.00 14.65 ? 687 LYS A CG  1 
ATOM   1051 C CD  . LYS A 1 179 ? -1.158  2.873   -3.458  1.00 16.15 ? 687 LYS A CD  1 
ATOM   1052 C CE  . LYS A 1 179 ? 0.259   3.056   -3.974  1.00 17.06 ? 687 LYS A CE  1 
ATOM   1053 N NZ  . LYS A 1 179 ? 0.259   3.962   -5.145  1.00 18.25 ? 687 LYS A NZ  1 
ATOM   1054 N N   . VAL A 1 180 ? -5.435  4.560   0.351   1.00 9.52  ? 688 VAL A N   1 
ATOM   1055 C CA  . VAL A 1 180 ? -6.780  4.238   0.710   1.00 9.06  ? 688 VAL A CA  1 
ATOM   1056 C C   . VAL A 1 180 ? -7.819  5.291   0.268   1.00 9.14  ? 688 VAL A C   1 
ATOM   1057 O O   . VAL A 1 180 ? -7.634  6.447   0.498   1.00 8.62  ? 688 VAL A O   1 
ATOM   1058 C CB  . VAL A 1 180 ? -6.869  4.069   2.220   1.00 9.06  ? 688 VAL A CB  1 
ATOM   1059 C CG1 . VAL A 1 180 ? -8.324  3.939   2.649   1.00 8.99  ? 688 VAL A CG1 1 
ATOM   1060 C CG2 . VAL A 1 180 ? -6.030  2.844   2.611   1.00 9.38  ? 688 VAL A CG2 1 
ATOM   1061 N N   . ILE A 1 181 ? -8.949  4.817   -0.244  1.00 9.64  ? 689 ILE A N   1 
ATOM   1062 C CA  . ILE A 1 181 ? -10.099 5.660   -0.701  1.00 10.14 ? 689 ILE A CA  1 
ATOM   1063 C C   . ILE A 1 181 ? -11.200 5.712   0.357   1.00 10.19 ? 689 ILE A C   1 
ATOM   1064 O O   . ILE A 1 181 ? -11.478 4.696   1.012   1.00 11.12 ? 689 ILE A O   1 
ATOM   1065 C CB  . ILE A 1 181 ? -10.723 5.041   -1.986  1.00 9.88  ? 689 ILE A CB  1 
ATOM   1066 C CG1 . ILE A 1 181 ? -9.660  4.847   -3.087  1.00 10.05 ? 689 ILE A CG1 1 
ATOM   1067 C CG2 . ILE A 1 181 ? -11.934 5.840   -2.510  1.00 10.19 ? 689 ILE A CG2 1 
ATOM   1068 C CD1 . ILE A 1 181 ? -8.795  6.043   -3.376  1.00 10.12 ? 689 ILE A CD1 1 
ATOM   1069 N N   . ILE A 1 182 ? -11.889 6.848   0.452   1.00 10.41 ? 690 ILE A N   1 
ATOM   1070 C CA  . ILE A 1 182 ? -13.127 7.007   1.257   1.00 10.53 ? 690 ILE A CA  1 
ATOM   1071 C C   . ILE A 1 182 ? -14.450 6.939   0.435   1.00 11.00 ? 690 ILE A C   1 
ATOM   1072 O O   . ILE A 1 182 ? -14.722 7.798   -0.409  1.00 10.69 ? 690 ILE A O   1 
ATOM   1073 C CB  . ILE A 1 182 ? -13.059 8.321   2.066   1.00 10.56 ? 690 ILE A CB  1 
ATOM   1074 C CG1 . ILE A 1 182 ? -11.680 8.401   2.768   1.00 11.07 ? 690 ILE A CG1 1 
ATOM   1075 C CG2 . ILE A 1 182 ? -14.245 8.423   3.039   1.00 10.36 ? 690 ILE A CG2 1 
ATOM   1076 C CD1 . ILE A 1 182 ? -11.424 9.583   3.683   1.00 11.29 ? 690 ILE A CD1 1 
ATOM   1077 N N   . GLU A 1 183 ? -15.287 5.938   0.704   1.00 11.45 ? 691 GLU A N   1 
ATOM   1078 C CA  . GLU A 1 183 ? -16.514 5.729   -0.076  1.00 12.05 ? 691 GLU A CA  1 
ATOM   1079 C C   . GLU A 1 183 ? -17.576 6.805   -0.032  1.00 12.15 ? 691 GLU A C   1 
ATOM   1080 O O   . GLU A 1 183 ? -18.255 7.020   -1.023  1.00 10.44 ? 691 GLU A O   1 
ATOM   1081 C CB  . GLU A 1 183 ? -17.222 4.467   0.346   1.00 12.32 ? 691 GLU A CB  1 
ATOM   1082 C CG  . GLU A 1 183 ? -16.481 3.205   -0.049  1.00 12.36 ? 691 GLU A CG  1 
ATOM   1083 C CD  . GLU A 1 183 ? -17.149 1.965   0.483   1.00 12.11 ? 691 GLU A CD  1 
ATOM   1084 O OE1 . GLU A 1 183 ? -18.172 2.053   1.175   1.00 12.48 ? 691 GLU A OE1 1 
ATOM   1085 O OE2 . GLU A 1 183 ? -16.659 0.873   0.165   1.00 12.61 ? 691 GLU A OE2 1 
ATOM   1086 N N   . SER A 1 184 ? -17.776 7.419   1.130   1.00 13.76 ? 692 SER A N   1 
ATOM   1087 C CA  . SER A 1 184 ? -18.780 8.471   1.244   1.00 15.10 ? 692 SER A CA  1 
ATOM   1088 C C   . SER A 1 184 ? -18.376 9.715   0.423   1.00 15.93 ? 692 SER A C   1 
ATOM   1089 O O   . SER A 1 184 ? -19.241 10.370  -0.198  1.00 15.84 ? 692 SER A O   1 
ATOM   1090 C CB  . SER A 1 184 ? -19.037 8.813   2.720   1.00 16.48 ? 692 SER A CB  1 
ATOM   1091 O OG  . SER A 1 184 ? -17.869 9.322   3.365   1.00 17.51 ? 692 SER A OG  1 
ATOM   1092 N N   . GLN A 1 185 ? -17.064 9.999   0.393   1.00 16.52 ? 693 GLN A N   1 
ATOM   1093 C CA  . GLN A 1 185 ? -16.496 11.078  -0.423  1.00 17.19 ? 693 GLN A CA  1 
ATOM   1094 C C   . GLN A 1 185 ? -16.643 10.782  -1.906  1.00 16.45 ? 693 GLN A C   1 
ATOM   1095 O O   . GLN A 1 185 ? -16.934 11.674  -2.680  1.00 16.63 ? 693 GLN A O   1 
ATOM   1096 C CB  . GLN A 1 185 ? -15.013 11.311  -0.113  1.00 19.08 ? 693 GLN A CB  1 
ATOM   1097 C CG  . GLN A 1 185 ? -14.708 11.541  1.365   1.00 21.33 ? 693 GLN A CG  1 
ATOM   1098 C CD  . GLN A 1 185 ? -13.221 11.787  1.685   1.00 23.54 ? 693 GLN A CD  1 
ATOM   1099 O OE1 . GLN A 1 185 ? -12.890 12.166  2.814   1.00 26.70 ? 693 GLN A OE1 1 
ATOM   1100 N NE2 . GLN A 1 185 ? -12.327 11.563  0.721   1.00 24.09 ? 693 GLN A NE2 1 
ATOM   1101 N N   . VAL A 1 186 ? -16.478 9.533   -2.323  1.00 15.56 ? 694 VAL A N   1 
ATOM   1102 C CA  . VAL A 1 186 ? -16.688 9.209   -3.760  1.00 13.66 ? 694 VAL A CA  1 
ATOM   1103 C C   . VAL A 1 186 ? -18.171 9.272   -4.159  1.00 13.80 ? 694 VAL A C   1 
ATOM   1104 O O   . VAL A 1 186 ? -18.528 9.704   -5.267  1.00 11.94 ? 694 VAL A O   1 
ATOM   1105 C CB  . VAL A 1 186 ? -16.154 7.820   -4.143  1.00 13.23 ? 694 VAL A CB  1 
ATOM   1106 C CG1 . VAL A 1 186 ? -16.535 7.496   -5.597  1.00 13.32 ? 694 VAL A CG1 1 
ATOM   1107 C CG2 . VAL A 1 186 ? -14.637 7.721   -3.943  1.00 12.73 ? 694 VAL A CG2 1 
ATOM   1108 N N   . MET A 1 187 ? -19.010 8.741   -3.278  1.00 15.12 ? 695 MET A N   1 
ATOM   1109 C CA  . MET A 1 187 ? -20.451 8.710   -3.454  1.00 16.97 ? 695 MET A CA  1 
ATOM   1110 C C   . MET A 1 187 ? -21.024 10.105  -3.618  1.00 17.30 ? 695 MET A C   1 
ATOM   1111 O O   . MET A 1 187 ? -21.911 10.336  -4.459  1.00 17.44 ? 695 MET A O   1 
ATOM   1112 C CB  . MET A 1 187 ? -21.070 8.096   -2.209  1.00 18.40 ? 695 MET A CB  1 
ATOM   1113 C CG  . MET A 1 187 ? -22.509 8.509   -1.928  1.00 21.60 ? 695 MET A CG  1 
ATOM   1114 S SD  . MET A 1 187 ? -23.653 7.303   -2.553  1.00 24.70 ? 695 MET A SD  1 
ATOM   1115 C CE  . MET A 1 187 ? -23.451 6.018   -1.352  1.00 21.99 ? 695 MET A CE  1 
ATOM   1116 N N   . LYS A 1 188 ? -20.548 11.008  -2.769  1.00 17.33 ? 696 LYS A N   1 
ATOM   1117 C CA  . LYS A 1 188 ? -21.002 12.388  -2.769  1.00 18.77 ? 696 LYS A CA  1 
ATOM   1118 C C   . LYS A 1 188 ? -20.707 12.982  -4.116  1.00 16.51 ? 696 LYS A C   1 
ATOM   1119 O O   . LYS A 1 188 ? -21.574 13.556  -4.750  1.00 17.02 ? 696 LYS A O   1 
ATOM   1120 C CB  . LYS A 1 188 ? -20.260 13.204  -1.708  1.00 21.64 ? 696 LYS A CB  1 
ATOM   1121 C CG  . LYS A 1 188 ? -21.144 13.692  -0.576  1.00 24.55 ? 696 LYS A CG  1 
ATOM   1122 C CD  . LYS A 1 188 ? -20.323 14.269  0.555   1.00 26.63 ? 696 LYS A CD  1 
ATOM   1123 C CE  . LYS A 1 188 ? -19.502 13.197  1.250   1.00 27.42 ? 696 LYS A CE  1 
ATOM   1124 N NZ  . LYS A 1 188 ? -18.898 13.667  2.525   1.00 29.73 ? 696 LYS A NZ  1 
ATOM   1125 N N   . ALA A 1 189 ? -19.456 12.831  -4.533  1.00 14.89 ? 697 ALA A N   1 
ATOM   1126 C CA  . ALA A 1 189 ? -18.989 13.380  -5.776  1.00 13.19 ? 697 ALA A CA  1 
ATOM   1127 C C   . ALA A 1 189 ? -19.678 12.751  -7.012  1.00 11.86 ? 697 ALA A C   1 
ATOM   1128 O O   . ALA A 1 189 ? -19.887 13.415  -8.035  1.00 12.09 ? 697 ALA A O   1 
ATOM   1129 C CB  . ALA A 1 189 ? -17.481 13.226  -5.864  1.00 13.50 ? 697 ALA A CB  1 
ATOM   1130 N N   . LEU A 1 190 ? -20.012 11.481  -6.941  1.00 10.38 ? 698 LEU A N   1 
ATOM   1131 C CA  . LEU A 1 190 ? -20.763 10.860  -8.009  1.00 9.96  ? 698 LEU A CA  1 
ATOM   1132 C C   . LEU A 1 190 ? -22.167 11.475  -8.148  1.00 9.63  ? 698 LEU A C   1 
ATOM   1133 O O   . LEU A 1 190 ? -22.619 11.795  -9.267  1.00 9.15  ? 698 LEU A O   1 
ATOM   1134 C CB  . LEU A 1 190 ? -20.920 9.382   -7.761  1.00 9.77  ? 698 LEU A CB  1 
ATOM   1135 C CG  . LEU A 1 190 ? -19.728 8.540   -8.168  1.00 9.80  ? 698 LEU A CG  1 
ATOM   1136 C CD1 . LEU A 1 190 ? -20.025 7.132   -7.666  1.00 9.23  ? 698 LEU A CD1 1 
ATOM   1137 C CD2 . LEU A 1 190 ? -19.566 8.582   -9.689  1.00 9.60  ? 698 LEU A CD2 1 
ATOM   1138 N N   . ALA A 1 191 ? -22.832 11.633  -7.005  1.00 9.23  ? 699 ALA A N   1 
ATOM   1139 C CA  . ALA A 1 191 ? -24.222 12.082  -6.986  1.00 9.63  ? 699 ALA A CA  1 
ATOM   1140 C C   . ALA A 1 191 ? -24.301 13.521  -7.436  1.00 9.53  ? 699 ALA A C   1 
ATOM   1141 O O   . ALA A 1 191 ? -25.192 13.880  -8.220  1.00 9.69  ? 699 ALA A O   1 
ATOM   1142 C CB  . ALA A 1 191 ? -24.856 11.875  -5.612  1.00 9.67  ? 699 ALA A CB  1 
ATOM   1143 N N   . GLY A 1 192 ? -23.343 14.308  -6.933  1.00 9.69  ? 700 GLY A N   1 
ATOM   1144 C CA  . GLY A 1 192 ? -23.051 15.664  -7.373  1.00 9.47  ? 700 GLY A CA  1 
ATOM   1145 C C   . GLY A 1 192 ? -22.903 15.812  -8.885  1.00 9.66  ? 700 GLY A C   1 
ATOM   1146 O O   . GLY A 1 192 ? -23.675 16.546  -9.531  1.00 8.92  ? 700 GLY A O   1 
ATOM   1147 N N   . HIS A 1 193 ? -21.951 15.097  -9.474  1.00 9.22  ? 701 HIS A N   1 
ATOM   1148 C CA  . HIS A 1 193 ? -21.779 15.170  -10.898 1.00 9.47  ? 701 HIS A CA  1 
ATOM   1149 C C   . HIS A 1 193 ? -23.007 14.813  -11.788 1.00 9.30  ? 701 HIS A C   1 
ATOM   1150 O O   . HIS A 1 193 ? -23.182 15.428  -12.861 1.00 8.67  ? 701 HIS A O   1 
ATOM   1151 C CB  . HIS A 1 193 ? -20.576 14.333  -11.326 1.00 10.06 ? 701 HIS A CB  1 
ATOM   1152 C CG  . HIS A 1 193 ? -19.988 14.790  -12.616 1.00 10.78 ? 701 HIS A CG  1 
ATOM   1153 N ND1 . HIS A 1 193 ? -19.098 15.838  -12.689 1.00 10.98 ? 701 HIS A ND1 1 
ATOM   1154 C CD2 . HIS A 1 193 ? -20.201 14.380  -13.889 1.00 11.31 ? 701 HIS A CD2 1 
ATOM   1155 C CE1 . HIS A 1 193 ? -18.751 16.024  -13.955 1.00 11.44 ? 701 HIS A CE1 1 
ATOM   1156 N NE2 . HIS A 1 193 ? -19.409 15.156  -14.702 1.00 11.39 ? 701 HIS A NE2 1 
ATOM   1157 N N   . LEU A 1 194 ? -23.835 13.835  -11.385 1.00 8.69  ? 702 LEU A N   1 
ATOM   1158 C CA  . LEU A 1 194 ? -25.005 13.458  -12.175 1.00 8.74  ? 702 LEU A CA  1 
ATOM   1159 C C   . LEU A 1 194 ? -26.045 14.571  -12.255 1.00 8.46  ? 702 LEU A C   1 
ATOM   1160 O O   . LEU A 1 194 ? -26.443 14.971  -13.321 1.00 7.43  ? 702 LEU A O   1 
ATOM   1161 C CB  . LEU A 1 194 ? -25.718 12.279  -11.589 1.00 8.93  ? 702 LEU A CB  1 
ATOM   1162 C CG  . LEU A 1 194 ? -25.071 10.948  -11.826 1.00 9.28  ? 702 LEU A CG  1 
ATOM   1163 C CD1 . LEU A 1 194 ? -25.627 9.936   -10.832 1.00 9.50  ? 702 LEU A CD1 1 
ATOM   1164 C CD2 . LEU A 1 194 ? -25.388 10.542  -13.254 1.00 9.23  ? 702 LEU A CD2 1 
ATOM   1165 N N   . VAL A 1 195 ? -26.475 15.018  -11.093 1.00 9.12  ? 703 VAL A N   1 
ATOM   1166 C CA  . VAL A 1 195 ? -27.451 16.078  -11.005 1.00 9.62  ? 703 VAL A CA  1 
ATOM   1167 C C   . VAL A 1 195 ? -26.946 17.314  -11.742 1.00 9.65  ? 703 VAL A C   1 
ATOM   1168 O O   . VAL A 1 195 ? -27.664 17.808  -12.589 1.00 8.97  ? 703 VAL A O   1 
ATOM   1169 C CB  . VAL A 1 195 ? -27.923 16.380  -9.556  1.00 10.09 ? 703 VAL A CB  1 
ATOM   1170 C CG1 . VAL A 1 195 ? -28.543 15.141  -8.938  1.00 10.34 ? 703 VAL A CG1 1 
ATOM   1171 C CG2 . VAL A 1 195 ? -26.819 16.915  -8.642  1.00 10.60 ? 703 VAL A CG2 1 
ATOM   1172 N N   . GLN A 1 196 ? -25.719 17.759  -11.422 1.00 10.31 ? 704 GLN A N   1 
ATOM   1173 C CA  . GLN A 1 196 ? -25.039 18.873  -12.094 1.00 11.25 ? 704 GLN A CA  1 
ATOM   1174 C C   . GLN A 1 196 ? -25.069 18.679  -13.614 1.00 10.77 ? 704 GLN A C   1 
ATOM   1175 O O   . GLN A 1 196 ? -25.048 19.654  -14.361 1.00 9.73  ? 704 GLN A O   1 
ATOM   1176 C CB  . GLN A 1 196 ? -23.543 18.934  -11.719 1.00 13.01 ? 704 GLN A CB  1 
ATOM   1177 C CG  . GLN A 1 196 ? -23.178 19.414  -10.322 1.00 14.71 ? 704 GLN A CG  1 
ATOM   1178 C CD  . GLN A 1 196 ? -21.691 19.264  -9.959  1.00 17.38 ? 704 GLN A CD  1 
ATOM   1179 O OE1 . GLN A 1 196 ? -20.804 19.101  -10.814 1.00 17.62 ? 704 GLN A OE1 1 
ATOM   1180 N NE2 . GLN A 1 196 ? -21.418 19.298  -8.648  1.00 19.71 ? 704 GLN A NE2 1 
ATOM   1181 N N   . SER A 1 197 ? -25.021 17.414  -14.059 1.00 9.21  ? 705 SER A N   1 
ATOM   1182 C CA  . SER A 1 197 ? -25.144 17.121  -15.482 1.00 9.06  ? 705 SER A CA  1 
ATOM   1183 C C   . SER A 1 197 ? -26.581 17.109  -16.065 1.00 8.48  ? 705 SER A C   1 
ATOM   1184 O O   . SER A 1 197 ? -26.742 17.036  -17.269 1.00 8.65  ? 705 SER A O   1 
ATOM   1185 C CB  . SER A 1 197 ? -24.395 15.839  -15.793 1.00 9.01  ? 705 SER A CB  1 
ATOM   1186 O OG  . SER A 1 197 ? -23.048 15.943  -15.326 1.00 9.46  ? 705 SER A OG  1 
ATOM   1187 N N   . GLY A 1 198 ? -27.625 17.181  -15.248 1.00 8.15  ? 706 GLY A N   1 
ATOM   1188 C CA  . GLY A 1 198 ? -28.993 17.199  -15.783 1.00 7.92  ? 706 GLY A CA  1 
ATOM   1189 C C   . GLY A 1 198 ? -29.843 15.975  -15.525 1.00 7.72  ? 706 GLY A C   1 
ATOM   1190 O O   . GLY A 1 198 ? -30.990 15.858  -15.998 1.00 8.31  ? 706 GLY A O   1 
ATOM   1191 N N   . PHE A 1 199 ? -29.298 15.057  -14.769 1.00 7.21  ? 707 PHE A N   1 
ATOM   1192 C CA  . PHE A 1 199 ? -29.935 13.788  -14.552 1.00 6.85  ? 707 PHE A CA  1 
ATOM   1193 C C   . PHE A 1 199 ? -30.365 13.739  -13.131 1.00 6.85  ? 707 PHE A C   1 
ATOM   1194 O O   . PHE A 1 199 ? -29.629 13.297  -12.219 1.00 7.46  ? 707 PHE A O   1 
ATOM   1195 C CB  . PHE A 1 199 ? -28.968 12.704  -14.861 1.00 6.59  ? 707 PHE A CB  1 
ATOM   1196 C CG  . PHE A 1 199 ? -28.564 12.686  -16.287 1.00 6.38  ? 707 PHE A CG  1 
ATOM   1197 C CD1 . PHE A 1 199 ? -29.461 12.234  -17.261 1.00 6.19  ? 707 PHE A CD1 1 
ATOM   1198 C CD2 . PHE A 1 199 ? -27.336 13.151  -16.662 1.00 6.05  ? 707 PHE A CD2 1 
ATOM   1199 C CE1 . PHE A 1 199 ? -29.108 12.232  -18.594 1.00 6.00  ? 707 PHE A CE1 1 
ATOM   1200 C CE2 . PHE A 1 199 ? -26.978 13.135  -17.983 1.00 6.25  ? 707 PHE A CE2 1 
ATOM   1201 C CZ  . PHE A 1 199 ? -27.865 12.666  -18.942 1.00 6.05  ? 707 PHE A CZ  1 
ATOM   1202 N N   . ALA A 1 200 ? -31.588 14.181  -12.932 1.00 6.91  ? 708 ALA A N   1 
ATOM   1203 C CA  . ALA A 1 200 ? -32.098 14.409  -11.593 1.00 6.94  ? 708 ALA A CA  1 
ATOM   1204 C C   . ALA A 1 200 ? -32.862 13.184  -11.057 1.00 6.89  ? 708 ALA A C   1 
ATOM   1205 O O   . ALA A 1 200 ? -33.186 13.146  -9.871  1.00 6.72  ? 708 ALA A O   1 
ATOM   1206 C CB  . ALA A 1 200 ? -32.998 15.635  -11.631 1.00 6.97  ? 708 ALA A CB  1 
ATOM   1207 N N   . ASN A 1 201 ? -33.143 12.197  -11.907 1.00 6.98  ? 709 ASN A N   1 
ATOM   1208 C CA  . ASN A 1 201 ? -33.925 11.028  -11.492 1.00 7.63  ? 709 ASN A CA  1 
ATOM   1209 C C   . ASN A 1 201 ? -33.116 9.731   -11.586 1.00 7.77  ? 709 ASN A C   1 
ATOM   1210 O O   . ASN A 1 201 ? -33.705 8.665   -11.697 1.00 7.20  ? 709 ASN A O   1 
ATOM   1211 C CB  . ASN A 1 201 ? -35.231 10.877  -12.332 1.00 8.01  ? 709 ASN A CB  1 
ATOM   1212 C CG  . ASN A 1 201 ? -36.138 12.089  -12.245 1.00 8.53  ? 709 ASN A CG  1 
ATOM   1213 O OD1 . ASN A 1 201 ? -36.464 12.676  -13.260 1.00 9.64  ? 709 ASN A OD1 1 
ATOM   1214 N ND2 . ASN A 1 201 ? -36.529 12.474  -11.044 1.00 8.41  ? 709 ASN A ND2 1 
ATOM   1215 N N   . VAL A 1 202 ? -31.781 9.850   -11.516 1.00 8.54  ? 710 VAL A N   1 
ATOM   1216 C CA  . VAL A 1 202 ? -30.843 8.728   -11.531 1.00 9.27  ? 710 VAL A CA  1 
ATOM   1217 C C   . VAL A 1 202 ? -30.260 8.651   -10.106 1.00 10.41 ? 710 VAL A C   1 
ATOM   1218 O O   . VAL A 1 202 ? -29.659 9.598   -9.601  1.00 10.95 ? 710 VAL A O   1 
ATOM   1219 C CB  . VAL A 1 202 ? -29.713 8.935   -12.584 1.00 8.96  ? 710 VAL A CB  1 
ATOM   1220 C CG1 . VAL A 1 202 ? -28.578 7.936   -12.435 1.00 9.33  ? 710 VAL A CG1 1 
ATOM   1221 C CG2 . VAL A 1 202 ? -30.289 8.865   -13.992 1.00 8.71  ? 710 VAL A CG2 1 
ATOM   1222 N N   . HIS A 1 203 ? -30.439 7.534   -9.446  1.00 11.47 ? 711 HIS A N   1 
ATOM   1223 C CA  . HIS A 1 203 ? -29.831 7.387   -8.123  1.00 13.33 ? 711 HIS A CA  1 
ATOM   1224 C C   . HIS A 1 203 ? -28.514 6.629   -8.262  1.00 12.89 ? 711 HIS A C   1 
ATOM   1225 O O   . HIS A 1 203 ? -28.319 5.836   -9.162  1.00 12.46 ? 711 HIS A O   1 
ATOM   1226 C CB  . HIS A 1 203 ? -30.767 6.665   -7.149  1.00 15.30 ? 711 HIS A CB  1 
ATOM   1227 C CG  . HIS A 1 203 ? -30.190 6.513   -5.766  1.00 18.12 ? 711 HIS A CG  1 
ATOM   1228 N ND1 . HIS A 1 203 ? -30.325 7.483   -4.790  1.00 19.13 ? 711 HIS A ND1 1 
ATOM   1229 C CD2 . HIS A 1 203 ? -29.438 5.526   -5.215  1.00 19.89 ? 711 HIS A CD2 1 
ATOM   1230 C CE1 . HIS A 1 203 ? -29.695 7.095   -3.694  1.00 20.15 ? 711 HIS A CE1 1 
ATOM   1231 N NE2 . HIS A 1 203 ? -29.144 5.914   -3.924  1.00 20.31 ? 711 HIS A NE2 1 
ATOM   1232 N N   . VAL A 1 204 ? -27.620 6.868   -7.338  1.00 13.88 ? 712 VAL A N   1 
ATOM   1233 C CA  . VAL A 1 204 ? -26.355 6.164   -7.320  1.00 15.08 ? 712 VAL A CA  1 
ATOM   1234 C C   . VAL A 1 204 ? -25.943 5.741   -5.959  1.00 15.89 ? 712 VAL A C   1 
ATOM   1235 O O   . VAL A 1 204 ? -26.251 6.393   -4.958  1.00 18.26 ? 712 VAL A O   1 
ATOM   1236 C CB  . VAL A 1 204 ? -25.176 6.998   -7.854  1.00 14.70 ? 712 VAL A CB  1 
ATOM   1237 C CG1 . VAL A 1 204 ? -25.120 6.891   -9.348  1.00 15.32 ? 712 VAL A CG1 1 
ATOM   1238 C CG2 . VAL A 1 204 ? -25.284 8.439   -7.455  1.00 14.80 ? 712 VAL A CG2 1 
ATOM   1239 N N   . SER A 1 205 ? -25.111 4.717   -5.982  1.00 16.73 ? 713 SER A N   1 
ATOM   1240 C CA  . SER A 1 205 ? -24.568 4.203   -4.762  1.00 18.99 ? 713 SER A CA  1 
ATOM   1241 C C   . SER A 1 205 ? -23.176 3.638   -5.035  1.00 19.20 ? 713 SER A C   1 
ATOM   1242 O O   . SER A 1 205 ? -23.008 2.846   -5.957  1.00 22.83 ? 713 SER A O   1 
ATOM   1243 C CB  . SER A 1 205 ? -25.506 3.120   -4.228  1.00 18.32 ? 713 SER A CB  1 
ATOM   1244 O OG  . SER A 1 205 ? -25.612 2.043   -5.145  1.00 19.25 ? 713 SER A OG  1 
ATOM   1245 N N   . PHE A 1 206 ? -22.204 4.047   -4.213  1.00 18.15 ? 714 PHE A N   1 
ATOM   1246 C CA  . PHE A 1 206 ? -20.828 3.568   -4.294  1.00 17.40 ? 714 PHE A CA  1 
ATOM   1247 C C   . PHE A 1 206 ? -20.537 2.707   -3.065  1.00 18.96 ? 714 PHE A C   1 
ATOM   1248 O O   . PHE A 1 206 ? -21.109 2.899   -1.996  1.00 19.91 ? 714 PHE A O   1 
ATOM   1249 C CB  . PHE A 1 206 ? -19.850 4.744   -4.324  1.00 15.89 ? 714 PHE A CB  1 
ATOM   1250 C CG  . PHE A 1 206 ? -18.421 4.353   -4.640  1.00 14.36 ? 714 PHE A CG  1 
ATOM   1251 C CD1 . PHE A 1 206 ? -18.083 3.928   -5.923  1.00 13.67 ? 714 PHE A CD1 1 
ATOM   1252 C CD2 . PHE A 1 206 ? -17.410 4.454   -3.682  1.00 13.25 ? 714 PHE A CD2 1 
ATOM   1253 C CE1 . PHE A 1 206 ? -16.781 3.557   -6.238  1.00 13.60 ? 714 PHE A CE1 1 
ATOM   1254 C CE2 . PHE A 1 206 ? -16.085 4.078   -3.989  1.00 13.23 ? 714 PHE A CE2 1 
ATOM   1255 C CZ  . PHE A 1 206 ? -15.772 3.639   -5.272  1.00 13.57 ? 714 PHE A CZ  1 
ATOM   1256 N N   . THR A 1 207 ? -19.628 1.763   -3.254  1.00 22.50 ? 715 THR A N   1 
ATOM   1257 C CA  . THR A 1 207 ? -19.170 0.840   -2.224  1.00 24.31 ? 715 THR A CA  1 
ATOM   1258 C C   . THR A 1 207 ? -18.035 0.113   -2.914  1.00 23.33 ? 715 THR A C   1 
ATOM   1259 O O   . THR A 1 207 ? -18.236 -0.434  -3.990  1.00 25.70 ? 715 THR A O   1 
ATOM   1260 C CB  . THR A 1 207 ? -20.161 -0.307  -1.968  1.00 27.02 ? 715 THR A CB  1 
ATOM   1261 O OG1 . THR A 1 207 ? -21.145 -0.347  -3.013  1.00 31.10 ? 715 THR A OG1 1 
ATOM   1262 C CG2 . THR A 1 207 ? -20.821 -0.203  -0.625  1.00 27.76 ? 715 THR A CG2 1 
ATOM   1263 N N   . ASN A 1 208 ? -16.866 0.077   -2.292  1.00 23.61 ? 716 ASN A N   1 
ATOM   1264 C CA  . ASN A 1 208 ? -15.685 -0.647  -2.787  1.00 22.17 ? 716 ASN A CA  1 
ATOM   1265 C C   . ASN A 1 208 ? -15.428 -0.700  -4.291  1.00 18.99 ? 716 ASN A C   1 
ATOM   1266 O O   . ASN A 1 208 ? -15.405 -1.768  -4.915  1.00 16.80 ? 716 ASN A O   1 
ATOM   1267 C CB  . ASN A 1 208 ? -15.587 -2.037  -2.148  1.00 26.85 ? 716 ASN A CB  1 
ATOM   1268 C CG  . ASN A 1 208 ? -16.386 -3.098  -2.873  1.00 28.62 ? 716 ASN A CG  1 
ATOM   1269 O OD1 . ASN A 1 208 ? -17.516 -2.872  -3.299  1.00 35.58 ? 716 ASN A OD1 1 
ATOM   1270 N ND2 . ASN A 1 208 ? -15.802 -4.286  -2.989  1.00 30.94 ? 716 ASN A ND2 1 
ATOM   1271 N N   . GLY A 1 209 ? -15.232 0.483   -4.862  1.00 15.60 ? 717 GLY A N   1 
ATOM   1272 C CA  . GLY A 1 209 ? -14.869 0.568   -6.264  1.00 14.52 ? 717 GLY A CA  1 
ATOM   1273 C C   . GLY A 1 209 ? -16.012 0.581   -7.273  1.00 13.56 ? 717 GLY A C   1 
ATOM   1274 O O   . GLY A 1 209 ? -15.787 0.989   -8.426  1.00 12.67 ? 717 GLY A O   1 
ATOM   1275 N N   . GLU A 1 210 ? -17.210 0.136   -6.885  1.00 12.66 ? 718 GLU A N   1 
ATOM   1276 C CA  . GLU A 1 210 ? -18.316 -0.013  -7.861  1.00 13.55 ? 718 GLU A CA  1 
ATOM   1277 C C   . GLU A 1 210 ? -19.406 1.033   -7.668  1.00 12.67 ? 718 GLU A C   1 
ATOM   1278 O O   . GLU A 1 210 ? -19.870 1.233   -6.551  1.00 11.67 ? 718 GLU A O   1 
ATOM   1279 C CB  . GLU A 1 210 ? -18.991 -1.400  -7.824  1.00 14.11 ? 718 GLU A CB  1 
ATOM   1280 C CG  . GLU A 1 210 ? -20.291 -1.366  -8.625  1.00 15.71 ? 718 GLU A CG  1 
ATOM   1281 C CD  . GLU A 1 210 ? -21.010 -2.697  -8.784  1.00 17.44 ? 718 GLU A CD  1 
ATOM   1282 O OE1 . GLU A 1 210 ? -20.962 -3.267  -9.915  1.00 20.18 ? 718 GLU A OE1 1 
ATOM   1283 O OE2 . GLU A 1 210 ? -21.665 -3.142  -7.821  1.00 17.10 ? 718 GLU A OE2 1 
ATOM   1284 N N   . ALA A 1 211 ? -19.858 1.632   -8.777  1.00 11.76 ? 719 ALA A N   1 
ATOM   1285 C CA  . ALA A 1 211 ? -20.958 2.599   -8.737  1.00 11.13 ? 719 ALA A CA  1 
ATOM   1286 C C   . ALA A 1 211 ? -22.188 2.045   -9.481  1.00 10.51 ? 719 ALA A C   1 
ATOM   1287 O O   . ALA A 1 211 ? -22.064 1.471   -10.568 1.00 9.95  ? 719 ALA A O   1 
ATOM   1288 C CB  . ALA A 1 211 ? -20.506 3.909   -9.330  1.00 11.52 ? 719 ALA A CB  1 
ATOM   1289 N N   . VAL A 1 212 ? -23.363 2.196   -8.870  1.00 9.55  ? 720 VAL A N   1 
ATOM   1290 C CA  . VAL A 1 212 ? -24.623 1.642   -9.377  1.00 9.00  ? 720 VAL A CA  1 
ATOM   1291 C C   . VAL A 1 212 ? -25.622 2.758   -9.683  1.00 8.59  ? 720 VAL A C   1 
ATOM   1292 O O   . VAL A 1 212 ? -25.918 3.562   -8.815  1.00 8.42  ? 720 VAL A O   1 
ATOM   1293 C CB  . VAL A 1 212 ? -25.277 0.691   -8.339  1.00 8.94  ? 720 VAL A CB  1 
ATOM   1294 C CG1 . VAL A 1 212 ? -26.598 0.083   -8.868  1.00 8.94  ? 720 VAL A CG1 1 
ATOM   1295 C CG2 . VAL A 1 212 ? -24.312 -0.434  -7.945  1.00 8.90  ? 720 VAL A CG2 1 
ATOM   1296 N N   . LEU A 1 213 ? -26.118 2.795   -10.904 1.00 8.34  ? 721 LEU A N   1 
ATOM   1297 C CA  . LEU A 1 213 ? -27.087 3.789   -11.369 1.00 8.29  ? 721 LEU A CA  1 
ATOM   1298 C C   . LEU A 1 213 ? -28.516 3.260   -11.597 1.00 8.18  ? 721 LEU A C   1 
ATOM   1299 O O   . LEU A 1 213 ? -28.738 2.348   -12.394 1.00 7.61  ? 721 LEU A O   1 
ATOM   1300 C CB  . LEU A 1 213 ? -26.591 4.374   -12.693 1.00 8.29  ? 721 LEU A CB  1 
ATOM   1301 C CG  . LEU A 1 213 ? -25.087 4.724   -12.759 1.00 8.67  ? 721 LEU A CG  1 
ATOM   1302 C CD1 . LEU A 1 213 ? -24.551 4.736   -14.187 1.00 8.68  ? 721 LEU A CD1 1 
ATOM   1303 C CD2 . LEU A 1 213 ? -24.830 6.054   -12.139 1.00 8.65  ? 721 LEU A CD2 1 
ATOM   1304 N N   . THR A 1 214 ? -29.526 3.906   -11.007 1.00 8.39  ? 722 THR A N   1 
ATOM   1305 C CA  . THR A 1 214 ? -30.931 3.511   -11.318 1.00 8.03  ? 722 THR A CA  1 
ATOM   1306 C C   . THR A 1 214 ? -31.841 4.702   -11.441 1.00 8.13  ? 722 THR A C   1 
ATOM   1307 O O   . THR A 1 214 ? -31.433 5.793   -11.097 1.00 8.50  ? 722 THR A O   1 
ATOM   1308 C CB  . THR A 1 214 ? -31.496 2.567   -10.268 1.00 8.12  ? 722 THR A CB  1 
ATOM   1309 O OG1 . THR A 1 214 ? -31.689 3.268   -9.075  1.00 8.27  ? 722 THR A OG1 1 
ATOM   1310 C CG2 . THR A 1 214 ? -30.570 1.380   -9.983  1.00 8.38  ? 722 THR A CG2 1 
ATOM   1311 N N   . GLY A 1 215 ? -33.072 4.499   -11.889 1.00 8.09  ? 723 GLY A N   1 
ATOM   1312 C CA  . GLY A 1 215 ? -34.041 5.604   -12.035 1.00 8.15  ? 723 GLY A CA  1 
ATOM   1313 C C   . GLY A 1 215 ? -34.404 5.814   -13.510 1.00 8.14  ? 723 GLY A C   1 
ATOM   1314 O O   . GLY A 1 215 ? -34.466 4.839   -14.268 1.00 7.83  ? 723 GLY A O   1 
ATOM   1315 N N   . TYR A 1 216 ? -34.612 7.062   -13.934 1.00 7.95  ? 724 TYR A N   1 
ATOM   1316 C CA  . TYR A 1 216 ? -35.230 7.335   -15.248 1.00 8.29  ? 724 TYR A CA  1 
ATOM   1317 C C   . TYR A 1 216 ? -34.517 8.412   -16.010 1.00 7.61  ? 724 TYR A C   1 
ATOM   1318 O O   . TYR A 1 216 ? -34.111 9.393   -15.403 1.00 7.22  ? 724 TYR A O   1 
ATOM   1319 C CB  . TYR A 1 216 ? -36.674 7.867   -15.074 1.00 9.51  ? 724 TYR A CB  1 
ATOM   1320 C CG  . TYR A 1 216 ? -37.616 6.883   -14.463 1.00 10.31 ? 724 TYR A CG  1 
ATOM   1321 C CD1 . TYR A 1 216 ? -38.210 5.907   -15.224 1.00 10.91 ? 724 TYR A CD1 1 
ATOM   1322 C CD2 . TYR A 1 216 ? -37.900 6.935   -13.114 1.00 11.56 ? 724 TYR A CD2 1 
ATOM   1323 C CE1 . TYR A 1 216 ? -39.089 4.997   -14.653 1.00 12.22 ? 724 TYR A CE1 1 
ATOM   1324 C CE2 . TYR A 1 216 ? -38.760 6.028   -12.532 1.00 12.64 ? 724 TYR A CE2 1 
ATOM   1325 C CZ  . TYR A 1 216 ? -39.361 5.071   -13.312 1.00 12.71 ? 724 TYR A CZ  1 
ATOM   1326 O OH  . TYR A 1 216 ? -40.189 4.157   -12.715 1.00 14.72 ? 724 TYR A OH  1 
ATOM   1327 N N   . ILE A 1 217 ? -34.372 8.222   -17.331 1.00 6.74  ? 725 ILE A N   1 
ATOM   1328 C CA  . ILE A 1 217 ? -33.939 9.309   -18.210 1.00 6.41  ? 725 ILE A CA  1 
ATOM   1329 C C   . ILE A 1 217 ? -34.881 9.359   -19.441 1.00 6.19  ? 725 ILE A C   1 
ATOM   1330 O O   . ILE A 1 217 ? -35.635 8.421   -19.716 1.00 5.92  ? 725 ILE A O   1 
ATOM   1331 C CB  . ILE A 1 217 ? -32.419 9.286   -18.599 1.00 6.13  ? 725 ILE A CB  1 
ATOM   1332 C CG1 . ILE A 1 217 ? -32.066 8.123   -19.498 1.00 6.24  ? 725 ILE A CG1 1 
ATOM   1333 C CG2 . ILE A 1 217 ? -31.493 9.371   -17.365 1.00 6.06  ? 725 ILE A CG2 1 
ATOM   1334 C CD1 . ILE A 1 217 ? -30.763 8.298   -20.268 1.00 6.36  ? 725 ILE A CD1 1 
ATOM   1335 N N   . ASN A 1 218 ? -34.920 10.495  -20.119 1.00 6.24  ? 726 ASN A N   1 
ATOM   1336 C CA  . ASN A 1 218 ? -35.705 10.596  -21.335 1.00 6.32  ? 726 ASN A CA  1 
ATOM   1337 C C   . ASN A 1 218 ? -34.918 9.854   -22.388 1.00 6.37  ? 726 ASN A C   1 
ATOM   1338 O O   . ASN A 1 218 ? -33.724 9.883   -22.376 1.00 6.56  ? 726 ASN A O   1 
ATOM   1339 C CB  . ASN A 1 218 ? -35.901 12.051  -21.741 1.00 6.77  ? 726 ASN A CB  1 
ATOM   1340 C CG  . ASN A 1 218 ? -37.023 12.236  -22.763 1.00 7.07  ? 726 ASN A CG  1 
ATOM   1341 O OD1 . ASN A 1 218 ? -37.990 11.538  -22.781 1.00 7.83  ? 726 ASN A OD1 1 
ATOM   1342 N ND2 . ASN A 1 218 ? -36.892 13.211  -23.570 1.00 7.62  ? 726 ASN A ND2 1 
ATOM   1343 N N   . ASN A 1 219 ? -35.588 9.129   -23.258 1.00 6.58  ? 727 ASN A N   1 
ATOM   1344 C CA  . ASN A 1 219 ? -34.932 8.381   -24.306 1.00 6.92  ? 727 ASN A CA  1 
ATOM   1345 C C   . ASN A 1 219 ? -33.856 9.205   -25.084 1.00 6.57  ? 727 ASN A C   1 
ATOM   1346 O O   . ASN A 1 219 ? -32.759 8.720   -25.337 1.00 6.18  ? 727 ASN A O   1 
ATOM   1347 C CB  . ASN A 1 219 ? -36.008 7.907   -25.287 1.00 7.71  ? 727 ASN A CB  1 
ATOM   1348 C CG  . ASN A 1 219 ? -35.460 6.971   -26.321 1.00 8.77  ? 727 ASN A CG  1 
ATOM   1349 O OD1 . ASN A 1 219 ? -35.171 5.789   -26.037 1.00 10.19 ? 727 ASN A OD1 1 
ATOM   1350 N ND2 . ASN A 1 219 ? -35.267 7.490   -27.518 1.00 9.54  ? 727 ASN A ND2 1 
ATOM   1351 N N   A LYS A 1 220 ? -34.228 10.439  -25.441 0.50 6.24  ? 728 LYS A N   1 
ATOM   1352 N N   B LYS A 1 220 ? -34.177 10.436  -25.484 0.50 6.24  ? 728 LYS A N   1 
ATOM   1353 C CA  A LYS A 1 220 ? -33.378 11.350  -26.217 0.50 6.11  ? 728 LYS A CA  1 
ATOM   1354 C CA  B LYS A 1 220 ? -33.234 11.200  -26.312 0.50 6.07  ? 728 LYS A CA  1 
ATOM   1355 C C   A LYS A 1 220 ? -32.013 11.668  -25.580 0.50 6.06  ? 728 LYS A C   1 
ATOM   1356 C C   B LYS A 1 220 ? -31.911 11.510  -25.611 0.50 6.05  ? 728 LYS A C   1 
ATOM   1357 O O   A LYS A 1 220 ? -31.099 12.150  -26.263 0.50 6.10  ? 728 LYS A O   1 
ATOM   1358 O O   B LYS A 1 220 ? -30.916 11.824  -26.284 0.50 6.03  ? 728 LYS A O   1 
ATOM   1359 C CB  A LYS A 1 220 ? -34.142 12.658  -26.450 0.50 6.03  ? 728 LYS A CB  1 
ATOM   1360 C CB  B LYS A 1 220 ? -33.845 12.508  -26.758 0.50 6.01  ? 728 LYS A CB  1 
ATOM   1361 C CG  A LYS A 1 220 ? -35.525 12.468  -27.073 0.50 5.89  ? 728 LYS A CG  1 
ATOM   1362 C CG  B LYS A 1 220 ? -33.777 13.575  -25.701 0.50 5.87  ? 728 LYS A CG  1 
ATOM   1363 C CD  A LYS A 1 220 ? -36.146 13.824  -27.414 0.50 5.78  ? 728 LYS A CD  1 
ATOM   1364 C CD  B LYS A 1 220 ? -34.955 14.504  -25.846 0.50 5.80  ? 728 LYS A CD  1 
ATOM   1365 C CE  A LYS A 1 220 ? -37.354 13.739  -28.332 0.50 5.60  ? 728 LYS A CE  1 
ATOM   1366 C CE  B LYS A 1 220 ? -34.863 15.594  -24.818 0.50 5.71  ? 728 LYS A CE  1 
ATOM   1367 N NZ  A LYS A 1 220 ? -37.677 15.097  -28.868 0.50 5.51  ? 728 LYS A NZ  1 
ATOM   1368 N NZ  B LYS A 1 220 ? -36.250 16.068  -24.632 0.50 5.85  ? 728 LYS A NZ  1 
ATOM   1369 N N   . ASP A 1 221 ? -31.878 11.399  -24.282 1.00 5.78  ? 729 ASP A N   1 
ATOM   1370 C CA  . ASP A 1 221 ? -30.648 11.663  -23.521 1.00 5.53  ? 729 ASP A CA  1 
ATOM   1371 C C   . ASP A 1 221 ? -29.721 10.460  -23.265 1.00 5.62  ? 729 ASP A C   1 
ATOM   1372 O O   . ASP A 1 221 ? -28.789 10.564  -22.445 1.00 5.45  ? 729 ASP A O   1 
ATOM   1373 C CB  . ASP A 1 221 ? -31.002 12.324  -22.165 1.00 5.44  ? 729 ASP A CB  1 
ATOM   1374 C CG  . ASP A 1 221 ? -31.879 13.566  -22.326 1.00 5.30  ? 729 ASP A CG  1 
ATOM   1375 O OD1 . ASP A 1 221 ? -31.579 14.320  -23.234 1.00 5.17  ? 729 ASP A OD1 1 
ATOM   1376 O OD2 . ASP A 1 221 ? -32.858 13.776  -21.546 1.00 5.22  ? 729 ASP A OD2 1 
ATOM   1377 N N   . ALA A 1 222 ? -29.945 9.335   -23.951 1.00 5.57  ? 730 ALA A N   1 
ATOM   1378 C CA  . ALA A 1 222 ? -29.148 8.153   -23.690 1.00 5.75  ? 730 ALA A CA  1 
ATOM   1379 C C   . ALA A 1 222 ? -27.663 8.380   -23.973 1.00 6.04  ? 730 ALA A C   1 
ATOM   1380 O O   . ALA A 1 222 ? -26.800 8.001   -23.139 1.00 5.33  ? 730 ALA A O   1 
ATOM   1381 C CB  . ALA A 1 222 ? -29.647 6.973   -24.484 1.00 5.80  ? 730 ALA A CB  1 
ATOM   1382 N N   . ASP A 1 223 ? -27.366 9.044   -25.104 1.00 6.38  ? 731 ASP A N   1 
ATOM   1383 C CA  . ASP A 1 223 ? -25.941 9.249   -25.526 1.00 7.24  ? 731 ASP A CA  1 
ATOM   1384 C C   . ASP A 1 223 ? -25.159 10.219  -24.634 1.00 6.52  ? 731 ASP A C   1 
ATOM   1385 O O   . ASP A 1 223 ? -23.996 9.985   -24.299 1.00 5.96  ? 731 ASP A O   1 
ATOM   1386 C CB  . ASP A 1 223 ? -25.829 9.723   -26.976 1.00 8.17  ? 731 ASP A CB  1 
ATOM   1387 C CG  . ASP A 1 223 ? -26.218 8.657   -27.970 1.00 9.00  ? 731 ASP A CG  1 
ATOM   1388 O OD1 . ASP A 1 223 ? -25.775 7.504   -27.843 1.00 9.67  ? 731 ASP A OD1 1 
ATOM   1389 O OD2 . ASP A 1 223 ? -26.999 8.987   -28.891 1.00 11.24 ? 731 ASP A OD2 1 
ATOM   1390 N N   . LYS A 1 224 ? -25.827 11.263  -24.197 1.00 6.11  ? 732 LYS A N   1 
ATOM   1391 C CA  . LYS A 1 224 ? -25.258 12.102  -23.182 1.00 5.98  ? 732 LYS A CA  1 
ATOM   1392 C C   . LYS A 1 224 ? -24.946 11.391  -21.890 1.00 5.60  ? 732 LYS A C   1 
ATOM   1393 O O   . LYS A 1 224 ? -23.922 11.614  -21.249 1.00 5.18  ? 732 LYS A O   1 
ATOM   1394 C CB  . LYS A 1 224 ? -26.203 13.232  -22.852 1.00 6.28  ? 732 LYS A CB  1 
ATOM   1395 C CG  . LYS A 1 224 ? -25.672 14.056  -21.678 1.00 6.65  ? 732 LYS A CG  1 
ATOM   1396 C CD  . LYS A 1 224 ? -26.372 15.382  -21.493 1.00 7.01  ? 732 LYS A CD  1 
ATOM   1397 C CE  . LYS A 1 224 ? -26.222 16.330  -22.669 1.00 7.15  ? 732 LYS A CE  1 
ATOM   1398 N NZ  . LYS A 1 224 ? -24.808 16.462  -23.096 1.00 7.50  ? 732 LYS A NZ  1 
ATOM   1399 N N   . PHE A 1 225 ? -25.873 10.554  -21.469 1.00 5.93  ? 733 PHE A N   1 
ATOM   1400 C CA  . PHE A 1 225 ? -25.723 9.924   -20.185 1.00 6.05  ? 733 PHE A CA  1 
ATOM   1401 C C   . PHE A 1 225 ? -24.433 9.065   -20.202 1.00 6.80  ? 733 PHE A C   1 
ATOM   1402 O O   . PHE A 1 225 ? -23.622 9.057   -19.247 1.00 6.75  ? 733 PHE A O   1 
ATOM   1403 C CB  . PHE A 1 225 ? -26.984 9.165   -19.815 1.00 5.83  ? 733 PHE A CB  1 
ATOM   1404 C CG  . PHE A 1 225 ? -26.929 8.589   -18.459 1.00 5.71  ? 733 PHE A CG  1 
ATOM   1405 C CD1 . PHE A 1 225 ? -26.666 9.383   -17.385 1.00 5.82  ? 733 PHE A CD1 1 
ATOM   1406 C CD2 . PHE A 1 225 ? -27.059 7.230   -18.268 1.00 5.91  ? 733 PHE A CD2 1 
ATOM   1407 C CE1 . PHE A 1 225 ? -26.556 8.856   -16.113 1.00 5.75  ? 733 PHE A CE1 1 
ATOM   1408 C CE2 . PHE A 1 225 ? -26.933 6.681   -17.010 1.00 5.77  ? 733 PHE A CE2 1 
ATOM   1409 C CZ  . PHE A 1 225 ? -26.708 7.498   -15.931 1.00 5.71  ? 733 PHE A CZ  1 
ATOM   1410 N N   . ARG A 1 226 ? -24.210 8.398   -21.320 1.00 7.50  ? 734 ARG A N   1 
ATOM   1411 C CA  . ARG A 1 226 ? -22.999 7.653   -21.531 1.00 9.00  ? 734 ARG A CA  1 
ATOM   1412 C C   . ARG A 1 226 ? -21.682 8.480   -21.295 1.00 8.39  ? 734 ARG A C   1 
ATOM   1413 O O   . ARG A 1 226 ? -20.778 8.024   -20.645 1.00 8.29  ? 734 ARG A O   1 
ATOM   1414 C CB  . ARG A 1 226 ? -23.101 6.953   -22.911 1.00 10.62 ? 734 ARG A CB  1 
ATOM   1415 C CG  . ARG A 1 226 ? -21.830 6.878   -23.730 1.00 12.64 ? 734 ARG A CG  1 
ATOM   1416 C CD  . ARG A 1 226 ? -20.811 5.881   -23.189 1.00 14.34 ? 734 ARG A CD  1 
ATOM   1417 N NE  . ARG A 1 226 ? -21.076 4.497   -23.632 1.00 16.24 ? 734 ARG A NE  1 
ATOM   1418 C CZ  . ARG A 1 226 ? -20.818 3.407   -22.900 1.00 17.30 ? 734 ARG A CZ  1 
ATOM   1419 N NH1 . ARG A 1 226 ? -20.302 3.512   -21.671 1.00 18.18 ? 734 ARG A NH1 1 
ATOM   1420 N NH2 . ARG A 1 226 ? -21.104 2.193   -23.384 1.00 17.76 ? 734 ARG A NH2 1 
ATOM   1421 N N   . THR A 1 227 ? -21.606 9.707   -21.758 1.00 8.05  ? 735 THR A N   1 
ATOM   1422 C CA  . THR A 1 227 ? -20.345 10.492  -21.648 1.00 7.82  ? 735 THR A CA  1 
ATOM   1423 C C   . THR A 1 227 ? -20.120 10.974  -20.230 1.00 7.48  ? 735 THR A C   1 
ATOM   1424 O O   . THR A 1 227 ? -18.996 10.968  -19.696 1.00 7.28  ? 735 THR A O   1 
ATOM   1425 C CB  . THR A 1 227 ? -20.388 11.678  -22.605 1.00 7.74  ? 735 THR A CB  1 
ATOM   1426 O OG1 . THR A 1 227 ? -21.461 12.570  -22.222 1.00 8.46  ? 735 THR A OG1 1 
ATOM   1427 C CG2 . THR A 1 227 ? -20.646 11.177  -23.999 1.00 7.78  ? 735 THR A CG2 1 
ATOM   1428 N N   . VAL A 1 228 ? -21.231 11.314  -19.607 1.00 7.38  ? 736 VAL A N   1 
ATOM   1429 C CA  . VAL A 1 228 ? -21.275 11.745  -18.220 1.00 7.61  ? 736 VAL A CA  1 
ATOM   1430 C C   . VAL A 1 228 ? -20.694 10.650  -17.294 1.00 7.91  ? 736 VAL A C   1 
ATOM   1431 O O   . VAL A 1 228 ? -19.774 10.895  -16.512 1.00 7.70  ? 736 VAL A O   1 
ATOM   1432 C CB  . VAL A 1 228 ? -22.731 12.204  -17.899 1.00 7.55  ? 736 VAL A CB  1 
ATOM   1433 C CG1 . VAL A 1 228 ? -23.188 11.823  -16.501 1.00 7.80  ? 736 VAL A CG1 1 
ATOM   1434 C CG2 . VAL A 1 228 ? -22.870 13.695  -18.174 1.00 7.71  ? 736 VAL A CG2 1 
ATOM   1435 N N   . VAL A 1 229 ? -21.209 9.439   -17.445 1.00 8.12  ? 737 VAL A N   1 
ATOM   1436 C CA  . VAL A 1 229 ? -20.632 8.267   -16.805 1.00 8.68  ? 737 VAL A CA  1 
ATOM   1437 C C   . VAL A 1 229 ? -19.092 8.094   -17.022 1.00 9.17  ? 737 VAL A C   1 
ATOM   1438 O O   . VAL A 1 229 ? -18.343 7.848   -16.090 1.00 8.73  ? 737 VAL A O   1 
ATOM   1439 C CB  . VAL A 1 229 ? -21.373 6.995   -17.284 1.00 8.36  ? 737 VAL A CB  1 
ATOM   1440 C CG1 . VAL A 1 229 ? -20.660 5.774   -16.737 1.00 8.60  ? 737 VAL A CG1 1 
ATOM   1441 C CG2 . VAL A 1 229 ? -22.836 7.013   -16.845 1.00 8.52  ? 737 VAL A CG2 1 
ATOM   1442 N N   . GLN A 1 230 ? -18.631 8.231   -18.259 1.00 10.30 ? 738 GLN A N   1 
ATOM   1443 C CA  . GLN A 1 230 ? -17.190 8.181   -18.526 1.00 11.42 ? 738 GLN A CA  1 
ATOM   1444 C C   . GLN A 1 230 ? -16.415 9.248   -17.739 1.00 11.55 ? 738 GLN A C   1 
ATOM   1445 O O   . GLN A 1 230 ? -15.266 9.024   -17.318 1.00 11.56 ? 738 GLN A O   1 
ATOM   1446 C CB  . GLN A 1 230 ? -16.941 8.160   -20.058 1.00 12.49 ? 738 GLN A CB  1 
ATOM   1447 C CG  . GLN A 1 230 ? -17.631 6.911   -20.629 1.00 13.85 ? 738 GLN A CG  1 
ATOM   1448 C CD  . GLN A 1 230 ? -17.133 6.375   -21.960 1.00 15.66 ? 738 GLN A CD  1 
ATOM   1449 O OE1 . GLN A 1 230 ? -16.708 7.135   -22.854 1.00 16.97 ? 738 GLN A OE1 1 
ATOM   1450 N NE2 . GLN A 1 230 ? -17.225 5.038   -22.123 1.00 15.67 ? 738 GLN A NE2 1 
ATOM   1451 N N   . GLU A 1 231 ? -17.094 10.349  -17.412 1.00 12.37 ? 739 GLU A N   1 
ATOM   1452 C CA  . GLU A 1 231 ? -16.532 11.343  -16.507 1.00 13.07 ? 739 GLU A CA  1 
ATOM   1453 C C   . GLU A 1 231 ? -16.488 10.863  -15.052 1.00 11.87 ? 739 GLU A C   1 
ATOM   1454 O O   . GLU A 1 231 ? -15.541 11.150  -14.346 1.00 11.60 ? 739 GLU A O   1 
ATOM   1455 C CB  . GLU A 1 231 ? -17.327 12.657  -16.540 1.00 14.83 ? 739 GLU A CB  1 
ATOM   1456 C CG  . GLU A 1 231 ? -16.975 13.566  -17.677 1.00 15.81 ? 739 GLU A CG  1 
ATOM   1457 C CD  . GLU A 1 231 ? -18.158 14.377  -18.170 1.00 18.10 ? 739 GLU A CD  1 
ATOM   1458 O OE1 . GLU A 1 231 ? -18.962 14.956  -17.358 1.00 19.14 ? 739 GLU A OE1 1 
ATOM   1459 O OE2 . GLU A 1 231 ? -18.286 14.420  -19.409 1.00 17.93 ? 739 GLU A OE2 1 
ATOM   1460 N N   . LEU A 1 232 ? -17.504 10.118  -14.628 1.00 10.69 ? 740 LEU A N   1 
ATOM   1461 C CA  . LEU A 1 232 ? -17.615 9.708   -13.233 1.00 10.09 ? 740 LEU A CA  1 
ATOM   1462 C C   . LEU A 1 232 ? -16.475 8.735   -12.888 1.00 9.76  ? 740 LEU A C   1 
ATOM   1463 O O   . LEU A 1 232 ? -15.980 8.637   -11.736 1.00 9.16  ? 740 LEU A O   1 
ATOM   1464 C CB  . LEU A 1 232 ? -18.975 9.054   -13.014 1.00 9.87  ? 740 LEU A CB  1 
ATOM   1465 C CG  . LEU A 1 232 ? -20.251 9.896   -13.270 1.00 10.27 ? 740 LEU A CG  1 
ATOM   1466 C CD1 . LEU A 1 232 ? -21.519 9.095   -13.040 1.00 9.65  ? 740 LEU A CD1 1 
ATOM   1467 C CD2 . LEU A 1 232 ? -20.272 11.185  -12.469 1.00 10.38 ? 740 LEU A CD2 1 
ATOM   1468 N N   . GLN A 1 233 ? -16.055 8.037   -13.929 1.00 9.31  ? 741 GLN A N   1 
ATOM   1469 C CA  . GLN A 1 233 ? -14.940 7.134   -13.875 1.00 9.96  ? 741 GLN A CA  1 
ATOM   1470 C C   . GLN A 1 233 ? -13.566 7.784   -13.630 1.00 10.55 ? 741 GLN A C   1 
ATOM   1471 O O   . GLN A 1 233 ? -12.670 7.104   -13.127 1.00 11.23 ? 741 GLN A O   1 
ATOM   1472 C CB  . GLN A 1 233 ? -14.963 6.324   -15.175 1.00 9.45  ? 741 GLN A CB  1 
ATOM   1473 C CG  . GLN A 1 233 ? -16.146 5.364   -15.169 1.00 9.59  ? 741 GLN A CG  1 
ATOM   1474 C CD  . GLN A 1 233 ? -16.501 4.781   -16.519 1.00 9.28  ? 741 GLN A CD  1 
ATOM   1475 O OE1 . GLN A 1 233 ? -17.506 4.068   -16.630 1.00 9.77  ? 741 GLN A OE1 1 
ATOM   1476 N NE2 . GLN A 1 233 ? -15.700 5.083   -17.546 1.00 8.85  ? 741 GLN A NE2 1 
ATOM   1477 N N   . ASP A 1 234 ? -13.409 9.089   -13.918 1.00 11.67 ? 742 ASP A N   1 
ATOM   1478 C CA  . ASP A 1 234 ? -12.124 9.798   -13.693 1.00 12.71 ? 742 ASP A CA  1 
ATOM   1479 C C   . ASP A 1 234 ? -11.829 9.979   -12.192 1.00 12.69 ? 742 ASP A C   1 
ATOM   1480 O O   . ASP A 1 234 ? -10.734 10.349  -11.797 1.00 12.81 ? 742 ASP A O   1 
ATOM   1481 C CB  . ASP A 1 234 ? -12.086 11.172  -14.412 1.00 14.26 ? 742 ASP A CB  1 
ATOM   1482 C CG  . ASP A 1 234 ? -12.502 11.104  -15.918 1.00 15.76 ? 742 ASP A CG  1 
ATOM   1483 O OD1 . ASP A 1 234 ? -12.260 10.072  -16.602 1.00 15.05 ? 742 ASP A OD1 1 
ATOM   1484 O OD2 . ASP A 1 234 ? -13.117 12.101  -16.397 1.00 16.99 ? 742 ASP A OD2 1 
ATOM   1485 N N   . ILE A 1 235 ? -12.840 9.753   -11.357 1.00 11.79 ? 743 ILE A N   1 
ATOM   1486 C CA  . ILE A 1 235 ? -12.707 9.896   -9.926  1.00 11.42 ? 743 ILE A CA  1 
ATOM   1487 C C   . ILE A 1 235 ? -11.846 8.785   -9.348  1.00 10.83 ? 743 ILE A C   1 
ATOM   1488 O O   . ILE A 1 235 ? -12.116 7.618   -9.597  1.00 10.75 ? 743 ILE A O   1 
ATOM   1489 C CB  . ILE A 1 235 ? -14.079 9.798   -9.281  1.00 11.88 ? 743 ILE A CB  1 
ATOM   1490 C CG1 . ILE A 1 235 ? -14.830 11.107  -9.517  1.00 12.52 ? 743 ILE A CG1 1 
ATOM   1491 C CG2 . ILE A 1 235 ? -13.948 9.441   -7.812  1.00 12.23 ? 743 ILE A CG2 1 
ATOM   1492 C CD1 . ILE A 1 235 ? -16.254 11.083  -8.975  1.00 13.05 ? 743 ILE A CD1 1 
ATOM   1493 N N   . ALA A 1 236 ? -10.873 9.150   -8.528  1.00 10.33 ? 744 ALA A N   1 
ATOM   1494 C CA  . ALA A 1 236 ? -9.959  8.194   -7.957  1.00 10.24 ? 744 ALA A CA  1 
ATOM   1495 C C   . ALA A 1 236 ? -10.729 7.175   -7.144  1.00 9.86  ? 744 ALA A C   1 
ATOM   1496 O O   . ALA A 1 236 ? -11.453 7.515   -6.192  1.00 9.95  ? 744 ALA A O   1 
ATOM   1497 C CB  . ALA A 1 236 ? -8.903  8.884   -7.076  1.00 10.27 ? 744 ALA A CB  1 
ATOM   1498 N N   . GLY A 1 237 ? -10.531 5.927   -7.510  1.00 9.45  ? 745 GLY A N   1 
ATOM   1499 C CA  . GLY A 1 237 ? -11.123 4.816   -6.814  1.00 9.46  ? 745 GLY A CA  1 
ATOM   1500 C C   . GLY A 1 237 ? -12.319 4.194   -7.484  1.00 9.21  ? 745 GLY A C   1 
ATOM   1501 O O   . GLY A 1 237 ? -12.843 3.178   -6.976  1.00 8.97  ? 745 GLY A O   1 
ATOM   1502 N N   . ILE A 1 238 ? -12.785 4.766   -8.599  1.00 9.10  ? 746 ILE A N   1 
ATOM   1503 C CA  . ILE A 1 238 ? -13.798 4.064   -9.369  1.00 9.22  ? 746 ILE A CA  1 
ATOM   1504 C C   . ILE A 1 238 ? -13.134 2.905   -10.147 1.00 9.38  ? 746 ILE A C   1 
ATOM   1505 O O   . ILE A 1 238 ? -12.327 3.105   -11.032 1.00 9.12  ? 746 ILE A O   1 
ATOM   1506 C CB  . ILE A 1 238 ? -14.551 4.970   -10.375 1.00 9.35  ? 746 ILE A CB  1 
ATOM   1507 C CG1 . ILE A 1 238 ? -15.258 6.143   -9.670  1.00 9.27  ? 746 ILE A CG1 1 
ATOM   1508 C CG2 . ILE A 1 238 ? -15.601 4.170   -11.127 1.00 9.25  ? 746 ILE A CG2 1 
ATOM   1509 C CD1 . ILE A 1 238 ? -16.340 5.683   -8.737  1.00 9.46  ? 746 ILE A CD1 1 
ATOM   1510 N N   . ARG A 1 239 ? -13.552 1.687   -9.846  1.00 9.99  ? 747 ARG A N   1 
ATOM   1511 C CA  . ARG A 1 239 ? -13.097 0.509   -10.584 1.00 10.51 ? 747 ARG A CA  1 
ATOM   1512 C C   . ARG A 1 239 ? -14.186 -0.201  -11.429 1.00 9.56  ? 747 ARG A C   1 
ATOM   1513 O O   . ARG A 1 239 ? -13.844 -0.979  -12.334 1.00 9.10  ? 747 ARG A O   1 
ATOM   1514 C CB  . ARG A 1 239 ? -12.455 -0.438  -9.561  1.00 12.36 ? 747 ARG A CB  1 
ATOM   1515 C CG  . ARG A 1 239 ? -11.091 0.077   -9.112  1.00 14.19 ? 747 ARG A CG  1 
ATOM   1516 C CD  . ARG A 1 239 ? -10.569 -0.692  -7.912  1.00 16.29 ? 747 ARG A CD  1 
ATOM   1517 N NE  . ARG A 1 239 ? -9.134  -0.504  -7.780  1.00 18.94 ? 747 ARG A NE  1 
ATOM   1518 C CZ  . ARG A 1 239 ? -8.299  -1.356  -7.180  1.00 19.79 ? 747 ARG A CZ  1 
ATOM   1519 N NH1 . ARG A 1 239 ? -8.746  -2.464  -6.579  1.00 21.02 ? 747 ARG A NH1 1 
ATOM   1520 N NH2 . ARG A 1 239 ? -7.002  -1.096  -7.196  1.00 20.08 ? 747 ARG A NH2 1 
ATOM   1521 N N   . ALA A 1 240 ? -15.468 0.104   -11.169 1.00 8.96  ? 748 ALA A N   1 
ATOM   1522 C CA  . ALA A 1 240 ? -16.615 -0.558  -11.799 1.00 8.67  ? 748 ALA A CA  1 
ATOM   1523 C C   . ALA A 1 240 ? -17.919 0.308   -11.859 1.00 8.46  ? 748 ALA A C   1 
ATOM   1524 O O   . ALA A 1 240 ? -18.151 1.115   -10.978 1.00 8.30  ? 748 ALA A O   1 
ATOM   1525 C CB  . ALA A 1 240 ? -16.891 -1.882  -11.061 1.00 8.79  ? 748 ALA A CB  1 
ATOM   1526 N N   . VAL A 1 241 ? -18.769 0.121   -12.884 1.00 8.66  ? 749 VAL A N   1 
ATOM   1527 C CA  . VAL A 1 241 ? -20.094 0.823   -12.993 1.00 9.06  ? 749 VAL A CA  1 
ATOM   1528 C C   . VAL A 1 241 ? -21.260 -0.035  -13.492 1.00 9.84  ? 749 VAL A C   1 
ATOM   1529 O O   . VAL A 1 241 ? -21.140 -0.674  -14.534 1.00 10.89 ? 749 VAL A O   1 
ATOM   1530 C CB  . VAL A 1 241 ? -20.019 2.003   -13.986 1.00 8.45  ? 749 VAL A CB  1 
ATOM   1531 C CG1 . VAL A 1 241 ? -21.411 2.609   -14.215 1.00 8.32  ? 749 VAL A CG1 1 
ATOM   1532 C CG2 . VAL A 1 241 ? -18.985 3.050   -13.531 1.00 8.02  ? 749 VAL A CG2 1 
ATOM   1533 N N   . LYS A 1 242 ? -22.417 0.038   -12.822 1.00 11.45 ? 750 LYS A N   1 
ATOM   1534 C CA  . LYS A 1 242 ? -23.668 -0.649  -13.262 1.00 12.01 ? 750 LYS A CA  1 
ATOM   1535 C C   . LYS A 1 242 ? -24.834 0.287   -13.578 1.00 11.74 ? 750 LYS A C   1 
ATOM   1536 O O   . LYS A 1 242 ? -25.315 1.012   -12.719 1.00 10.46 ? 750 LYS A O   1 
ATOM   1537 C CB  . LYS A 1 242 ? -24.134 -1.687  -12.236 1.00 13.44 ? 750 LYS A CB  1 
ATOM   1538 C CG  . LYS A 1 242 ? -23.628 -3.071  -12.608 1.00 15.67 ? 750 LYS A CG  1 
ATOM   1539 C CD  . LYS A 1 242 ? -24.243 -4.212  -11.808 1.00 17.04 ? 750 LYS A CD  1 
ATOM   1540 C CE  . LYS A 1 242 ? -23.331 -5.416  -11.939 1.00 17.67 ? 750 LYS A CE  1 
ATOM   1541 N NZ  . LYS A 1 242 ? -23.865 -6.678  -11.371 1.00 19.33 ? 750 LYS A NZ  1 
ATOM   1542 N N   . ASN A 1 243 ? -25.272 0.238   -14.834 1.00 11.74 ? 751 ASN A N   1 
ATOM   1543 C CA  . ASN A 1 243 ? -26.389 1.038   -15.318 1.00 12.41 ? 751 ASN A CA  1 
ATOM   1544 C C   . ASN A 1 243 ? -27.763 0.341   -15.481 1.00 12.37 ? 751 ASN A C   1 
ATOM   1545 O O   . ASN A 1 243 ? -27.965 -0.413  -16.456 1.00 12.44 ? 751 ASN A O   1 
ATOM   1546 C CB  . ASN A 1 243 ? -25.970 1.556   -16.682 1.00 12.87 ? 751 ASN A CB  1 
ATOM   1547 C CG  . ASN A 1 243 ? -26.937 2.534   -17.245 1.00 13.39 ? 751 ASN A CG  1 
ATOM   1548 O OD1 . ASN A 1 243 ? -27.678 3.181   -16.515 1.00 14.12 ? 751 ASN A OD1 1 
ATOM   1549 N ND2 . ASN A 1 243 ? -26.936 2.663   -18.562 1.00 14.24 ? 751 ASN A ND2 1 
ATOM   1550 N N   . PHE A 1 244 ? -28.714 0.616   -14.586 1.00 11.92 ? 752 PHE A N   1 
ATOM   1551 C CA  . PHE A 1 244 ? -30.131 0.181   -14.780 1.00 11.90 ? 752 PHE A CA  1 
ATOM   1552 C C   . PHE A 1 244 ? -31.121 1.315   -15.047 1.00 11.22 ? 752 PHE A C   1 
ATOM   1553 O O   . PHE A 1 244 ? -32.351 1.151   -14.907 1.00 11.11 ? 752 PHE A O   1 
ATOM   1554 C CB  . PHE A 1 244 ? -30.650 -0.606  -13.583 1.00 12.54 ? 752 PHE A CB  1 
ATOM   1555 C CG  . PHE A 1 244 ? -29.779 -1.745  -13.184 1.00 13.34 ? 752 PHE A CG  1 
ATOM   1556 C CD1 . PHE A 1 244 ? -29.726 -2.872  -13.955 1.00 14.09 ? 752 PHE A CD1 1 
ATOM   1557 C CD2 . PHE A 1 244 ? -29.073 -1.711  -11.994 1.00 14.52 ? 752 PHE A CD2 1 
ATOM   1558 C CE1 . PHE A 1 244 ? -28.944 -3.949  -13.577 1.00 14.25 ? 752 PHE A CE1 1 
ATOM   1559 C CE2 . PHE A 1 244 ? -28.274 -2.786  -11.603 1.00 14.81 ? 752 PHE A CE2 1 
ATOM   1560 C CZ  . PHE A 1 244 ? -28.220 -3.910  -12.397 1.00 14.44 ? 752 PHE A CZ  1 
ATOM   1561 N N   . VAL A 1 245 ? -30.612 2.434   -15.526 1.00 10.70 ? 753 VAL A N   1 
ATOM   1562 C CA  . VAL A 1 245 ? -31.501 3.550   -15.862 1.00 10.27 ? 753 VAL A CA  1 
ATOM   1563 C C   . VAL A 1 245 ? -32.534 3.159   -16.981 1.00 9.82  ? 753 VAL A C   1 
ATOM   1564 O O   . VAL A 1 245 ? -32.171 2.526   -17.949 1.00 9.53  ? 753 VAL A O   1 
ATOM   1565 C CB  . VAL A 1 245 ? -30.680 4.821   -16.166 1.00 9.94  ? 753 VAL A CB  1 
ATOM   1566 C CG1 . VAL A 1 245 ? -31.625 5.975   -16.487 1.00 10.03 ? 753 VAL A CG1 1 
ATOM   1567 C CG2 . VAL A 1 245 ? -29.803 5.190   -14.952 1.00 9.78  ? 753 VAL A CG2 1 
ATOM   1568 N N   . VAL A 1 246 ? -33.809 3.554   -16.851 1.00 9.83  ? 754 VAL A N   1 
ATOM   1569 C CA  . VAL A 1 246 ? -34.843 3.230   -17.878 1.00 10.06 ? 754 VAL A CA  1 
ATOM   1570 C C   . VAL A 1 246 ? -35.193 4.454   -18.657 1.00 9.98  ? 754 VAL A C   1 
ATOM   1571 O O   . VAL A 1 246 ? -35.363 5.510   -18.076 1.00 9.94  ? 754 VAL A O   1 
ATOM   1572 C CB  . VAL A 1 246 ? -36.156 2.594   -17.277 1.00 10.66 ? 754 VAL A CB  1 
ATOM   1573 C CG1 . VAL A 1 246 ? -36.597 3.270   -15.996 1.00 10.53 ? 754 VAL A CG1 1 
ATOM   1574 C CG2 . VAL A 1 246 ? -37.335 2.571   -18.248 1.00 10.75 ? 754 VAL A CG2 1 
ATOM   1575 N N   . LEU A 1 247 ? -35.375 4.312   -19.969 1.00 10.17 ? 755 LEU A N   1 
ATOM   1576 C CA  . LEU A 1 247 ? -35.708 5.459   -20.797 1.00 10.38 ? 755 LEU A CA  1 
ATOM   1577 C C   . LEU A 1 247 ? -37.197 5.608   -20.958 1.00 10.56 ? 755 LEU A C   1 
ATOM   1578 O O   . LEU A 1 247 ? -37.931 4.651   -21.073 1.00 11.47 ? 755 LEU A O   1 
ATOM   1579 C CB  . LEU A 1 247 ? -35.023 5.355   -22.152 1.00 10.81 ? 755 LEU A CB  1 
ATOM   1580 C CG  . LEU A 1 247 ? -33.576 4.844   -22.152 1.00 10.61 ? 755 LEU A CG  1 
ATOM   1581 C CD1 . LEU A 1 247 ? -33.041 4.833   -23.570 1.00 10.94 ? 755 LEU A CD1 1 
ATOM   1582 C CD2 . LEU A 1 247 ? -32.665 5.686   -21.296 1.00 10.61 ? 755 LEU A CD2 1 
ATOM   1583 N N   . LEU A 1 248 ? -37.670 6.830   -20.977 1.00 10.76 ? 756 LEU A N   1 
ATOM   1584 C CA  . LEU A 1 248 ? -39.071 7.066   -21.077 1.00 10.61 ? 756 LEU A CA  1 
ATOM   1585 C C   . LEU A 1 248 ? -39.313 7.366   -22.556 1.00 11.40 ? 756 LEU A C   1 
ATOM   1586 O O   . LEU A 1 248 ? -38.469 7.987   -23.186 1.00 11.79 ? 756 LEU A O   1 
ATOM   1587 C CB  . LEU A 1 248 ? -39.465 8.228   -20.160 1.00 10.07 ? 756 LEU A CB  1 
ATOM   1588 C CG  . LEU A 1 248 ? -39.313 7.902   -18.671 1.00 9.63  ? 756 LEU A CG  1 
ATOM   1589 C CD1 . LEU A 1 248 ? -39.494 9.120   -17.772 1.00 9.08  ? 756 LEU A CD1 1 
ATOM   1590 C CD2 . LEU A 1 248 ? -40.304 6.806   -18.281 1.00 9.59  ? 756 LEU A CD2 1 
ATOM   1591 N N   . PRO A 1 249 ? -40.415 6.865   -23.140 1.00 12.62 ? 757 PRO A N   1 
ATOM   1592 C CA  . PRO A 1 249 ? -40.529 7.226   -24.551 1.00 13.45 ? 757 PRO A CA  1 
ATOM   1593 C C   . PRO A 1 249 ? -41.231 8.564   -24.647 1.00 14.54 ? 757 PRO A C   1 
ATOM   1594 O O   . PRO A 1 249 ? -41.943 8.979   -23.737 1.00 15.70 ? 757 PRO A O   1 
ATOM   1595 C CB  . PRO A 1 249 ? -41.359 6.116   -25.128 1.00 13.47 ? 757 PRO A CB  1 
ATOM   1596 C CG  . PRO A 1 249 ? -42.274 5.717   -24.024 1.00 13.14 ? 757 PRO A CG  1 
ATOM   1597 C CD  . PRO A 1 249 ? -41.493 5.944   -22.734 1.00 12.86 ? 757 PRO A CD  1 
HETATM 1598 S S   . SO4 B 2 .   ? 21.043  1.099   -1.563  1.00 25.11 ? 801 SO4 A S   1 
HETATM 1599 O O1  . SO4 B 2 .   ? 19.977  0.617   -2.444  1.00 25.74 ? 801 SO4 A O1  1 
HETATM 1600 O O2  . SO4 B 2 .   ? 20.424  2.156   -0.735  1.00 25.47 ? 801 SO4 A O2  1 
HETATM 1601 O O3  . SO4 B 2 .   ? 21.676  -0.001  -0.738  1.00 23.76 ? 801 SO4 A O3  1 
HETATM 1602 O O4  . SO4 B 2 .   ? 22.138  1.616   -2.397  1.00 28.02 ? 801 SO4 A O4  1 
HETATM 1603 S S   . SO4 C 2 .   ? -18.020 11.135  5.860   1.00 71.36 ? 802 SO4 A S   1 
HETATM 1604 O O1  . SO4 C 2 .   ? -18.862 11.238  4.647   1.00 71.90 ? 802 SO4 A O1  1 
HETATM 1605 O O2  . SO4 C 2 .   ? -17.797 12.490  6.398   1.00 72.45 ? 802 SO4 A O2  1 
HETATM 1606 O O3  . SO4 C 2 .   ? -18.705 10.334  6.906   1.00 69.05 ? 802 SO4 A O3  1 
HETATM 1607 O O4  . SO4 C 2 .   ? -16.720 10.528  5.494   1.00 71.05 ? 802 SO4 A O4  1 
HETATM 1608 O O   . HOH D 3 .   ? -10.500 12.010  -7.535  1.00 27.61 ? 901 HOH A O   1 
HETATM 1609 O O   . HOH D 3 .   ? 35.302  0.150   13.488  1.00 25.97 ? 902 HOH A O   1 
HETATM 1610 O O   . HOH D 3 .   ? 5.401   -0.103  18.390  1.00 59.47 ? 903 HOH A O   1 
HETATM 1611 O O   . HOH D 3 .   ? -6.425  -6.708  5.844   1.00 11.21 ? 904 HOH A O   1 
HETATM 1612 O O   . HOH D 3 .   ? 7.904   -7.471  1.056   1.00 3.02  ? 905 HOH A O   1 
HETATM 1613 O O   . HOH D 3 .   ? 30.745  1.688   9.475   1.00 21.77 ? 906 HOH A O   1 
HETATM 1614 O O   . HOH D 3 .   ? 7.978   -11.852 -1.003  1.00 10.15 ? 907 HOH A O   1 
HETATM 1615 O O   . HOH D 3 .   ? 48.984  -5.195  -1.693  1.00 8.78  ? 908 HOH A O   1 
HETATM 1616 O O   . HOH D 3 .   ? 10.976  -12.467 9.515   1.00 13.98 ? 909 HOH A O   1 
HETATM 1617 O O   . HOH D 3 .   ? -17.818 17.534  -17.239 1.00 25.97 ? 910 HOH A O   1 
HETATM 1618 O O   . HOH D 3 .   ? -22.146 12.715  2.312   1.00 24.03 ? 911 HOH A O   1 
HETATM 1619 O O   . HOH D 3 .   ? 40.571  -9.405  18.008  1.00 22.89 ? 912 HOH A O   1 
HETATM 1620 O O   . HOH D 3 .   ? 21.517  -17.651 6.506   1.00 18.22 ? 913 HOH A O   1 
HETATM 1621 O O   . HOH D 3 .   ? -11.737 -3.177  -0.904  1.00 24.62 ? 914 HOH A O   1 
HETATM 1622 O O   . HOH D 3 .   ? -24.804 13.445  2.833   1.00 36.80 ? 915 HOH A O   1 
HETATM 1623 O O   . HOH D 3 .   ? -10.326 6.835   -11.200 1.00 20.88 ? 916 HOH A O   1 
HETATM 1624 O O   . HOH D 3 .   ? 32.441  -17.013 14.818  1.00 38.62 ? 917 HOH A O   1 
HETATM 1625 O O   . HOH D 3 .   ? 13.126  -8.343  11.013  1.00 17.47 ? 918 HOH A O   1 
HETATM 1626 O O   . HOH D 3 .   ? -13.300 15.330  2.969   1.00 35.33 ? 919 HOH A O   1 
HETATM 1627 O O   . HOH D 3 .   ? 35.595  -17.746 7.840   1.00 8.55  ? 920 HOH A O   1 
HETATM 1628 O O   . HOH D 3 .   ? -12.680 -7.341  8.983   1.00 20.93 ? 921 HOH A O   1 
HETATM 1629 O O   . HOH D 3 .   ? -30.013 12.101  -10.121 1.00 6.85  ? 922 HOH A O   1 
HETATM 1630 O O   . HOH D 3 .   ? -23.219 1.755   -24.281 1.00 25.87 ? 923 HOH A O   1 
HETATM 1631 O O   . HOH D 3 .   ? 34.017  -0.395  9.811   1.00 12.40 ? 924 HOH A O   1 
HETATM 1632 O O   . HOH D 3 .   ? 9.728   -5.790  0.137   1.00 8.14  ? 925 HOH A O   1 
HETATM 1633 O O   . HOH D 3 .   ? 38.140  -1.052  13.499  1.00 8.87  ? 926 HOH A O   1 
HETATM 1634 O O   . HOH D 3 .   ? 19.342  -10.661 -3.438  1.00 25.28 ? 927 HOH A O   1 
HETATM 1635 O O   . HOH D 3 .   ? -32.647 11.681  -14.962 1.00 2.68  ? 928 HOH A O   1 
HETATM 1636 O O   . HOH D 3 .   ? 31.922  -15.057 11.589  1.00 18.24 ? 929 HOH A O   1 
HETATM 1637 O O   . HOH D 3 .   ? -7.600  -3.422  14.407  1.00 11.59 ? 930 HOH A O   1 
HETATM 1638 O O   . HOH D 3 .   ? 13.407  -11.545 -3.566  1.00 23.78 ? 931 HOH A O   1 
HETATM 1639 O O   . HOH D 3 .   ? 15.922  -8.141  -0.522  1.00 9.35  ? 932 HOH A O   1 
HETATM 1640 O O   . HOH D 3 .   ? -11.400 7.251   -16.650 1.00 18.66 ? 933 HOH A O   1 
HETATM 1641 O O   . HOH D 3 .   ? 12.773  -17.964 4.112   1.00 25.64 ? 934 HOH A O   1 
HETATM 1642 O O   . HOH D 3 .   ? 29.796  -20.343 3.390   1.00 22.40 ? 935 HOH A O   1 
HETATM 1643 O O   . HOH D 3 .   ? 4.128   -6.548  -1.335  1.00 11.53 ? 936 HOH A O   1 
HETATM 1644 O O   . HOH D 3 .   ? -7.612  -4.228  0.159   1.00 30.93 ? 937 HOH A O   1 
HETATM 1645 O O   . HOH D 3 .   ? 28.476  -18.594 6.331   1.00 11.78 ? 938 HOH A O   1 
HETATM 1646 O O   . HOH D 3 .   ? 31.124  -4.094  15.622  1.00 7.54  ? 939 HOH A O   1 
HETATM 1647 O O   . HOH D 3 .   ? 45.742  -9.359  1.004   1.00 20.30 ? 940 HOH A O   1 
HETATM 1648 O O   . HOH D 3 .   ? -28.392 3.136   -7.612  1.00 4.65  ? 941 HOH A O   1 
HETATM 1649 O O   . HOH D 3 .   ? 22.778  -10.293 15.842  1.00 7.87  ? 942 HOH A O   1 
HETATM 1650 O O   . HOH D 3 .   ? 17.837  -5.844  0.355   1.00 3.80  ? 943 HOH A O   1 
HETATM 1651 O O   . HOH D 3 .   ? 51.014  -11.312 0.647   1.00 10.76 ? 944 HOH A O   1 
HETATM 1652 O O   . HOH D 3 .   ? 20.265  -12.979 12.683  1.00 22.28 ? 945 HOH A O   1 
HETATM 1653 O O   . HOH D 3 .   ? -12.791 -0.985  5.005   1.00 20.39 ? 946 HOH A O   1 
HETATM 1654 O O   . HOH D 3 .   ? 38.995  -10.599 15.613  1.00 16.33 ? 947 HOH A O   1 
HETATM 1655 O O   . HOH D 3 .   ? -24.407 -1.791  -16.843 1.00 8.93  ? 948 HOH A O   1 
HETATM 1656 O O   . HOH D 3 .   ? -6.806  2.203   -2.818  1.00 11.36 ? 949 HOH A O   1 
HETATM 1657 O O   . HOH D 3 .   ? 22.340  -3.662  17.500  1.00 13.20 ? 950 HOH A O   1 
HETATM 1658 O O   . HOH D 3 .   ? 9.205   5.676   11.348  1.00 24.45 ? 951 HOH A O   1 
HETATM 1659 O O   . HOH D 3 .   ? 8.995   -13.741 5.100   1.00 9.54  ? 952 HOH A O   1 
HETATM 1660 O O   . HOH D 3 .   ? -24.461 18.789  -7.745  1.00 14.96 ? 953 HOH A O   1 
HETATM 1661 O O   . HOH D 3 .   ? -22.038 9.860   0.799   1.00 17.98 ? 954 HOH A O   1 
HETATM 1662 O O   . HOH D 3 .   ? 3.907   -5.006  11.653  1.00 16.85 ? 955 HOH A O   1 
HETATM 1663 O O   . HOH D 3 .   ? 34.466  -5.205  -3.260  1.00 31.15 ? 956 HOH A O   1 
HETATM 1664 O O   . HOH D 3 .   ? -23.494 14.622  -3.067  1.00 14.30 ? 957 HOH A O   1 
HETATM 1665 O O   . HOH D 3 .   ? 28.744  -8.361  -5.557  1.00 24.32 ? 958 HOH A O   1 
HETATM 1666 O O   . HOH D 3 .   ? 2.903   6.509   -4.881  1.00 20.26 ? 959 HOH A O   1 
HETATM 1667 O O   . HOH D 3 .   ? 23.918  -2.764  0.330   1.00 14.88 ? 960 HOH A O   1 
HETATM 1668 O O   . HOH D 3 .   ? -1.510  -2.142  -0.917  1.00 2.73  ? 961 HOH A O   1 
HETATM 1669 O O   . HOH D 3 .   ? 23.889  -12.422 14.156  1.00 30.12 ? 962 HOH A O   1 
HETATM 1670 O O   . HOH D 3 .   ? 7.774   -14.746 7.349   1.00 21.92 ? 963 HOH A O   1 
HETATM 1671 O O   . HOH D 3 .   ? 6.167   7.953   5.178   1.00 21.37 ? 964 HOH A O   1 
HETATM 1672 O O   . HOH D 3 .   ? 5.821   -14.298 5.129   1.00 13.82 ? 965 HOH A O   1 
HETATM 1673 O O   . HOH D 3 .   ? 6.744   -8.524  -1.307  1.00 11.15 ? 966 HOH A O   1 
HETATM 1674 O O   . HOH D 3 .   ? 10.557  4.045   9.963   1.00 15.14 ? 967 HOH A O   1 
HETATM 1675 O O   . HOH D 3 .   ? 10.316  -16.866 8.359   1.00 23.97 ? 968 HOH A O   1 
HETATM 1676 O O   . HOH D 3 .   ? 12.589  2.825   10.020  1.00 8.73  ? 969 HOH A O   1 
HETATM 1677 O O   . HOH D 3 .   ? -1.989  -11.116 6.534   1.00 2.00  ? 970 HOH A O   1 
HETATM 1678 O O   . HOH D 3 .   ? 37.142  -13.417 3.659   1.00 2.32  ? 971 HOH A O   1 
HETATM 1679 O O   . HOH D 3 .   ? 33.640  -11.110 -0.344  1.00 4.53  ? 972 HOH A O   1 
HETATM 1680 O O   . HOH D 3 .   ? -1.779  -10.224 3.839   1.00 2.00  ? 973 HOH A O   1 
HETATM 1681 O O   . HOH D 3 .   ? 26.407  -1.468  -0.425  1.00 26.44 ? 974 HOH A O   1 
HETATM 1682 O O   . HOH D 3 .   ? 31.864  -4.861  19.703  1.00 18.09 ? 975 HOH A O   1 
HETATM 1683 O O   . HOH D 3 .   ? -29.205 15.147  -24.018 1.00 16.54 ? 976 HOH A O   1 
HETATM 1684 O O   . HOH D 3 .   ? -27.592 14.575  -26.084 1.00 15.41 ? 977 HOH A O   1 
HETATM 1685 O O   . HOH D 3 .   ? -28.164 12.163  -25.748 1.00 4.99  ? 978 HOH A O   1 
HETATM 1686 O O   . HOH D 3 .   ? -18.518 -2.249  -14.952 1.00 19.34 ? 979 HOH A O   1 
HETATM 1687 O O   . HOH D 3 .   ? 18.905  0.747   4.647   1.00 10.96 ? 980 HOH A O   1 
HETATM 1688 O O   . HOH D 3 .   ? -22.266 -0.515  -5.275  1.00 24.38 ? 981 HOH A O   1 
# 
